data_6FPW
#
_entry.id   6FPW
#
_cell.length_a   93.835
_cell.length_b   97.729
_cell.length_c   182.911
_cell.angle_alpha   90.00
_cell.angle_beta   90.00
_cell.angle_gamma   90.00
#
_symmetry.space_group_name_H-M   'P 21 21 21'
#
loop_
_entity.id
_entity.type
_entity.pdbx_description
1 polymer 'Hydrogenase-1 small chain'
2 polymer 'Hydrogenase-1 large chain'
3 non-polymer 'IRON/SULFUR CLUSTER'
4 non-polymer 'FE3-S4 CLUSTER'
5 non-polymer 'FE4-S3 CLUSTER'
6 non-polymer DODECYL-BETA-D-MALTOSIDE
7 non-polymer 'CHLORIDE ION'
8 non-polymer 'NI-FE REDUCED ACTIVE CENTER'
9 non-polymer 'MAGNESIUM ION'
10 non-polymer 'SULFATE ION'
11 water water
#
loop_
_entity_poly.entity_id
_entity_poly.type
_entity_poly.pdbx_seq_one_letter_code
_entity_poly.pdbx_strand_id
1 'polypeptide(L)'
;LENKPRIPVVWIHGLECTCCTESFIRSAHPLAKDVILSLISLDYDDTLMAAAGTQAEEVFEDIITQYNGKYILAVEGNPP
LGEQGMFCISSGRPFIEKLKRAAAGASAIIAWGTCASWGCVQAARPNPTQATPIDKVITDKPIIKVPGCPPIPDVMSAII
TYMVTFDRLPDVDRMGRPLMFYGQRIHDKCYRRAHFDAGEFVQSWDDDAARKGYCLYKMGCKGPTTYNACSSTRWNDGVS
FPIQSGHGCLGCAENGFWDRGSFYSRVVDIPQMGTHSTADTVGLTALGVVAAAVGVHAVASAVDQRRRHNQQPTETEHQP
GNEDKQARSHHHHHH
;
S,T
2 'polypeptide(L)'
;MSTQYETQGYTINNAGRRLVVDPITRIEGHMRCEVNINDQNVITNAVSCGTMFRGLEIILQGRDPRDAWAFVERICGVCT
GVHALASVYAIEDAIGIKVPDNANIIRNIMLATLWCHDHLVHFYQLAGMDWIDVLDALKADPRKTSELAQSLSSWPKSSP
GYFFDVQNRLKKFVEGGQLGIFRNGYWGHPQYKLPPEANLMGFAHYLEALDFQREIVKIHAVFGGKNPHPNWIVGGMPCA
INIDESGAVGAVNMERLNLVQSIITRTADFINNVMIPDALAIGQFNKPWSEIGTGLSDKCVLSYGAFPDIANDFGEKSLL
MPGGAVINGDFNNVLPVDLVDPQQVQEFVDHAWYRYPNDQVGRHPFDGITDPWYNPGDVKGSDTNIQQLNEQERYSWIKA
PRWRGNAMEVGPLARTLIAYHKGDAATVESVDRMMSALNLPLSGIQSTLGRILCRAHEAQWAAGKLQYFFDKLMTNLKNG
NLATASTEKWEPATWPTECRGVGFTEAPRGALGHWAAIRDGKIDLYQCVVPTTWNASPRDPKGQIGAYEAALMNTKMAIP
EQPLEILRTLHSFDPCLACSTH
;
L,M
#
loop_
_chem_comp.id
_chem_comp.type
_chem_comp.name
_chem_comp.formula
CL non-polymer 'CHLORIDE ION' 'Cl -1'
EJ2 non-polymer 'NI-FE REDUCED ACTIVE CENTER' 'C3 H Fe N2 Ni O 1'
F3S non-polymer 'FE3-S4 CLUSTER' 'Fe3 S4'
LMT D-saccharide DODECYL-BETA-D-MALTOSIDE 'C24 H46 O11'
MG non-polymer 'MAGNESIUM ION' 'Mg 2'
SF3 non-polymer 'FE4-S3 CLUSTER' 'Fe4 S3'
SF4 non-polymer 'IRON/SULFUR CLUSTER' 'Fe4 S4'
SO4 non-polymer 'SULFATE ION' 'O4 S -2'
#
# COMPACT_ATOMS: atom_id res chain seq x y z
N LYS A 4 20.58 3.25 21.86
CA LYS A 4 19.65 3.71 22.96
C LYS A 4 18.69 2.56 23.32
N PRO A 5 18.59 2.20 24.63
CA PRO A 5 17.67 1.09 24.96
C PRO A 5 16.21 1.38 24.61
N ARG A 6 15.51 0.31 24.25
CA ARG A 6 14.08 0.39 23.91
C ARG A 6 13.26 0.00 25.11
N ILE A 7 12.07 0.57 25.20
CA ILE A 7 11.20 0.31 26.36
C ILE A 7 10.76 -1.16 26.42
N PRO A 8 10.95 -1.80 27.57
CA PRO A 8 10.55 -3.21 27.68
C PRO A 8 9.04 -3.38 27.72
N VAL A 9 8.58 -4.35 26.96
CA VAL A 9 7.19 -4.70 26.89
C VAL A 9 7.02 -6.20 27.18
N VAL A 10 6.07 -6.51 28.07
CA VAL A 10 5.70 -7.88 28.38
C VAL A 10 4.27 -8.03 27.87
N TRP A 11 4.03 -8.99 26.97
CA TRP A 11 2.70 -9.24 26.38
C TRP A 11 2.18 -10.61 26.86
N ILE A 12 1.14 -10.59 27.63
CA ILE A 12 0.56 -11.83 28.14
C ILE A 12 -0.82 -12.08 27.52
N HIS A 13 -1.27 -13.33 27.62
CA HIS A 13 -2.43 -13.82 26.91
C HIS A 13 -3.29 -14.63 27.87
N GLY A 14 -4.51 -14.17 28.09
CA GLY A 14 -5.50 -14.93 28.87
C GLY A 14 -6.39 -15.75 27.98
N LEU A 15 -7.68 -15.85 28.33
CA LEU A 15 -8.66 -16.39 27.43
C LEU A 15 -8.84 -15.43 26.28
N GLU A 16 -8.70 -15.95 25.06
CA GLU A 16 -8.54 -15.11 23.85
CA GLU A 16 -8.57 -15.12 23.86
C GLU A 16 -8.74 -15.97 22.62
N CYS A 17 -8.84 -15.27 21.48
CA CYS A 17 -8.76 -15.95 20.21
C CYS A 17 -7.50 -15.61 19.43
N THR A 18 -6.69 -14.68 19.94
CA THR A 18 -5.45 -14.20 19.31
C THR A 18 -5.71 -13.22 18.20
N CYS A 19 -6.95 -12.71 18.09
CA CYS A 19 -7.21 -11.66 17.08
C CYS A 19 -6.44 -10.37 17.29
N CYS A 20 -6.11 -10.07 18.56
CA CYS A 20 -5.43 -8.81 18.84
C CYS A 20 -3.96 -8.87 18.47
N THR A 21 -3.29 -9.99 18.73
CA THR A 21 -1.94 -10.19 18.19
C THR A 21 -1.89 -10.16 16.68
N GLU A 22 -2.88 -10.85 16.09
CA GLU A 22 -2.93 -10.88 14.62
C GLU A 22 -3.14 -9.46 14.07
N SER A 23 -4.02 -8.68 14.70
CA SER A 23 -4.20 -7.31 14.26
C SER A 23 -2.90 -6.51 14.34
N PHE A 24 -2.23 -6.62 15.45
CA PHE A 24 -0.98 -5.93 15.66
C PHE A 24 -0.01 -6.21 14.52
N ILE A 25 0.14 -7.46 14.11
CA ILE A 25 1.13 -7.76 13.07
C ILE A 25 0.69 -7.30 11.69
N ARG A 26 -0.59 -6.92 11.53
CA ARG A 26 -1.03 -6.30 10.28
C ARG A 26 -0.62 -4.86 10.08
N SER A 27 -0.07 -4.23 11.09
CA SER A 27 0.22 -2.79 10.99
C SER A 27 1.04 -2.45 9.74
N ALA A 28 0.59 -1.43 9.06
CA ALA A 28 1.23 -1.00 7.79
C ALA A 28 2.24 0.12 8.02
N HIS A 29 2.05 0.89 9.07
CA HIS A 29 2.89 2.09 9.28
C HIS A 29 2.80 2.49 10.75
N PRO A 30 3.79 2.16 11.57
CA PRO A 30 5.00 1.44 11.24
C PRO A 30 4.68 -0.05 11.07
N LEU A 31 5.50 -0.73 10.28
CA LEU A 31 5.42 -2.19 10.17
C LEU A 31 5.65 -2.77 11.55
N ALA A 32 4.96 -3.86 11.87
CA ALA A 32 5.20 -4.58 13.12
C ALA A 32 6.68 -4.98 13.28
N LYS A 33 7.31 -5.36 12.20
CA LYS A 33 8.75 -5.60 12.16
C LYS A 33 9.51 -4.46 12.75
N ASP A 34 9.22 -3.24 12.32
CA ASP A 34 9.98 -2.08 12.80
C ASP A 34 9.60 -1.67 14.21
N VAL A 35 8.34 -1.97 14.64
CA VAL A 35 7.99 -1.77 16.05
C VAL A 35 8.88 -2.67 16.94
N ILE A 36 8.97 -3.93 16.56
CA ILE A 36 9.70 -4.95 17.32
C ILE A 36 11.21 -4.69 17.27
N LEU A 37 11.73 -4.27 16.11
CA LEU A 37 13.18 -4.15 15.99
C LEU A 37 13.70 -2.82 16.51
N SER A 38 12.90 -1.78 16.37
CA SER A 38 13.33 -0.39 16.64
C SER A 38 12.64 0.44 17.70
N LEU A 39 11.37 0.17 17.99
CA LEU A 39 10.61 1.06 18.86
CA LEU A 39 10.55 1.03 18.83
C LEU A 39 10.44 0.55 20.30
N ILE A 40 10.25 -0.75 20.47
CA ILE A 40 10.05 -1.34 21.78
C ILE A 40 10.99 -2.52 21.89
N SER A 41 11.11 -3.07 23.09
CA SER A 41 11.71 -4.38 23.29
C SER A 41 10.62 -5.33 23.73
N LEU A 42 10.14 -6.14 22.80
CA LEU A 42 9.09 -7.10 23.05
C LEU A 42 9.75 -8.32 23.69
N ASP A 43 9.77 -8.30 25.01
CA ASP A 43 10.64 -9.19 25.80
C ASP A 43 9.99 -10.45 26.23
N TYR A 44 8.66 -10.55 26.13
CA TYR A 44 7.96 -11.76 26.44
C TYR A 44 6.66 -11.72 25.63
N ASP A 45 6.36 -12.83 24.94
CA ASP A 45 5.12 -12.93 24.13
C ASP A 45 5.02 -14.40 23.69
N ASP A 46 4.12 -15.15 24.29
CA ASP A 46 4.02 -16.59 24.01
C ASP A 46 3.83 -16.92 22.53
N THR A 47 3.11 -16.10 21.81
CA THR A 47 2.77 -16.42 20.40
C THR A 47 3.97 -16.33 19.47
N LEU A 48 4.96 -15.48 19.81
CA LEU A 48 6.10 -15.21 18.93
C LEU A 48 7.46 -15.60 19.42
N MET A 49 7.62 -15.87 20.71
CA MET A 49 8.96 -16.02 21.27
C MET A 49 9.60 -17.43 20.99
N ALA A 50 10.94 -17.43 20.89
CA ALA A 50 11.64 -18.65 20.64
C ALA A 50 11.55 -19.65 21.77
N ALA A 51 11.80 -19.15 22.97
CA ALA A 51 11.82 -20.02 24.16
C ALA A 51 10.41 -20.56 24.48
N ALA A 52 10.37 -21.79 25.02
CA ALA A 52 9.15 -22.40 25.52
C ALA A 52 9.37 -22.88 26.92
N GLY A 53 8.29 -23.26 27.57
CA GLY A 53 8.37 -23.93 28.87
C GLY A 53 9.21 -23.26 29.91
N THR A 54 10.13 -24.02 30.50
CA THR A 54 10.94 -23.46 31.55
C THR A 54 11.82 -22.34 31.06
N GLN A 55 12.29 -22.41 29.81
CA GLN A 55 13.06 -21.34 29.25
C GLN A 55 12.24 -20.05 29.11
N ALA A 56 10.98 -20.19 28.65
CA ALA A 56 10.10 -19.03 28.56
C ALA A 56 9.81 -18.43 29.91
N GLU A 57 9.58 -19.28 30.90
CA GLU A 57 9.28 -18.76 32.23
C GLU A 57 10.47 -18.11 32.90
N GLU A 58 11.69 -18.53 32.57
CA GLU A 58 12.89 -17.84 33.03
C GLU A 58 12.97 -16.43 32.43
N VAL A 59 12.55 -16.27 31.17
CA VAL A 59 12.52 -14.95 30.55
C VAL A 59 11.52 -14.09 31.31
N PHE A 60 10.32 -14.60 31.52
CA PHE A 60 9.28 -13.85 32.20
C PHE A 60 9.76 -13.33 33.55
N GLU A 61 10.27 -14.25 34.35
CA GLU A 61 10.73 -13.88 35.69
C GLU A 61 11.90 -12.89 35.66
N ASP A 62 12.85 -13.09 34.77
CA ASP A 62 13.99 -12.19 34.66
C ASP A 62 13.55 -10.78 34.25
N ILE A 63 12.66 -10.67 33.26
CA ILE A 63 12.27 -9.38 32.75
C ILE A 63 11.49 -8.62 33.82
N ILE A 64 10.51 -9.26 34.47
CA ILE A 64 9.72 -8.54 35.41
C ILE A 64 10.53 -8.13 36.66
N THR A 65 11.59 -8.86 36.95
CA THR A 65 12.44 -8.51 38.09
C THR A 65 13.44 -7.42 37.69
N GLN A 66 14.17 -7.61 36.60
CA GLN A 66 15.16 -6.64 36.12
C GLN A 66 14.56 -5.28 35.83
N TYR A 67 13.38 -5.29 35.22
CA TYR A 67 12.71 -4.06 34.83
C TYR A 67 11.51 -3.69 35.70
N ASN A 68 11.48 -4.17 36.93
CA ASN A 68 10.43 -3.84 37.86
C ASN A 68 10.20 -2.33 37.88
N GLY A 69 8.96 -1.94 37.70
CA GLY A 69 8.52 -0.56 37.65
C GLY A 69 8.72 0.17 36.36
N LYS A 70 9.32 -0.47 35.38
CA LYS A 70 9.75 0.18 34.12
C LYS A 70 9.24 -0.45 32.81
N TYR A 71 8.56 -1.58 32.89
CA TYR A 71 8.05 -2.21 31.68
C TYR A 71 6.59 -1.88 31.51
N ILE A 72 6.15 -1.93 30.26
CA ILE A 72 4.74 -1.83 29.93
C ILE A 72 4.20 -3.26 29.85
N LEU A 73 3.03 -3.49 30.43
CA LEU A 73 2.35 -4.77 30.31
C LEU A 73 1.25 -4.61 29.28
N ALA A 74 1.33 -5.38 28.21
CA ALA A 74 0.23 -5.53 27.24
C ALA A 74 -0.52 -6.81 27.58
N VAL A 75 -1.84 -6.70 27.63
CA VAL A 75 -2.68 -7.84 27.94
C VAL A 75 -3.66 -8.06 26.79
N GLU A 76 -3.64 -9.28 26.28
CA GLU A 76 -4.63 -9.75 25.33
C GLU A 76 -5.45 -10.81 26.06
N GLY A 77 -6.75 -10.87 25.76
CA GLY A 77 -7.59 -11.81 26.46
C GLY A 77 -7.90 -11.37 27.87
N ASN A 78 -8.48 -12.29 28.64
CA ASN A 78 -8.90 -11.97 30.00
C ASN A 78 -8.80 -13.18 30.94
N PRO A 79 -8.83 -12.92 32.26
CA PRO A 79 -8.83 -14.02 33.22
C PRO A 79 -10.24 -14.51 33.52
N PRO A 80 -10.39 -15.83 33.61
CA PRO A 80 -11.65 -16.43 34.07
C PRO A 80 -11.53 -16.64 35.56
N LEU A 81 -12.59 -16.31 36.30
CA LEU A 81 -12.63 -16.56 37.74
C LEU A 81 -13.24 -17.92 38.09
N GLY A 82 -13.93 -18.56 37.16
CA GLY A 82 -14.54 -19.84 37.46
C GLY A 82 -13.53 -20.96 37.63
N GLU A 83 -13.94 -22.04 38.30
CA GLU A 83 -13.09 -23.23 38.56
C GLU A 83 -11.73 -22.82 39.16
N GLN A 84 -11.77 -21.89 40.11
CA GLN A 84 -10.55 -21.39 40.75
C GLN A 84 -9.53 -20.81 39.77
N GLY A 85 -10.04 -20.29 38.65
CA GLY A 85 -9.18 -19.76 37.63
C GLY A 85 -8.62 -20.72 36.64
N MET A 86 -8.94 -22.01 36.77
CA MET A 86 -8.29 -23.05 35.98
C MET A 86 -8.96 -23.32 34.66
N PHE A 87 -9.88 -22.44 34.23
CA PHE A 87 -10.25 -22.38 32.82
C PHE A 87 -9.16 -21.78 31.95
N CYS A 88 -8.12 -21.19 32.55
CA CYS A 88 -6.97 -20.71 31.79
C CYS A 88 -5.71 -20.95 32.65
N ILE A 89 -4.94 -21.96 32.25
CA ILE A 89 -3.83 -22.47 33.06
C ILE A 89 -2.54 -22.06 32.39
N SER A 90 -1.65 -21.45 33.17
CA SER A 90 -0.36 -20.94 32.71
C SER A 90 0.71 -21.52 33.63
N SER A 91 1.60 -22.36 33.08
CA SER A 91 2.65 -23.01 33.87
C SER A 91 2.07 -23.72 35.10
N GLY A 92 0.93 -24.38 34.86
CA GLY A 92 0.29 -25.19 35.90
C GLY A 92 -0.53 -24.49 36.92
N ARG A 93 -0.63 -23.16 36.82
CA ARG A 93 -1.32 -22.35 37.77
C ARG A 93 -2.35 -21.41 37.08
N PRO A 94 -3.30 -20.85 37.84
CA PRO A 94 -4.27 -19.98 37.19
C PRO A 94 -3.64 -18.81 36.49
N PHE A 95 -4.14 -18.48 35.30
CA PHE A 95 -3.65 -17.31 34.57
C PHE A 95 -3.72 -16.07 35.44
N ILE A 96 -4.78 -15.94 36.22
CA ILE A 96 -4.94 -14.73 37.07
C ILE A 96 -3.69 -14.50 37.94
N GLU A 97 -3.00 -15.57 38.36
CA GLU A 97 -1.75 -15.38 39.14
C GLU A 97 -0.64 -14.75 38.34
N LYS A 98 -0.52 -15.15 37.06
CA LYS A 98 0.49 -14.60 36.19
C LYS A 98 0.16 -13.13 35.87
N LEU A 99 -1.11 -12.87 35.59
CA LEU A 99 -1.59 -11.52 35.36
C LEU A 99 -1.21 -10.61 36.54
N LYS A 100 -1.49 -11.05 37.76
CA LYS A 100 -1.21 -10.21 38.96
C LYS A 100 0.27 -9.98 39.17
N ARG A 101 1.09 -11.01 38.92
CA ARG A 101 2.55 -10.88 39.02
C ARG A 101 3.06 -9.87 37.99
N ALA A 102 2.59 -9.98 36.75
CA ALA A 102 3.04 -9.11 35.71
C ALA A 102 2.55 -7.69 35.97
N ALA A 103 1.32 -7.56 36.45
CA ALA A 103 0.76 -6.24 36.69
C ALA A 103 1.50 -5.49 37.78
N ALA A 104 1.96 -6.23 38.78
CA ALA A 104 2.55 -5.59 39.96
C ALA A 104 3.82 -4.80 39.60
N GLY A 105 4.60 -5.30 38.65
CA GLY A 105 5.82 -4.61 38.24
C GLY A 105 5.69 -3.60 37.11
N ALA A 106 4.51 -3.53 36.47
CA ALA A 106 4.35 -2.72 35.27
C ALA A 106 4.20 -1.24 35.66
N SER A 107 4.70 -0.36 34.80
CA SER A 107 4.44 1.05 34.92
C SER A 107 3.06 1.42 34.47
N ALA A 108 2.57 0.68 33.45
CA ALA A 108 1.25 0.88 32.92
C ALA A 108 0.83 -0.35 32.16
N ILE A 109 -0.49 -0.44 31.93
CA ILE A 109 -1.04 -1.59 31.26
C ILE A 109 -1.84 -1.16 30.05
N ILE A 110 -1.63 -1.87 28.93
CA ILE A 110 -2.46 -1.71 27.76
C ILE A 110 -3.40 -2.92 27.69
N ALA A 111 -4.70 -2.66 27.75
CA ALA A 111 -5.72 -3.69 27.62
C ALA A 111 -6.12 -3.72 26.15
N TRP A 112 -5.52 -4.63 25.39
CA TRP A 112 -5.85 -4.74 23.99
C TRP A 112 -7.17 -5.43 23.76
N GLY A 113 -7.98 -4.83 22.91
CA GLY A 113 -9.18 -5.45 22.43
C GLY A 113 -10.34 -5.47 23.40
N THR A 114 -11.47 -5.85 22.87
CA THR A 114 -12.66 -6.00 23.69
C THR A 114 -12.50 -7.06 24.75
N CYS A 115 -11.70 -8.10 24.53
CA CYS A 115 -11.49 -9.08 25.60
C CYS A 115 -10.91 -8.43 26.87
N ALA A 116 -9.78 -7.76 26.71
CA ALA A 116 -9.08 -7.26 27.88
C ALA A 116 -9.84 -6.04 28.44
N SER A 117 -10.49 -5.29 27.56
CA SER A 117 -11.19 -4.10 27.94
C SER A 117 -12.50 -4.35 28.67
N TRP A 118 -13.27 -5.28 28.12
CA TRP A 118 -14.67 -5.48 28.52
C TRP A 118 -15.10 -6.92 28.84
N GLY A 119 -14.57 -7.88 28.11
CA GLY A 119 -14.92 -9.30 28.27
C GLY A 119 -15.03 -10.07 26.97
N CYS A 120 -15.66 -9.43 25.96
CA CYS A 120 -15.81 -10.01 24.66
C CYS A 120 -16.54 -11.34 24.68
N VAL A 121 -16.30 -12.18 23.69
CA VAL A 121 -17.27 -13.24 23.39
C VAL A 121 -17.43 -14.24 24.54
N GLN A 122 -16.34 -14.58 25.23
CA GLN A 122 -16.42 -15.50 26.32
C GLN A 122 -17.23 -14.95 27.50
N ALA A 123 -17.35 -13.62 27.61
CA ALA A 123 -18.16 -12.99 28.64
C ALA A 123 -19.60 -12.80 28.25
N ALA A 124 -19.97 -13.15 27.01
CA ALA A 124 -21.34 -13.06 26.56
C ALA A 124 -22.17 -14.13 27.31
N ARG A 125 -23.49 -13.90 27.38
CA ARG A 125 -24.36 -14.78 28.20
C ARG A 125 -24.19 -16.21 27.75
N PRO A 126 -24.06 -17.16 28.66
CA PRO A 126 -24.17 -17.02 30.12
C PRO A 126 -22.80 -16.91 30.82
N ASN A 127 -21.75 -16.55 30.09
CA ASN A 127 -20.37 -16.41 30.64
C ASN A 127 -19.96 -17.63 31.46
N PRO A 128 -19.83 -18.80 30.80
CA PRO A 128 -19.53 -20.03 31.48
C PRO A 128 -18.31 -19.99 32.37
N THR A 129 -17.27 -19.22 32.01
CA THR A 129 -16.01 -19.23 32.75
C THR A 129 -15.82 -18.09 33.74
N GLN A 130 -16.84 -17.20 33.82
CA GLN A 130 -16.70 -15.98 34.60
C GLN A 130 -15.50 -15.15 34.13
N ALA A 131 -15.38 -15.02 32.81
CA ALA A 131 -14.37 -14.16 32.21
C ALA A 131 -14.60 -12.74 32.60
N THR A 132 -13.53 -12.05 33.00
CA THR A 132 -13.63 -10.78 33.65
C THR A 132 -12.58 -9.85 33.02
N PRO A 133 -12.95 -8.58 32.68
CA PRO A 133 -11.94 -7.68 32.09
C PRO A 133 -10.86 -7.27 33.10
N ILE A 134 -9.73 -6.82 32.58
CA ILE A 134 -8.52 -6.57 33.38
C ILE A 134 -8.78 -5.54 34.46
N ASP A 135 -9.57 -4.50 34.17
CA ASP A 135 -9.74 -3.44 35.15
C ASP A 135 -10.58 -3.79 36.35
N LYS A 136 -11.23 -4.95 36.30
CA LYS A 136 -11.95 -5.45 37.46
C LYS A 136 -11.10 -6.33 38.33
N VAL A 137 -9.90 -6.67 37.86
CA VAL A 137 -8.98 -7.51 38.62
C VAL A 137 -7.78 -6.69 39.14
N ILE A 138 -7.26 -5.84 38.25
CA ILE A 138 -6.12 -5.00 38.53
C ILE A 138 -6.64 -3.59 38.79
N THR A 139 -6.48 -3.12 40.02
CA THR A 139 -7.18 -1.91 40.41
C THR A 139 -6.24 -0.79 40.89
N ASP A 140 -4.92 -0.99 40.78
CA ASP A 140 -3.91 -0.07 41.24
C ASP A 140 -2.84 0.32 40.17
N LYS A 141 -3.20 0.20 38.89
CA LYS A 141 -2.32 0.57 37.83
C LYS A 141 -3.08 1.34 36.73
N PRO A 142 -2.38 2.23 36.01
CA PRO A 142 -2.99 2.86 34.84
C PRO A 142 -3.29 1.78 33.78
N ILE A 143 -4.53 1.73 33.30
CA ILE A 143 -4.94 0.81 32.25
C ILE A 143 -5.51 1.64 31.10
N ILE A 144 -4.92 1.52 29.93
CA ILE A 144 -5.46 2.11 28.72
C ILE A 144 -6.26 1.01 28.00
N LYS A 145 -7.57 1.22 27.82
N LYS A 145 -7.54 1.24 27.77
CA LYS A 145 -8.42 0.29 27.07
CA LYS A 145 -8.36 0.27 27.05
C LYS A 145 -8.34 0.61 25.58
C LYS A 145 -8.39 0.61 25.58
N VAL A 146 -8.10 -0.39 24.75
CA VAL A 146 -8.06 -0.20 23.28
C VAL A 146 -9.05 -1.19 22.67
N PRO A 147 -10.34 -0.89 22.73
CA PRO A 147 -11.34 -1.93 22.40
C PRO A 147 -11.53 -2.10 20.90
N GLY A 148 -12.32 -3.09 20.60
CA GLY A 148 -12.54 -3.61 19.25
C GLY A 148 -12.17 -5.07 19.21
N CYS A 149 -12.80 -5.79 18.29
CA CYS A 149 -12.63 -7.23 18.13
C CYS A 149 -12.18 -7.59 16.73
N PRO A 150 -10.89 -7.41 16.46
CA PRO A 150 -9.87 -6.71 17.25
C PRO A 150 -9.85 -5.22 16.96
N PRO A 151 -9.05 -4.46 17.66
CA PRO A 151 -8.84 -3.04 17.25
C PRO A 151 -8.20 -2.97 15.89
N ILE A 152 -8.30 -1.80 15.27
CA ILE A 152 -7.72 -1.57 13.95
C ILE A 152 -6.19 -1.70 14.06
N PRO A 153 -5.51 -2.40 13.14
CA PRO A 153 -4.07 -2.58 13.23
C PRO A 153 -3.31 -1.25 13.41
N ASP A 154 -3.61 -0.30 12.52
CA ASP A 154 -2.87 0.98 12.55
C ASP A 154 -3.24 1.87 13.73
N VAL A 155 -4.37 1.60 14.41
CA VAL A 155 -4.69 2.22 15.67
C VAL A 155 -3.81 1.66 16.78
N MET A 156 -3.63 0.36 16.79
CA MET A 156 -2.72 -0.29 17.78
C MET A 156 -1.33 0.30 17.66
N SER A 157 -0.81 0.35 16.45
CA SER A 157 0.55 0.83 16.27
C SER A 157 0.64 2.35 16.47
N ALA A 158 -0.41 3.09 16.16
CA ALA A 158 -0.38 4.53 16.45
C ALA A 158 -0.33 4.82 17.94
N ILE A 159 -1.07 4.04 18.73
CA ILE A 159 -1.04 4.22 20.16
C ILE A 159 0.36 3.92 20.70
N ILE A 160 0.97 2.85 20.21
CA ILE A 160 2.36 2.52 20.59
C ILE A 160 3.30 3.65 20.22
N THR A 161 3.24 4.12 19.00
CA THR A 161 4.14 5.21 18.60
C THR A 161 3.90 6.50 19.37
N TYR A 162 2.67 6.80 19.69
CA TYR A 162 2.37 7.95 20.53
C TYR A 162 3.11 7.82 21.85
N MET A 163 2.92 6.68 22.51
CA MET A 163 3.55 6.53 23.82
C MET A 163 5.07 6.61 23.74
N VAL A 164 5.69 6.00 22.73
CA VAL A 164 7.14 6.03 22.58
C VAL A 164 7.64 7.45 22.26
N THR A 165 6.98 8.11 21.33
CA THR A 165 7.41 9.45 20.83
C THR A 165 7.20 10.54 21.87
N PHE A 166 6.03 10.54 22.49
CA PHE A 166 5.62 11.57 23.43
C PHE A 166 5.99 11.25 24.89
N ASP A 167 6.40 10.00 25.14
CA ASP A 167 6.76 9.54 26.48
C ASP A 167 5.67 9.78 27.53
N ARG A 168 4.44 9.46 27.14
CA ARG A 168 3.31 9.60 27.98
C ARG A 168 2.18 8.71 27.51
N LEU A 169 1.26 8.46 28.42
CA LEU A 169 0.05 7.71 28.05
C LEU A 169 -0.88 8.65 27.26
N PRO A 170 -1.66 8.11 26.32
CA PRO A 170 -2.63 8.95 25.66
C PRO A 170 -3.70 9.44 26.62
N ASP A 171 -4.27 10.61 26.36
CA ASP A 171 -5.40 11.08 27.14
C ASP A 171 -6.63 10.19 26.82
N VAL A 172 -7.40 9.92 27.84
CA VAL A 172 -8.50 8.96 27.75
C VAL A 172 -9.85 9.57 28.15
N ASP A 173 -10.92 8.95 27.65
CA ASP A 173 -12.28 9.25 28.02
C ASP A 173 -12.59 8.63 29.43
N ARG A 174 -13.84 8.78 29.84
CA ARG A 174 -14.26 8.33 31.17
C ARG A 174 -14.17 6.79 31.33
N MET A 175 -14.06 6.08 30.22
CA MET A 175 -13.93 4.61 30.20
CA MET A 175 -13.94 4.62 30.21
C MET A 175 -12.52 4.12 30.01
N GLY A 176 -11.55 5.02 29.90
CA GLY A 176 -10.18 4.63 29.71
C GLY A 176 -9.75 4.41 28.29
N ARG A 177 -10.55 4.82 27.32
CA ARG A 177 -10.21 4.66 25.91
C ARG A 177 -9.51 5.91 25.36
N PRO A 178 -8.46 5.73 24.56
CA PRO A 178 -7.83 6.93 23.99
C PRO A 178 -8.75 7.83 23.18
N LEU A 179 -8.81 9.10 23.59
CA LEU A 179 -9.65 10.08 22.91
C LEU A 179 -9.35 10.17 21.42
N MET A 180 -8.06 10.04 21.08
CA MET A 180 -7.68 10.24 19.68
C MET A 180 -8.51 9.36 18.72
N PHE A 181 -8.69 8.08 19.09
CA PHE A 181 -9.38 7.15 18.20
C PHE A 181 -10.78 6.74 18.61
N TYR A 182 -11.15 6.98 19.87
CA TYR A 182 -12.42 6.55 20.41
C TYR A 182 -13.33 7.69 20.85
N GLY A 183 -12.96 8.92 20.50
CA GLY A 183 -13.75 10.04 20.92
C GLY A 183 -15.04 10.27 20.19
N GLN A 184 -15.19 9.71 18.99
CA GLN A 184 -16.36 9.90 18.15
C GLN A 184 -16.94 8.55 17.73
N ARG A 185 -18.21 8.57 17.41
CA ARG A 185 -18.97 7.42 17.00
CA ARG A 185 -18.89 7.37 17.01
C ARG A 185 -18.68 7.06 15.55
N ILE A 186 -18.80 5.78 15.20
CA ILE A 186 -18.72 5.34 13.81
C ILE A 186 -19.67 6.15 12.94
N HIS A 187 -20.90 6.31 13.42
CA HIS A 187 -22.00 7.01 12.71
C HIS A 187 -21.76 8.51 12.55
N ASP A 188 -20.89 9.06 13.37
CA ASP A 188 -20.54 10.51 13.32
C ASP A 188 -19.54 10.80 12.18
N LYS A 189 -18.94 9.74 11.61
CA LYS A 189 -17.93 9.88 10.54
C LYS A 189 -18.20 8.86 9.42
N CYS A 190 -19.46 8.45 9.27
CA CYS A 190 -19.77 7.39 8.28
C CYS A 190 -20.12 7.97 6.92
N TYR A 191 -19.46 7.47 5.90
CA TYR A 191 -19.71 7.95 4.53
C TYR A 191 -21.10 7.63 4.01
N ARG A 192 -21.87 6.79 4.70
CA ARG A 192 -23.26 6.56 4.30
C ARG A 192 -24.28 7.41 5.05
N ARG A 193 -23.79 8.38 5.81
CA ARG A 193 -24.69 9.22 6.60
C ARG A 193 -25.65 10.02 5.76
N ALA A 194 -25.23 10.45 4.55
CA ALA A 194 -26.13 11.14 3.66
C ALA A 194 -27.38 10.31 3.43
N HIS A 195 -27.21 9.01 3.26
CA HIS A 195 -28.36 8.11 3.03
C HIS A 195 -29.23 7.93 4.28
N PHE A 196 -28.60 7.81 5.44
CA PHE A 196 -29.36 7.75 6.71
C PHE A 196 -30.24 8.99 6.87
N ASP A 197 -29.66 10.17 6.62
CA ASP A 197 -30.32 11.45 6.81
C ASP A 197 -31.49 11.58 5.80
N ALA A 198 -31.35 10.95 4.65
CA ALA A 198 -32.36 10.98 3.58
C ALA A 198 -33.40 9.86 3.65
N GLY A 199 -33.24 8.95 4.59
CA GLY A 199 -34.19 7.82 4.71
C GLY A 199 -33.98 6.79 3.60
N GLU A 200 -32.72 6.67 3.13
CA GLU A 200 -32.30 5.79 2.03
C GLU A 200 -31.57 4.59 2.62
N PHE A 201 -32.29 3.48 2.71
CA PHE A 201 -31.85 2.31 3.50
C PHE A 201 -31.86 1.06 2.65
N VAL A 202 -30.85 0.20 2.90
CA VAL A 202 -30.92 -1.20 2.50
C VAL A 202 -32.03 -1.90 3.31
N GLN A 203 -32.94 -2.57 2.61
CA GLN A 203 -34.02 -3.30 3.29
C GLN A 203 -33.86 -4.77 3.27
N SER A 204 -33.19 -5.30 2.27
CA SER A 204 -32.80 -6.69 2.24
C SER A 204 -31.51 -6.85 1.50
N TRP A 205 -30.75 -7.90 1.79
CA TRP A 205 -29.42 -8.01 1.23
C TRP A 205 -29.49 -8.02 -0.31
N ASP A 206 -28.52 -7.34 -0.91
CA ASP A 206 -28.29 -7.36 -2.36
C ASP A 206 -29.48 -6.75 -3.13
N ASP A 207 -30.25 -5.91 -2.47
CA ASP A 207 -31.31 -5.14 -3.12
C ASP A 207 -30.71 -3.94 -3.87
N ASP A 208 -31.53 -3.20 -4.59
CA ASP A 208 -30.99 -2.11 -5.38
C ASP A 208 -30.28 -1.08 -4.47
N ALA A 209 -30.82 -0.86 -3.30
CA ALA A 209 -30.21 0.05 -2.31
C ALA A 209 -28.82 -0.41 -1.88
N ALA A 210 -28.67 -1.71 -1.64
CA ALA A 210 -27.35 -2.24 -1.28
C ALA A 210 -26.31 -2.04 -2.36
N ARG A 211 -26.74 -2.16 -3.60
CA ARG A 211 -25.87 -2.00 -4.77
C ARG A 211 -25.44 -0.54 -5.03
N LYS A 212 -26.11 0.38 -4.37
CA LYS A 212 -25.78 1.80 -4.40
C LYS A 212 -25.09 2.31 -3.14
N GLY A 213 -24.86 1.41 -2.16
CA GLY A 213 -24.24 1.79 -0.94
C GLY A 213 -25.11 2.58 0.02
N TYR A 214 -26.41 2.28 0.09
CA TYR A 214 -27.29 2.95 1.03
C TYR A 214 -27.01 2.48 2.47
N CYS A 215 -27.58 3.23 3.39
CA CYS A 215 -27.33 3.09 4.82
C CYS A 215 -27.87 1.74 5.33
N LEU A 216 -27.12 1.18 6.26
CA LEU A 216 -27.36 -0.16 6.83
C LEU A 216 -28.12 -0.15 8.15
N TYR A 217 -28.68 0.97 8.55
CA TYR A 217 -29.42 1.08 9.84
C TYR A 217 -30.55 0.03 9.97
N LYS A 218 -31.31 -0.16 8.91
CA LYS A 218 -32.43 -1.12 8.96
C LYS A 218 -31.99 -2.55 8.91
N MET A 219 -30.73 -2.77 8.55
CA MET A 219 -30.12 -4.11 8.58
C MET A 219 -29.40 -4.34 9.90
N GLY A 220 -29.57 -3.46 10.90
CA GLY A 220 -29.01 -3.64 12.22
C GLY A 220 -27.72 -2.94 12.56
N CYS A 221 -27.26 -2.03 11.70
CA CYS A 221 -25.99 -1.34 11.97
C CYS A 221 -25.95 -0.68 13.32
N LYS A 222 -24.94 -1.00 14.10
CA LYS A 222 -24.74 -0.45 15.46
C LYS A 222 -23.81 0.74 15.48
N GLY A 223 -23.47 1.29 14.30
CA GLY A 223 -22.64 2.49 14.23
C GLY A 223 -23.12 3.66 15.10
N PRO A 224 -24.46 3.87 15.20
CA PRO A 224 -24.94 4.97 16.01
C PRO A 224 -24.60 4.92 17.49
N THR A 225 -24.21 3.78 18.02
CA THR A 225 -23.87 3.63 19.43
C THR A 225 -22.44 3.16 19.69
N THR A 226 -21.59 3.18 18.65
CA THR A 226 -20.28 2.60 18.75
C THR A 226 -19.18 3.61 18.55
N TYR A 227 -18.24 3.66 19.47
CA TYR A 227 -17.09 4.54 19.42
C TYR A 227 -15.84 3.76 18.91
N ASN A 228 -15.33 4.20 17.77
CA ASN A 228 -14.14 3.60 17.16
C ASN A 228 -13.78 4.48 15.98
N ALA A 229 -12.72 4.11 15.28
CA ALA A 229 -12.12 4.90 14.20
C ALA A 229 -12.36 4.28 12.82
N CYS A 230 -13.23 3.29 12.74
CA CYS A 230 -13.32 2.49 11.50
C CYS A 230 -13.75 3.27 10.31
N SER A 231 -14.68 4.21 10.52
CA SER A 231 -15.21 5.00 9.40
C SER A 231 -14.33 6.11 8.89
N SER A 232 -13.24 6.35 9.60
CA SER A 232 -12.26 7.37 9.19
CA SER A 232 -12.25 7.39 9.23
C SER A 232 -10.89 6.78 8.84
N THR A 233 -10.27 6.09 9.78
CA THR A 233 -9.01 5.48 9.58
C THR A 233 -9.13 4.20 8.70
N ARG A 234 -10.27 3.49 8.84
CA ARG A 234 -10.55 2.30 8.08
C ARG A 234 -9.55 1.17 8.47
N TRP A 235 -9.67 0.03 7.76
CA TRP A 235 -8.99 -1.21 8.08
C TRP A 235 -8.04 -1.66 7.01
N ASN A 236 -6.95 -2.31 7.40
CA ASN A 236 -6.02 -2.98 6.54
C ASN A 236 -5.41 -2.00 5.54
N ASP A 237 -4.84 -0.94 6.10
CA ASP A 237 -4.19 0.14 5.37
C ASP A 237 -5.17 0.88 4.52
N GLY A 238 -6.30 1.22 5.13
CA GLY A 238 -7.30 2.04 4.45
C GLY A 238 -8.17 1.36 3.42
N VAL A 239 -8.13 0.05 3.35
CA VAL A 239 -8.82 -0.66 2.30
C VAL A 239 -10.33 -0.65 2.47
N SER A 240 -10.84 -0.97 3.66
CA SER A 240 -12.28 -1.03 3.85
C SER A 240 -12.65 -0.86 5.33
N PHE A 241 -13.93 -1.02 5.63
CA PHE A 241 -14.39 -1.27 6.98
C PHE A 241 -15.71 -1.99 6.86
N PRO A 242 -16.25 -2.52 7.95
CA PRO A 242 -17.46 -3.34 7.83
C PRO A 242 -18.57 -2.78 6.95
N ILE A 243 -18.93 -1.51 7.22
CA ILE A 243 -20.01 -0.86 6.52
C ILE A 243 -19.68 -0.67 5.04
N GLN A 244 -18.43 -0.32 4.74
CA GLN A 244 -18.06 -0.07 3.32
C GLN A 244 -18.22 -1.36 2.50
N SER A 245 -17.99 -2.54 3.12
CA SER A 245 -18.16 -3.82 2.46
C SER A 245 -19.57 -4.41 2.60
N GLY A 246 -20.48 -3.62 3.15
CA GLY A 246 -21.90 -3.94 3.06
C GLY A 246 -22.56 -4.57 4.26
N HIS A 247 -21.84 -4.72 5.38
CA HIS A 247 -22.42 -5.27 6.62
C HIS A 247 -22.49 -4.15 7.66
N GLY A 248 -23.61 -4.07 8.39
CA GLY A 248 -23.64 -3.09 9.45
C GLY A 248 -22.56 -3.34 10.46
N CYS A 249 -22.17 -2.31 11.17
CA CYS A 249 -21.36 -2.42 12.38
C CYS A 249 -22.07 -3.35 13.38
N LEU A 250 -21.29 -4.28 13.98
CA LEU A 250 -21.78 -5.14 15.02
C LEU A 250 -21.76 -4.49 16.39
N GLY A 251 -21.03 -3.38 16.52
CA GLY A 251 -20.82 -2.70 17.80
C GLY A 251 -19.60 -3.22 18.55
N CYS A 252 -18.61 -3.78 17.81
CA CYS A 252 -17.62 -4.64 18.45
C CYS A 252 -16.67 -3.97 19.40
N ALA A 253 -16.56 -2.64 19.37
CA ALA A 253 -15.77 -1.91 20.35
C ALA A 253 -16.50 -1.53 21.62
N GLU A 254 -17.78 -1.84 21.74
CA GLU A 254 -18.59 -1.45 22.89
C GLU A 254 -18.74 -2.59 23.93
N ASN A 255 -18.69 -2.20 25.19
CA ASN A 255 -18.94 -3.11 26.30
C ASN A 255 -20.26 -3.82 26.09
N GLY A 256 -20.22 -5.15 26.14
CA GLY A 256 -21.43 -5.94 26.08
C GLY A 256 -22.10 -6.08 24.74
N PHE A 257 -21.36 -5.80 23.65
CA PHE A 257 -22.03 -5.73 22.35
C PHE A 257 -22.68 -7.02 21.90
N TRP A 258 -22.14 -8.14 22.37
CA TRP A 258 -22.67 -9.47 22.00
C TRP A 258 -24.10 -9.67 22.51
N ASP A 259 -24.43 -9.02 23.61
CA ASP A 259 -25.70 -9.21 24.30
C ASP A 259 -26.66 -8.03 24.17
N ARG A 260 -26.38 -7.15 23.25
CA ARG A 260 -27.30 -6.00 22.95
C ARG A 260 -28.24 -6.28 21.81
N GLY A 261 -28.76 -7.46 21.79
CA GLY A 261 -29.70 -7.90 20.81
C GLY A 261 -29.01 -8.40 19.54
N SER A 262 -29.81 -8.98 18.71
CA SER A 262 -29.36 -9.54 17.44
C SER A 262 -28.64 -8.44 16.67
N PHE A 263 -27.60 -8.84 15.96
CA PHE A 263 -26.91 -7.92 15.08
C PHE A 263 -27.82 -7.34 14.01
N TYR A 264 -28.88 -8.04 13.66
CA TYR A 264 -29.79 -7.61 12.61
C TYR A 264 -31.02 -6.88 13.11
N SER A 265 -31.10 -6.63 14.41
CA SER A 265 -32.15 -5.80 14.97
C SER A 265 -31.68 -4.36 15.03
N ARG A 266 -32.56 -3.43 14.73
CA ARG A 266 -32.24 -2.00 14.66
C ARG A 266 -31.87 -1.47 16.00
N VAL A 267 -30.94 -0.49 16.01
CA VAL A 267 -30.61 0.25 17.27
C VAL A 267 -31.87 0.83 17.85
N SER B 2 4.29 -46.60 38.33
CA SER B 2 4.32 -46.44 36.85
C SER B 2 3.65 -47.65 36.19
N THR B 3 3.11 -47.43 35.01
CA THR B 3 2.34 -48.43 34.30
C THR B 3 2.78 -48.42 32.85
N GLN B 4 2.47 -49.52 32.19
CA GLN B 4 2.62 -49.57 30.77
C GLN B 4 1.51 -50.32 30.12
N TYR B 5 1.15 -49.91 28.90
CA TYR B 5 0.17 -50.61 28.09
C TYR B 5 0.47 -50.40 26.62
N GLU B 6 -0.18 -51.20 25.77
CA GLU B 6 0.05 -51.17 24.32
C GLU B 6 -1.18 -50.64 23.63
N THR B 7 -0.96 -49.74 22.67
CA THR B 7 -2.04 -49.22 21.83
C THR B 7 -1.42 -48.74 20.51
N GLN B 8 -2.07 -49.08 19.40
CA GLN B 8 -1.71 -48.53 18.09
C GLN B 8 -0.27 -48.81 17.70
N GLY B 9 0.31 -49.90 18.21
CA GLY B 9 1.69 -50.26 17.91
C GLY B 9 2.71 -49.61 18.83
N TYR B 10 2.24 -48.80 19.78
CA TYR B 10 3.11 -48.09 20.72
C TYR B 10 3.04 -48.77 22.08
N THR B 11 4.15 -48.65 22.79
CA THR B 11 4.23 -49.04 24.20
C THR B 11 4.23 -47.76 25.04
N ILE B 12 3.13 -47.49 25.74
CA ILE B 12 2.97 -46.28 26.51
C ILE B 12 3.45 -46.60 27.91
N ASN B 13 4.56 -45.99 28.29
CA ASN B 13 5.26 -46.30 29.53
C ASN B 13 5.59 -45.03 30.29
N ASN B 14 5.00 -44.86 31.48
CA ASN B 14 5.21 -43.63 32.27
C ASN B 14 6.24 -43.78 33.39
N ALA B 15 7.09 -44.79 33.28
CA ALA B 15 8.30 -44.84 34.04
C ALA B 15 9.28 -43.80 33.51
N GLY B 16 10.30 -43.55 34.29
CA GLY B 16 11.39 -42.69 33.86
C GLY B 16 11.09 -41.23 34.15
N ARG B 17 12.04 -40.39 33.78
CA ARG B 17 11.97 -38.97 34.02
CA ARG B 17 11.97 -38.97 34.03
C ARG B 17 10.77 -38.33 33.32
N ARG B 18 10.09 -37.46 34.04
CA ARG B 18 8.94 -36.66 33.52
C ARG B 18 9.46 -35.29 33.18
N LEU B 19 9.17 -34.83 31.95
CA LEU B 19 9.50 -33.49 31.51
C LEU B 19 8.18 -32.76 31.22
N VAL B 20 8.14 -31.46 31.58
CA VAL B 20 6.97 -30.63 31.37
C VAL B 20 7.38 -29.44 30.51
N VAL B 21 6.55 -29.16 29.47
CA VAL B 21 6.68 -27.96 28.66
C VAL B 21 5.40 -27.18 28.78
N ASP B 22 5.40 -26.11 29.58
CA ASP B 22 4.18 -25.30 29.83
C ASP B 22 4.70 -23.90 30.13
N PRO B 23 4.55 -22.93 29.23
CA PRO B 23 3.73 -22.97 28.03
C PRO B 23 4.45 -23.53 26.81
N ILE B 24 3.68 -24.14 25.91
CA ILE B 24 4.14 -24.31 24.52
C ILE B 24 3.97 -22.94 23.86
N THR B 25 5.03 -22.41 23.27
CA THR B 25 5.00 -21.10 22.64
C THR B 25 5.02 -21.29 21.14
N ARG B 26 4.80 -20.20 20.43
CA ARG B 26 4.74 -20.20 18.93
C ARG B 26 3.67 -21.18 18.44
N ILE B 27 2.55 -21.10 19.16
CA ILE B 27 1.29 -21.69 18.78
C ILE B 27 0.22 -20.63 18.99
N GLU B 28 -1.01 -20.99 18.55
CA GLU B 28 -2.01 -20.08 19.01
C GLU B 28 -2.51 -20.55 20.39
N GLY B 29 -2.79 -19.84 21.32
CA GLY B 29 -3.46 -20.24 22.55
C GLY B 29 -2.58 -21.00 23.53
N HIS B 30 -3.24 -21.78 24.38
CA HIS B 30 -2.63 -22.32 25.61
C HIS B 30 -2.57 -23.84 25.56
N MET B 31 -1.35 -24.37 25.62
CA MET B 31 -1.09 -25.79 25.63
C MET B 31 0.00 -26.13 26.62
N ARG B 32 -0.13 -27.31 27.23
CA ARG B 32 0.89 -27.94 28.08
C ARG B 32 1.18 -29.30 27.44
N CYS B 33 2.43 -29.70 27.45
CA CYS B 33 2.81 -31.04 27.04
C CYS B 33 3.68 -31.64 28.13
N GLU B 34 3.45 -32.90 28.48
CA GLU B 34 4.38 -33.64 29.33
C GLU B 34 4.80 -34.90 28.61
N VAL B 35 6.02 -35.34 28.90
CA VAL B 35 6.50 -36.62 28.38
C VAL B 35 7.23 -37.36 29.48
N ASN B 36 7.38 -38.65 29.29
CA ASN B 36 8.38 -39.42 30.03
C ASN B 36 9.42 -39.89 29.04
N ILE B 37 10.67 -39.90 29.49
CA ILE B 37 11.79 -40.40 28.71
C ILE B 37 12.45 -41.53 29.44
N ASN B 38 12.97 -42.45 28.66
CA ASN B 38 13.70 -43.57 29.21
C ASN B 38 15.19 -43.26 29.36
N ASP B 39 15.97 -44.29 29.74
CA ASP B 39 17.37 -44.05 30.01
C ASP B 39 18.20 -43.69 28.76
N GLN B 40 17.65 -43.92 27.58
CA GLN B 40 18.29 -43.50 26.32
C GLN B 40 17.76 -42.15 25.84
N ASN B 41 17.05 -41.41 26.73
CA ASN B 41 16.43 -40.11 26.41
C ASN B 41 15.46 -40.17 25.24
N VAL B 42 14.74 -41.30 25.14
CA VAL B 42 13.70 -41.47 24.16
C VAL B 42 12.34 -41.41 24.82
N ILE B 43 11.42 -40.68 24.20
CA ILE B 43 10.07 -40.53 24.70
C ILE B 43 9.31 -41.84 24.70
N THR B 44 8.78 -42.22 25.86
CA THR B 44 7.98 -43.42 26.01
C THR B 44 6.55 -43.14 26.46
N ASN B 45 6.21 -41.85 26.63
CA ASN B 45 4.89 -41.43 27.01
C ASN B 45 4.79 -39.96 26.64
N ALA B 46 3.65 -39.57 26.11
CA ALA B 46 3.40 -38.19 25.78
C ALA B 46 1.97 -37.85 26.13
N VAL B 47 1.76 -36.63 26.66
CA VAL B 47 0.49 -36.14 27.23
C VAL B 47 0.25 -34.76 26.62
N SER B 48 -0.82 -34.66 25.85
CA SER B 48 -1.24 -33.40 25.25
C SER B 48 -2.36 -32.77 26.09
N CYS B 49 -2.22 -31.49 26.49
CA CYS B 49 -3.21 -30.84 27.36
C CYS B 49 -3.55 -29.47 26.83
N GLY B 50 -4.82 -29.27 26.54
CA GLY B 50 -5.30 -27.92 26.26
C GLY B 50 -5.62 -27.23 27.58
N THR B 51 -5.00 -26.07 27.77
CA THR B 51 -5.03 -25.35 29.01
C THR B 51 -5.90 -24.06 28.97
N MET B 52 -6.93 -24.07 28.13
CA MET B 52 -7.89 -22.98 28.12
C MET B 52 -9.26 -23.52 27.70
N PHE B 53 -10.31 -22.80 28.08
CA PHE B 53 -11.66 -23.11 27.64
C PHE B 53 -12.47 -21.82 27.78
N ARG B 54 -13.35 -21.56 26.83
CA ARG B 54 -14.26 -20.38 26.83
C ARG B 54 -15.72 -20.76 26.83
N GLY B 55 -16.09 -21.80 26.08
CA GLY B 55 -17.51 -22.23 26.10
C GLY B 55 -18.41 -21.67 25.06
N LEU B 56 -17.88 -21.47 23.84
CA LEU B 56 -18.75 -20.99 22.77
C LEU B 56 -19.99 -21.81 22.47
N GLU B 57 -19.89 -23.13 22.64
CA GLU B 57 -21.05 -23.99 22.37
C GLU B 57 -22.19 -23.67 23.34
N ILE B 58 -21.83 -23.22 24.53
CA ILE B 58 -22.80 -22.85 25.53
C ILE B 58 -23.36 -21.43 25.24
N ILE B 59 -22.49 -20.50 24.91
CA ILE B 59 -22.85 -19.12 24.58
C ILE B 59 -23.77 -19.01 23.36
N LEU B 60 -23.60 -19.92 22.41
CA LEU B 60 -24.40 -19.89 21.21
C LEU B 60 -25.85 -20.31 21.41
N GLN B 61 -26.13 -21.03 22.50
CA GLN B 61 -27.55 -21.39 22.76
C GLN B 61 -28.40 -20.17 22.90
N GLY B 62 -29.57 -20.19 22.25
CA GLY B 62 -30.49 -19.07 22.33
C GLY B 62 -30.21 -17.92 21.40
N ARG B 63 -29.15 -18.01 20.61
CA ARG B 63 -28.88 -16.93 19.66
C ARG B 63 -29.74 -17.12 18.42
N ASP B 64 -29.91 -16.03 17.69
CA ASP B 64 -30.51 -16.07 16.37
C ASP B 64 -29.51 -16.79 15.44
N PRO B 65 -29.97 -17.80 14.68
CA PRO B 65 -29.05 -18.49 13.77
C PRO B 65 -28.31 -17.59 12.77
N ARG B 66 -28.94 -16.46 12.40
CA ARG B 66 -28.30 -15.56 11.45
C ARG B 66 -27.11 -14.86 12.09
N ASP B 67 -27.07 -14.77 13.44
CA ASP B 67 -25.98 -14.13 14.15
CA ASP B 67 -25.96 -14.15 14.15
C ASP B 67 -24.81 -15.09 14.44
N ALA B 68 -25.07 -16.41 14.33
CA ALA B 68 -24.12 -17.37 14.87
C ALA B 68 -22.72 -17.24 14.34
N TRP B 69 -22.61 -16.92 13.05
CA TRP B 69 -21.28 -16.86 12.39
C TRP B 69 -20.37 -15.89 13.11
N ALA B 70 -20.94 -14.79 13.61
CA ALA B 70 -20.13 -13.72 14.21
C ALA B 70 -19.54 -14.16 15.52
N PHE B 71 -20.32 -14.91 16.32
CA PHE B 71 -19.87 -15.47 17.59
C PHE B 71 -18.78 -16.50 17.34
N VAL B 72 -19.08 -17.49 16.50
CA VAL B 72 -18.13 -18.57 16.30
C VAL B 72 -16.89 -18.16 15.53
N GLU B 73 -16.96 -17.08 14.74
N GLU B 73 -16.94 -17.09 14.73
CA GLU B 73 -15.77 -16.59 14.12
CA GLU B 73 -15.72 -16.48 14.18
C GLU B 73 -14.68 -16.34 15.18
C GLU B 73 -14.61 -16.30 15.23
N ARG B 74 -15.11 -15.85 16.37
CA ARG B 74 -14.23 -15.56 17.49
C ARG B 74 -13.74 -16.80 18.24
N ILE B 75 -14.02 -18.00 17.74
CA ILE B 75 -13.27 -19.17 18.20
C ILE B 75 -11.79 -18.95 18.00
N CYS B 76 -11.40 -18.25 16.88
CA CYS B 76 -10.00 -18.16 16.57
C CYS B 76 -9.72 -17.01 15.62
N GLY B 77 -8.72 -16.19 16.00
CA GLY B 77 -8.27 -15.07 15.20
C GLY B 77 -7.11 -15.37 14.28
N VAL B 78 -6.54 -16.57 14.41
CA VAL B 78 -5.50 -17.07 13.50
C VAL B 78 -6.17 -17.70 12.30
N CYS B 79 -7.02 -18.68 12.53
CA CYS B 79 -7.84 -19.22 11.45
C CYS B 79 -9.14 -18.41 11.32
N THR B 80 -8.99 -17.11 11.22
CA THR B 80 -10.10 -16.23 11.17
C THR B 80 -10.88 -16.34 9.88
N GLY B 81 -12.17 -16.49 10.04
CA GLY B 81 -13.10 -16.66 8.95
C GLY B 81 -13.57 -18.09 8.78
N VAL B 82 -12.75 -19.08 9.10
CA VAL B 82 -13.14 -20.41 8.76
C VAL B 82 -14.37 -20.88 9.57
N HIS B 83 -14.47 -20.44 10.82
CA HIS B 83 -15.61 -20.82 11.62
C HIS B 83 -16.87 -20.12 11.17
N ALA B 84 -16.71 -18.88 10.65
CA ALA B 84 -17.86 -18.18 10.06
C ALA B 84 -18.39 -18.92 8.85
N LEU B 85 -17.46 -19.40 8.03
CA LEU B 85 -17.83 -20.18 6.84
C LEU B 85 -18.59 -21.46 7.23
N ALA B 86 -18.03 -22.18 8.17
CA ALA B 86 -18.68 -23.40 8.63
C ALA B 86 -20.04 -23.13 9.22
N SER B 87 -20.17 -21.99 9.89
CA SER B 87 -21.46 -21.62 10.48
C SER B 87 -22.52 -21.30 9.46
N VAL B 88 -22.18 -20.44 8.49
CA VAL B 88 -23.16 -20.14 7.49
C VAL B 88 -23.54 -21.41 6.71
N TYR B 89 -22.58 -22.26 6.44
CA TYR B 89 -22.91 -23.56 5.82
C TYR B 89 -23.87 -24.37 6.67
N ALA B 90 -23.65 -24.41 7.97
CA ALA B 90 -24.49 -25.24 8.88
C ALA B 90 -25.92 -24.70 8.94
N ILE B 91 -26.06 -23.37 9.06
CA ILE B 91 -27.36 -22.75 9.16
C ILE B 91 -28.11 -22.88 7.82
N GLU B 92 -27.40 -22.68 6.72
CA GLU B 92 -28.04 -22.88 5.40
C GLU B 92 -28.49 -24.30 5.20
N ASP B 93 -27.70 -25.26 5.68
CA ASP B 93 -28.05 -26.67 5.58
C ASP B 93 -29.29 -26.96 6.43
N ALA B 94 -29.39 -26.37 7.61
CA ALA B 94 -30.55 -26.57 8.48
C ALA B 94 -31.83 -26.03 7.89
N ILE B 95 -31.77 -24.78 7.45
CA ILE B 95 -32.95 -24.08 6.99
C ILE B 95 -33.39 -24.48 5.56
N GLY B 96 -32.41 -24.86 4.74
CA GLY B 96 -32.61 -25.18 3.33
C GLY B 96 -32.46 -23.93 2.46
N ILE B 97 -31.34 -23.25 2.62
CA ILE B 97 -31.00 -22.06 1.84
C ILE B 97 -29.96 -22.41 0.81
N LYS B 98 -30.14 -21.89 -0.39
CA LYS B 98 -29.17 -22.02 -1.47
C LYS B 98 -28.65 -20.63 -1.83
N VAL B 99 -27.35 -20.48 -1.85
CA VAL B 99 -26.75 -19.18 -2.15
C VAL B 99 -26.45 -19.03 -3.64
N PRO B 100 -26.36 -17.77 -4.13
CA PRO B 100 -25.96 -17.56 -5.51
C PRO B 100 -24.52 -17.94 -5.79
N ASP B 101 -24.24 -18.21 -7.05
CA ASP B 101 -22.92 -18.65 -7.44
C ASP B 101 -21.82 -17.65 -7.00
N ASN B 102 -22.05 -16.34 -7.17
CA ASN B 102 -20.95 -15.41 -6.76
C ASN B 102 -20.68 -15.46 -5.28
N ALA B 103 -21.72 -15.71 -4.47
CA ALA B 103 -21.45 -15.85 -3.04
C ALA B 103 -20.59 -17.04 -2.76
N ASN B 104 -20.84 -18.16 -3.41
CA ASN B 104 -20.03 -19.34 -3.20
C ASN B 104 -18.59 -19.12 -3.64
N ILE B 105 -18.43 -18.43 -4.76
CA ILE B 105 -17.10 -18.14 -5.28
C ILE B 105 -16.33 -17.23 -4.32
N ILE B 106 -17.00 -16.19 -3.83
CA ILE B 106 -16.37 -15.26 -2.87
C ILE B 106 -16.03 -15.99 -1.58
N ARG B 107 -16.89 -16.89 -1.10
CA ARG B 107 -16.55 -17.67 0.08
C ARG B 107 -15.31 -18.50 -0.15
N ASN B 108 -15.21 -19.13 -1.34
CA ASN B 108 -14.01 -19.91 -1.67
C ASN B 108 -12.75 -19.03 -1.73
N ILE B 109 -12.90 -17.81 -2.24
CA ILE B 109 -11.80 -16.85 -2.19
C ILE B 109 -11.41 -16.52 -0.75
N MET B 110 -12.40 -16.34 0.11
CA MET B 110 -12.10 -16.05 1.51
C MET B 110 -11.30 -17.18 2.15
N LEU B 111 -11.69 -18.42 1.85
CA LEU B 111 -11.05 -19.57 2.46
C LEU B 111 -9.62 -19.74 1.88
N ALA B 112 -9.45 -19.58 0.55
CA ALA B 112 -8.16 -19.71 -0.05
C ALA B 112 -7.21 -18.62 0.46
N THR B 113 -7.72 -17.42 0.66
CA THR B 113 -6.92 -16.32 1.20
C THR B 113 -6.40 -16.69 2.57
N LEU B 114 -7.29 -17.23 3.39
CA LEU B 114 -6.93 -17.67 4.73
C LEU B 114 -5.86 -18.76 4.68
N TRP B 115 -6.04 -19.75 3.81
CA TRP B 115 -4.99 -20.79 3.67
C TRP B 115 -3.64 -20.16 3.35
N CYS B 116 -3.60 -19.25 2.38
CA CYS B 116 -2.34 -18.60 2.04
C CYS B 116 -1.69 -17.85 3.21
N HIS B 117 -2.49 -17.03 3.85
CA HIS B 117 -2.03 -16.19 4.93
C HIS B 117 -1.58 -17.03 6.13
N ASP B 118 -2.44 -17.95 6.56
CA ASP B 118 -2.21 -18.74 7.75
C ASP B 118 -0.98 -19.63 7.55
N HIS B 119 -0.91 -20.32 6.40
CA HIS B 119 0.26 -21.19 6.17
C HIS B 119 1.57 -20.42 6.10
N LEU B 120 1.54 -19.24 5.48
CA LEU B 120 2.75 -18.42 5.41
C LEU B 120 3.26 -17.98 6.78
N VAL B 121 2.36 -17.43 7.60
CA VAL B 121 2.75 -16.97 8.92
C VAL B 121 3.18 -18.16 9.77
N HIS B 122 2.52 -19.30 9.63
CA HIS B 122 2.94 -20.47 10.42
C HIS B 122 4.39 -20.85 10.08
N PHE B 123 4.70 -20.93 8.79
CA PHE B 123 6.03 -21.37 8.35
C PHE B 123 7.13 -20.51 8.94
N TYR B 124 6.95 -19.20 8.86
CA TYR B 124 7.98 -18.28 9.33
C TYR B 124 7.88 -17.91 10.78
N GLN B 125 6.79 -17.31 11.19
CA GLN B 125 6.68 -16.77 12.55
C GLN B 125 6.45 -17.81 13.64
N LEU B 126 5.81 -18.94 13.32
CA LEU B 126 5.53 -19.92 14.35
C LEU B 126 6.58 -21.01 14.33
N ALA B 127 6.73 -21.73 13.23
CA ALA B 127 7.63 -22.88 13.18
C ALA B 127 9.09 -22.54 12.86
N GLY B 128 9.34 -21.42 12.18
CA GLY B 128 10.63 -21.19 11.52
C GLY B 128 11.82 -21.28 12.46
N MET B 129 11.66 -20.72 13.67
CA MET B 129 12.77 -20.71 14.63
C MET B 129 13.10 -22.07 15.22
N ASP B 130 12.32 -23.09 14.91
CA ASP B 130 12.72 -24.45 15.27
C ASP B 130 13.80 -24.98 14.33
N TRP B 131 13.94 -24.38 13.15
CA TRP B 131 14.77 -24.89 12.04
C TRP B 131 15.92 -23.96 11.70
N ILE B 132 15.71 -22.65 11.89
CA ILE B 132 16.68 -21.59 11.60
C ILE B 132 17.26 -21.14 12.93
N ASP B 133 18.58 -21.18 13.05
CA ASP B 133 19.28 -20.67 14.24
C ASP B 133 19.59 -19.21 13.98
N VAL B 134 18.74 -18.35 14.53
CA VAL B 134 18.77 -16.93 14.20
C VAL B 134 20.10 -16.33 14.63
N LEU B 135 20.59 -16.69 15.80
CA LEU B 135 21.85 -16.11 16.26
C LEU B 135 23.06 -16.54 15.42
N ASP B 136 22.99 -17.73 14.85
CA ASP B 136 24.05 -18.21 13.95
C ASP B 136 24.10 -17.40 12.64
N ALA B 137 23.00 -16.74 12.28
CA ALA B 137 23.00 -15.86 11.15
C ALA B 137 24.05 -14.75 11.25
N LEU B 138 24.43 -14.37 12.48
CA LEU B 138 25.46 -13.36 12.71
C LEU B 138 26.85 -13.79 12.26
N LYS B 139 27.05 -15.08 12.01
CA LYS B 139 28.35 -15.60 11.58
C LYS B 139 28.41 -15.76 10.05
N ALA B 140 27.31 -15.48 9.34
CA ALA B 140 27.23 -15.77 7.90
C ALA B 140 28.05 -14.78 7.08
N ASP B 141 28.52 -15.26 5.92
CA ASP B 141 29.16 -14.42 4.91
C ASP B 141 28.01 -13.95 3.99
N PRO B 142 27.81 -12.62 3.89
CA PRO B 142 26.73 -12.13 3.00
C PRO B 142 26.82 -12.54 1.53
N ARG B 143 28.06 -12.61 0.99
CA ARG B 143 28.21 -13.06 -0.39
C ARG B 143 27.82 -14.51 -0.59
N LYS B 144 28.23 -15.39 0.34
CA LYS B 144 27.79 -16.78 0.29
C LYS B 144 26.27 -16.94 0.50
N THR B 145 25.68 -16.05 1.31
CA THR B 145 24.22 -16.04 1.46
C THR B 145 23.52 -15.70 0.17
N SER B 146 24.03 -14.68 -0.51
CA SER B 146 23.48 -14.31 -1.82
C SER B 146 23.59 -15.46 -2.81
N GLU B 147 24.76 -16.10 -2.85
CA GLU B 147 24.96 -17.23 -3.78
C GLU B 147 23.95 -18.35 -3.52
N LEU B 148 23.74 -18.65 -2.24
CA LEU B 148 22.81 -19.69 -1.84
C LEU B 148 21.39 -19.33 -2.27
N ALA B 149 20.98 -18.11 -1.92
CA ALA B 149 19.65 -17.68 -2.29
C ALA B 149 19.36 -17.73 -3.79
N GLN B 150 20.35 -17.24 -4.55
CA GLN B 150 20.25 -17.22 -6.00
C GLN B 150 20.26 -18.62 -6.63
N SER B 151 20.85 -19.60 -5.97
CA SER B 151 20.81 -20.98 -6.45
C SER B 151 19.46 -21.67 -6.20
N LEU B 152 18.70 -21.14 -5.23
CA LEU B 152 17.41 -21.74 -4.85
C LEU B 152 16.18 -21.14 -5.52
N SER B 153 16.31 -19.90 -5.98
CA SER B 153 15.14 -19.15 -6.37
C SER B 153 15.42 -17.99 -7.28
N SER B 154 14.41 -17.60 -8.04
CA SER B 154 14.47 -16.38 -8.87
CA SER B 154 14.49 -16.37 -8.86
C SER B 154 14.09 -15.11 -8.10
N TRP B 155 13.70 -15.25 -6.83
CA TRP B 155 13.23 -14.14 -6.03
C TRP B 155 14.20 -12.97 -6.17
N PRO B 156 13.69 -11.73 -6.38
CA PRO B 156 14.66 -10.64 -6.65
C PRO B 156 15.61 -10.32 -5.52
N LYS B 157 15.13 -10.41 -4.28
CA LYS B 157 15.81 -9.81 -3.14
C LYS B 157 16.89 -10.72 -2.60
N SER B 158 18.08 -10.58 -3.17
CA SER B 158 19.14 -11.53 -2.92
C SER B 158 20.52 -10.93 -2.92
N SER B 159 20.66 -9.61 -2.96
CA SER B 159 21.97 -9.04 -3.10
C SER B 159 22.82 -9.27 -1.87
N PRO B 160 24.16 -9.36 -2.05
CA PRO B 160 25.01 -9.39 -0.86
C PRO B 160 24.79 -8.21 0.07
N GLY B 161 24.59 -7.03 -0.49
CA GLY B 161 24.35 -5.87 0.34
C GLY B 161 23.07 -5.97 1.19
N TYR B 162 22.05 -6.51 0.61
CA TYR B 162 20.80 -6.77 1.33
C TYR B 162 21.05 -7.72 2.51
N PHE B 163 21.71 -8.85 2.26
CA PHE B 163 21.95 -9.75 3.35
C PHE B 163 22.87 -9.15 4.38
N PHE B 164 23.86 -8.33 3.96
CA PHE B 164 24.67 -7.61 4.97
C PHE B 164 23.79 -6.65 5.81
N ASP B 165 22.88 -5.91 5.15
CA ASP B 165 21.99 -4.99 5.86
C ASP B 165 21.11 -5.73 6.87
N VAL B 166 20.57 -6.88 6.47
CA VAL B 166 19.78 -7.71 7.40
C VAL B 166 20.62 -8.16 8.59
N GLN B 167 21.82 -8.65 8.30
CA GLN B 167 22.71 -9.10 9.31
C GLN B 167 23.07 -7.98 10.29
N ASN B 168 23.36 -6.80 9.74
CA ASN B 168 23.69 -5.65 10.58
CA ASN B 168 23.71 -5.62 10.54
C ASN B 168 22.52 -5.18 11.43
N ARG B 169 21.33 -5.29 10.91
CA ARG B 169 20.14 -4.93 11.68
C ARG B 169 20.03 -5.91 12.88
N LEU B 170 20.26 -7.22 12.63
CA LEU B 170 20.22 -8.21 13.67
C LEU B 170 21.34 -7.97 14.71
N LYS B 171 22.54 -7.67 14.25
CA LYS B 171 23.66 -7.34 15.14
C LYS B 171 23.33 -6.18 16.03
N LYS B 172 22.79 -5.10 15.45
CA LYS B 172 22.45 -3.89 16.25
C LYS B 172 21.34 -4.23 17.29
N PHE B 173 20.39 -5.04 16.88
CA PHE B 173 19.29 -5.46 17.73
C PHE B 173 19.76 -6.23 18.97
N VAL B 174 20.69 -7.15 18.78
CA VAL B 174 21.23 -8.06 19.83
C VAL B 174 22.29 -7.37 20.72
N GLU B 175 23.00 -6.41 20.15
CA GLU B 175 24.18 -5.84 20.78
C GLU B 175 23.98 -5.30 22.17
N GLY B 176 22.87 -4.61 22.40
CA GLY B 176 22.58 -4.15 23.81
C GLY B 176 21.98 -5.16 24.81
N GLY B 177 21.87 -6.42 24.42
CA GLY B 177 21.29 -7.44 25.26
C GLY B 177 19.79 -7.54 25.22
N GLN B 178 19.10 -6.68 24.47
CA GLN B 178 17.63 -6.71 24.44
C GLN B 178 17.25 -7.63 23.30
N LEU B 179 17.37 -8.93 23.55
CA LEU B 179 17.15 -9.92 22.49
C LEU B 179 15.66 -10.17 22.16
N GLY B 180 14.75 -9.61 22.94
CA GLY B 180 13.34 -9.71 22.61
C GLY B 180 12.87 -11.14 22.47
N ILE B 181 12.22 -11.42 21.35
CA ILE B 181 11.71 -12.74 21.07
C ILE B 181 12.77 -13.85 20.90
N PHE B 182 14.03 -13.47 20.83
CA PHE B 182 15.11 -14.44 20.68
C PHE B 182 15.74 -14.79 22.02
N ARG B 183 15.28 -14.17 23.12
CA ARG B 183 15.91 -14.36 24.45
CA ARG B 183 15.97 -14.40 24.38
C ARG B 183 15.79 -15.82 24.89
N ASN B 184 16.88 -16.40 25.38
CA ASN B 184 16.86 -17.69 25.99
C ASN B 184 16.33 -18.80 25.06
N GLY B 185 16.53 -18.63 23.76
CA GLY B 185 16.21 -19.64 22.80
C GLY B 185 17.17 -20.82 22.83
N TYR B 186 16.97 -21.74 21.90
CA TYR B 186 17.69 -23.01 21.84
C TYR B 186 18.92 -22.93 20.95
N TRP B 187 19.37 -21.72 20.63
CA TRP B 187 20.42 -21.48 19.65
C TRP B 187 21.64 -22.29 20.04
N GLY B 188 22.23 -22.91 19.05
CA GLY B 188 23.41 -23.79 19.25
C GLY B 188 23.07 -25.24 19.53
N HIS B 189 21.79 -25.56 19.71
CA HIS B 189 21.38 -26.96 19.94
C HIS B 189 21.93 -27.79 18.77
N PRO B 190 22.38 -29.02 19.05
CA PRO B 190 22.92 -29.79 17.95
C PRO B 190 21.98 -30.14 16.80
N GLN B 191 20.66 -30.08 17.01
CA GLN B 191 19.72 -30.36 15.96
C GLN B 191 19.56 -29.19 14.97
N TYR B 192 20.14 -28.01 15.25
CA TYR B 192 20.20 -26.93 14.25
C TYR B 192 21.30 -27.29 13.25
N LYS B 193 20.89 -27.69 12.05
CA LYS B 193 21.79 -28.22 11.03
C LYS B 193 22.05 -27.30 9.84
N LEU B 194 21.39 -26.16 9.75
CA LEU B 194 21.66 -25.26 8.62
C LEU B 194 23.05 -24.62 8.77
N PRO B 195 23.75 -24.38 7.63
CA PRO B 195 24.95 -23.56 7.73
C PRO B 195 24.58 -22.07 7.93
N PRO B 196 25.56 -21.24 8.37
CA PRO B 196 25.25 -19.85 8.71
C PRO B 196 24.57 -19.06 7.61
N GLU B 197 24.96 -19.30 6.39
CA GLU B 197 24.38 -18.61 5.21
CA GLU B 197 24.38 -18.59 5.23
C GLU B 197 22.89 -18.94 5.05
N ALA B 198 22.52 -20.17 5.31
CA ALA B 198 21.10 -20.58 5.27
C ALA B 198 20.29 -19.98 6.41
N ASN B 199 20.92 -19.83 7.56
CA ASN B 199 20.29 -19.17 8.67
C ASN B 199 20.03 -17.70 8.39
N LEU B 200 20.98 -17.02 7.76
CA LEU B 200 20.77 -15.63 7.37
C LEU B 200 19.71 -15.47 6.30
N MET B 201 19.73 -16.30 5.28
CA MET B 201 18.69 -16.32 4.29
C MET B 201 17.30 -16.52 4.93
N GLY B 202 17.19 -17.49 5.83
CA GLY B 202 15.93 -17.81 6.44
C GLY B 202 15.44 -16.66 7.29
N PHE B 203 16.34 -16.04 8.04
CA PHE B 203 15.99 -14.90 8.86
C PHE B 203 15.52 -13.70 8.02
N ALA B 204 16.22 -13.44 6.94
CA ALA B 204 15.79 -12.41 6.04
C ALA B 204 14.36 -12.69 5.54
N HIS B 205 14.11 -13.93 5.18
CA HIS B 205 12.76 -14.30 4.71
C HIS B 205 11.69 -14.22 5.81
N TYR B 206 12.07 -14.52 7.04
CA TYR B 206 11.19 -14.32 8.20
C TYR B 206 10.69 -12.90 8.24
N LEU B 207 11.61 -11.95 8.08
CA LEU B 207 11.26 -10.54 8.12
C LEU B 207 10.43 -10.15 6.89
N GLU B 208 10.78 -10.64 5.71
CA GLU B 208 9.99 -10.37 4.51
C GLU B 208 8.58 -10.89 4.64
N ALA B 209 8.43 -12.08 5.23
CA ALA B 209 7.09 -12.66 5.40
C ALA B 209 6.27 -11.90 6.43
N LEU B 210 6.94 -11.44 7.48
CA LEU B 210 6.25 -10.65 8.50
C LEU B 210 5.71 -9.37 7.89
N ASP B 211 6.46 -8.77 6.98
CA ASP B 211 5.96 -7.60 6.27
C ASP B 211 4.83 -7.97 5.28
N PHE B 212 5.06 -8.97 4.47
CA PHE B 212 4.18 -9.26 3.36
C PHE B 212 2.83 -9.81 3.76
N GLN B 213 2.77 -10.56 4.86
CA GLN B 213 1.54 -11.20 5.24
C GLN B 213 0.37 -10.21 5.39
N ARG B 214 0.68 -8.96 5.76
CA ARG B 214 -0.38 -7.97 5.94
C ARG B 214 -1.11 -7.66 4.63
N GLU B 215 -0.44 -7.88 3.49
CA GLU B 215 -1.07 -7.60 2.21
C GLU B 215 -2.13 -8.61 1.80
N ILE B 216 -1.91 -9.86 2.15
CA ILE B 216 -2.71 -10.97 1.67
C ILE B 216 -4.17 -10.74 2.10
N VAL B 217 -4.34 -10.30 3.34
CA VAL B 217 -5.65 -10.18 3.93
C VAL B 217 -6.42 -8.96 3.45
N LYS B 218 -5.85 -8.12 2.61
CA LYS B 218 -6.60 -7.09 1.97
C LYS B 218 -7.75 -7.66 1.15
N ILE B 219 -7.63 -8.91 0.71
CA ILE B 219 -8.76 -9.58 -0.01
C ILE B 219 -9.95 -9.76 0.94
N HIS B 220 -9.66 -10.18 2.18
CA HIS B 220 -10.73 -10.25 3.19
C HIS B 220 -11.35 -8.87 3.48
N ALA B 221 -10.53 -7.82 3.49
CA ALA B 221 -11.06 -6.47 3.72
C ALA B 221 -12.02 -6.05 2.61
N VAL B 222 -11.67 -6.37 1.36
CA VAL B 222 -12.57 -5.97 0.26
C VAL B 222 -13.94 -6.67 0.40
N PHE B 223 -13.93 -8.01 0.50
CA PHE B 223 -15.19 -8.75 0.52
C PHE B 223 -15.89 -8.82 1.89
N GLY B 224 -15.11 -8.72 2.92
CA GLY B 224 -15.54 -8.94 4.31
C GLY B 224 -15.38 -7.78 5.27
N GLY B 225 -14.92 -6.63 4.80
CA GLY B 225 -14.82 -5.44 5.61
C GLY B 225 -13.55 -5.23 6.40
N LYS B 226 -12.96 -6.33 6.89
CA LYS B 226 -11.82 -6.22 7.81
C LYS B 226 -11.20 -7.59 7.97
N ASN B 227 -9.94 -7.58 8.40
CA ASN B 227 -9.23 -8.75 8.85
C ASN B 227 -8.27 -8.32 9.98
N PRO B 228 -8.28 -9.00 11.13
CA PRO B 228 -9.07 -10.22 11.45
C PRO B 228 -10.55 -10.02 11.53
N HIS B 229 -11.24 -11.16 11.43
CA HIS B 229 -12.68 -11.28 11.66
C HIS B 229 -13.57 -10.54 10.70
N PRO B 230 -13.55 -10.98 9.44
CA PRO B 230 -14.42 -10.38 8.44
C PRO B 230 -15.91 -10.73 8.68
N ASN B 231 -16.78 -10.07 7.94
CA ASN B 231 -18.20 -10.27 8.04
C ASN B 231 -18.75 -11.14 6.91
N TRP B 232 -19.85 -11.80 7.24
CA TRP B 232 -20.50 -12.81 6.40
C TRP B 232 -22.02 -12.65 6.56
N ILE B 233 -22.81 -13.35 5.71
CA ILE B 233 -24.23 -13.51 6.03
C ILE B 233 -24.71 -14.89 5.70
N VAL B 234 -25.73 -15.31 6.43
CA VAL B 234 -26.54 -16.45 6.00
C VAL B 234 -27.31 -16.05 4.76
N GLY B 235 -27.11 -16.82 3.71
CA GLY B 235 -27.68 -16.49 2.41
C GLY B 235 -26.71 -16.00 1.36
N GLY B 236 -25.45 -15.73 1.74
CA GLY B 236 -24.43 -15.40 0.77
C GLY B 236 -23.33 -14.58 1.38
N MET B 237 -23.11 -13.40 0.81
CA MET B 237 -22.19 -12.43 1.38
C MET B 237 -22.83 -11.06 1.32
N PRO B 238 -22.40 -10.14 2.19
CA PRO B 238 -23.01 -8.81 2.20
C PRO B 238 -22.42 -7.82 1.21
N CYS B 239 -21.34 -8.20 0.53
CA CYS B 239 -20.62 -7.34 -0.38
C CYS B 239 -21.23 -7.28 -1.78
N ALA B 240 -22.30 -6.52 -1.86
CA ALA B 240 -23.04 -6.32 -3.08
C ALA B 240 -22.10 -5.78 -4.16
N ILE B 241 -22.35 -6.24 -5.38
CA ILE B 241 -21.57 -5.90 -6.54
C ILE B 241 -22.32 -4.93 -7.45
N ASN B 242 -21.59 -3.96 -7.97
CA ASN B 242 -22.12 -3.01 -8.94
C ASN B 242 -20.92 -2.57 -9.74
N ILE B 243 -20.87 -3.00 -10.99
CA ILE B 243 -19.80 -2.67 -11.90
C ILE B 243 -20.08 -1.48 -12.79
N ASP B 244 -21.29 -1.35 -13.31
CA ASP B 244 -21.54 -0.39 -14.42
C ASP B 244 -22.75 0.47 -14.24
N GLU B 245 -23.26 0.58 -13.02
CA GLU B 245 -24.43 1.40 -12.74
C GLU B 245 -24.10 2.50 -11.76
N SER B 246 -24.98 3.48 -11.71
CA SER B 246 -24.85 4.55 -10.74
C SER B 246 -24.76 3.99 -9.34
N GLY B 247 -23.90 4.63 -8.56
CA GLY B 247 -23.68 4.21 -7.20
C GLY B 247 -22.68 3.08 -7.02
N ALA B 248 -21.93 2.73 -8.04
CA ALA B 248 -20.92 1.67 -7.92
C ALA B 248 -19.86 2.03 -6.90
N VAL B 249 -19.71 3.32 -6.63
CA VAL B 249 -18.84 3.79 -5.57
C VAL B 249 -19.22 3.21 -4.20
N GLY B 250 -20.45 2.77 -4.07
CA GLY B 250 -20.98 2.16 -2.83
C GLY B 250 -20.94 0.66 -2.77
N ALA B 251 -20.23 0.00 -3.67
CA ALA B 251 -20.29 -1.45 -3.82
C ALA B 251 -18.96 -2.02 -4.28
N VAL B 252 -18.91 -3.35 -4.46
CA VAL B 252 -17.76 -3.95 -5.08
C VAL B 252 -17.82 -3.61 -6.55
N ASN B 253 -16.85 -2.83 -6.98
CA ASN B 253 -16.81 -2.26 -8.33
C ASN B 253 -15.49 -2.66 -9.00
N MET B 254 -15.24 -2.17 -10.22
CA MET B 254 -14.01 -2.59 -10.91
CA MET B 254 -14.02 -2.58 -10.93
C MET B 254 -12.72 -2.21 -10.18
N GLU B 255 -12.72 -1.05 -9.52
CA GLU B 255 -11.52 -0.67 -8.76
C GLU B 255 -11.27 -1.65 -7.61
N ARG B 256 -12.32 -2.07 -6.91
CA ARG B 256 -12.18 -3.04 -5.82
C ARG B 256 -11.67 -4.38 -6.35
N LEU B 257 -12.25 -4.82 -7.47
CA LEU B 257 -11.79 -6.05 -8.08
C LEU B 257 -10.34 -5.99 -8.58
N ASN B 258 -9.93 -4.85 -9.11
CA ASN B 258 -8.56 -4.64 -9.49
C ASN B 258 -7.63 -4.77 -8.28
N LEU B 259 -8.05 -4.22 -7.13
CA LEU B 259 -7.24 -4.40 -5.93
C LEU B 259 -7.06 -5.88 -5.61
N VAL B 260 -8.16 -6.63 -5.63
CA VAL B 260 -8.09 -8.07 -5.32
C VAL B 260 -7.10 -8.78 -6.29
N GLN B 261 -7.22 -8.49 -7.58
CA GLN B 261 -6.30 -9.13 -8.56
C GLN B 261 -4.85 -8.82 -8.22
N SER B 262 -4.57 -7.56 -7.90
CA SER B 262 -3.20 -7.18 -7.56
C SER B 262 -2.66 -8.01 -6.38
N ILE B 263 -3.48 -8.16 -5.36
CA ILE B 263 -3.05 -8.94 -4.20
C ILE B 263 -2.83 -10.43 -4.55
N ILE B 264 -3.69 -11.00 -5.37
CA ILE B 264 -3.57 -12.39 -5.72
C ILE B 264 -2.20 -12.63 -6.38
N THR B 265 -1.84 -11.77 -7.34
CA THR B 265 -0.61 -11.90 -8.10
C THR B 265 0.61 -11.85 -7.16
N ARG B 266 0.57 -10.86 -6.25
CA ARG B 266 1.68 -10.71 -5.32
C ARG B 266 1.80 -11.89 -4.35
N THR B 267 0.68 -12.41 -3.91
CA THR B 267 0.61 -13.52 -2.99
C THR B 267 1.19 -14.76 -3.61
N ALA B 268 0.78 -15.08 -4.82
CA ALA B 268 1.35 -16.22 -5.52
C ALA B 268 2.88 -16.09 -5.73
N ASP B 269 3.34 -14.91 -6.10
CA ASP B 269 4.76 -14.65 -6.32
CA ASP B 269 4.75 -14.70 -6.32
C ASP B 269 5.54 -14.91 -5.02
N PHE B 270 5.02 -14.41 -3.92
CA PHE B 270 5.73 -14.57 -2.63
C PHE B 270 5.82 -16.04 -2.22
N ILE B 271 4.70 -16.71 -2.25
CA ILE B 271 4.63 -18.12 -1.85
C ILE B 271 5.50 -18.99 -2.76
N ASN B 272 5.42 -18.78 -4.07
CA ASN B 272 6.15 -19.65 -5.01
C ASN B 272 7.63 -19.44 -4.97
N ASN B 273 8.07 -18.22 -4.68
CA ASN B 273 9.51 -17.89 -4.80
C ASN B 273 10.25 -17.66 -3.51
N VAL B 274 9.53 -17.62 -2.39
CA VAL B 274 10.14 -17.47 -1.07
C VAL B 274 9.82 -18.70 -0.23
N MET B 275 8.55 -18.94 0.08
CA MET B 275 8.19 -20.02 0.99
C MET B 275 8.51 -21.39 0.41
N ILE B 276 8.13 -21.64 -0.85
CA ILE B 276 8.37 -22.96 -1.43
C ILE B 276 9.86 -23.33 -1.45
N PRO B 277 10.76 -22.49 -1.97
CA PRO B 277 12.17 -22.87 -1.95
C PRO B 277 12.72 -23.01 -0.54
N ASP B 278 12.22 -22.21 0.41
CA ASP B 278 12.69 -22.32 1.80
C ASP B 278 12.27 -23.67 2.42
N ALA B 279 11.06 -24.12 2.15
CA ALA B 279 10.58 -25.39 2.65
C ALA B 279 11.41 -26.53 2.09
N LEU B 280 11.70 -26.48 0.79
CA LEU B 280 12.50 -27.51 0.14
C LEU B 280 13.90 -27.54 0.73
N ALA B 281 14.47 -26.37 0.97
CA ALA B 281 15.81 -26.25 1.61
C ALA B 281 15.82 -26.82 3.02
N ILE B 282 14.80 -26.52 3.82
CA ILE B 282 14.69 -27.16 5.14
C ILE B 282 14.71 -28.69 4.96
N GLY B 283 13.95 -29.19 4.03
CA GLY B 283 13.99 -30.62 3.73
C GLY B 283 15.36 -31.14 3.38
N GLN B 284 16.07 -30.40 2.53
CA GLN B 284 17.38 -30.89 2.05
C GLN B 284 18.40 -31.00 3.17
N PHE B 285 18.36 -30.09 4.13
CA PHE B 285 19.34 -30.04 5.21
C PHE B 285 18.88 -30.78 6.48
N ASN B 286 17.67 -31.33 6.49
CA ASN B 286 17.09 -32.00 7.69
C ASN B 286 16.42 -33.31 7.33
N LYS B 287 17.03 -34.06 6.40
CA LYS B 287 16.44 -35.32 5.97
C LYS B 287 16.12 -36.34 7.03
N PRO B 288 16.91 -36.42 8.13
CA PRO B 288 16.54 -37.35 9.20
C PRO B 288 15.13 -37.14 9.78
N TRP B 289 14.61 -35.91 9.66
CA TRP B 289 13.28 -35.60 10.14
C TRP B 289 12.17 -36.13 9.23
N SER B 290 12.53 -36.77 8.12
CA SER B 290 11.57 -37.57 7.35
C SER B 290 11.25 -38.89 8.00
N GLU B 291 11.96 -39.23 9.08
CA GLU B 291 11.74 -40.49 9.80
C GLU B 291 11.35 -40.29 11.25
N ILE B 292 11.04 -39.04 11.63
CA ILE B 292 10.69 -38.70 13.00
C ILE B 292 9.29 -38.13 12.96
N GLY B 293 8.48 -38.43 13.99
CA GLY B 293 7.16 -37.81 14.14
C GLY B 293 6.10 -38.32 13.21
N THR B 294 6.25 -39.56 12.73
CA THR B 294 5.23 -40.16 11.92
C THR B 294 3.88 -40.17 12.58
N GLY B 295 3.84 -40.68 13.78
CA GLY B 295 2.60 -40.78 14.50
C GLY B 295 1.54 -41.56 13.77
N LEU B 296 0.34 -40.99 13.73
CA LEU B 296 -0.80 -41.63 13.08
C LEU B 296 -0.81 -41.44 11.58
N SER B 297 0.13 -40.70 10.99
CA SER B 297 0.06 -40.42 9.56
C SER B 297 0.28 -41.62 8.66
N ASP B 298 0.82 -42.73 9.21
CA ASP B 298 0.85 -43.99 8.45
C ASP B 298 -0.21 -44.99 8.87
N LYS B 299 -1.20 -44.51 9.61
CA LYS B 299 -2.22 -45.38 10.19
C LYS B 299 -3.63 -44.83 9.85
N CYS B 300 -3.97 -43.64 10.31
CA CYS B 300 -5.31 -43.15 10.26
C CYS B 300 -5.33 -41.67 9.96
N VAL B 301 -5.94 -41.31 8.82
CA VAL B 301 -5.99 -39.90 8.40
C VAL B 301 -7.38 -39.56 7.91
N LEU B 302 -7.76 -38.29 8.06
CA LEU B 302 -9.10 -37.81 7.84
C LEU B 302 -9.14 -36.45 7.17
N SER B 303 -9.99 -36.35 6.15
CA SER B 303 -10.39 -35.09 5.53
C SER B 303 -11.87 -35.08 5.27
N TYR B 304 -12.54 -33.96 5.51
CA TYR B 304 -13.92 -33.80 5.11
C TYR B 304 -14.07 -33.30 3.69
N GLY B 305 -13.05 -32.63 3.19
CA GLY B 305 -13.11 -31.98 1.91
C GLY B 305 -13.60 -30.54 2.00
N ALA B 306 -13.34 -29.78 0.94
CA ALA B 306 -13.59 -28.34 0.95
C ALA B 306 -13.61 -27.76 -0.44
N PHE B 307 -13.99 -26.49 -0.50
CA PHE B 307 -14.00 -25.70 -1.74
C PHE B 307 -15.00 -26.27 -2.75
N PRO B 308 -16.29 -26.21 -2.42
CA PRO B 308 -17.28 -26.66 -3.40
C PRO B 308 -17.27 -25.77 -4.63
N ASP B 309 -17.04 -26.37 -5.80
CA ASP B 309 -16.97 -25.59 -7.03
C ASP B 309 -18.31 -25.40 -7.67
N ILE B 310 -19.24 -26.29 -7.35
CA ILE B 310 -20.63 -26.17 -7.78
C ILE B 310 -21.39 -25.62 -6.59
N ALA B 311 -21.96 -24.44 -6.72
CA ALA B 311 -22.62 -23.80 -5.60
C ALA B 311 -23.69 -24.70 -5.00
N ASN B 312 -23.65 -24.80 -3.67
CA ASN B 312 -24.60 -25.55 -2.88
C ASN B 312 -24.50 -27.06 -3.04
N ASP B 313 -23.45 -27.54 -3.68
CA ASP B 313 -23.20 -28.98 -3.88
C ASP B 313 -21.93 -29.34 -3.11
N PHE B 314 -22.10 -30.14 -2.07
CA PHE B 314 -20.98 -30.55 -1.21
C PHE B 314 -20.53 -31.98 -1.45
N GLY B 315 -20.94 -32.55 -2.58
CA GLY B 315 -20.54 -33.89 -2.98
C GLY B 315 -19.15 -33.96 -3.58
N GLU B 316 -18.70 -35.19 -3.79
CA GLU B 316 -17.41 -35.48 -4.34
C GLU B 316 -17.11 -34.81 -5.69
N LYS B 317 -18.09 -34.67 -6.57
CA LYS B 317 -17.82 -34.06 -7.87
C LYS B 317 -17.65 -32.57 -7.77
N SER B 318 -18.05 -31.99 -6.66
CA SER B 318 -17.96 -30.54 -6.47
C SER B 318 -16.75 -30.08 -5.70
N LEU B 319 -16.38 -30.80 -4.63
CA LEU B 319 -15.31 -30.37 -3.75
C LEU B 319 -13.94 -30.40 -4.42
N LEU B 320 -13.26 -29.25 -4.48
CA LEU B 320 -11.94 -29.22 -5.11
C LEU B 320 -10.82 -29.82 -4.25
N MET B 321 -11.05 -29.83 -2.93
CA MET B 321 -10.15 -30.45 -1.98
C MET B 321 -10.85 -31.72 -1.51
N PRO B 322 -10.28 -32.91 -1.85
CA PRO B 322 -10.97 -34.16 -1.58
C PRO B 322 -11.17 -34.49 -0.12
N GLY B 323 -12.31 -35.13 0.17
CA GLY B 323 -12.57 -35.75 1.48
C GLY B 323 -12.41 -37.27 1.48
N GLY B 324 -12.26 -37.84 2.68
CA GLY B 324 -12.11 -39.24 2.83
C GLY B 324 -11.41 -39.60 4.11
N ALA B 325 -11.44 -40.89 4.47
CA ALA B 325 -10.75 -41.39 5.63
C ALA B 325 -9.99 -42.68 5.31
N VAL B 326 -8.83 -42.81 5.91
CA VAL B 326 -8.06 -44.05 5.90
C VAL B 326 -7.88 -44.53 7.33
N ILE B 327 -8.08 -45.84 7.54
CA ILE B 327 -7.80 -46.45 8.84
C ILE B 327 -6.93 -47.68 8.66
N ASN B 328 -6.26 -48.07 9.76
CA ASN B 328 -5.46 -49.30 9.83
C ASN B 328 -4.36 -49.37 8.79
N GLY B 329 -3.86 -48.22 8.37
CA GLY B 329 -2.79 -48.16 7.39
C GLY B 329 -3.18 -48.60 5.99
N ASP B 330 -4.49 -48.73 5.73
CA ASP B 330 -4.98 -49.23 4.47
C ASP B 330 -5.29 -48.07 3.51
N PHE B 331 -4.23 -47.55 2.91
CA PHE B 331 -4.35 -46.43 1.98
C PHE B 331 -4.93 -46.80 0.64
N ASN B 332 -5.11 -48.09 0.37
CA ASN B 332 -5.81 -48.51 -0.84
C ASN B 332 -7.31 -48.45 -0.72
N ASN B 333 -7.83 -48.10 0.45
CA ASN B 333 -9.28 -48.03 0.59
CA ASN B 333 -9.27 -48.08 0.68
C ASN B 333 -9.63 -46.74 1.31
N VAL B 334 -9.79 -45.70 0.53
CA VAL B 334 -10.20 -44.41 1.08
C VAL B 334 -11.71 -44.48 1.27
N LEU B 335 -12.15 -44.27 2.48
CA LEU B 335 -13.53 -44.48 2.91
C LEU B 335 -14.31 -43.17 2.90
N PRO B 336 -15.61 -43.20 2.57
CA PRO B 336 -16.42 -42.00 2.58
C PRO B 336 -16.77 -41.58 4.00
N VAL B 337 -16.89 -40.27 4.21
CA VAL B 337 -17.23 -39.72 5.52
C VAL B 337 -18.63 -39.10 5.45
N ASP B 338 -19.45 -39.38 6.47
CA ASP B 338 -20.81 -38.86 6.61
CA ASP B 338 -20.76 -38.81 6.60
C ASP B 338 -20.92 -38.24 7.99
N LEU B 339 -21.11 -36.93 8.06
CA LEU B 339 -21.14 -36.19 9.30
C LEU B 339 -22.45 -36.26 10.05
N VAL B 340 -23.48 -36.88 9.45
CA VAL B 340 -24.74 -37.09 10.10
C VAL B 340 -24.78 -38.50 10.79
N ASP B 341 -23.94 -39.41 10.33
CA ASP B 341 -23.95 -40.81 10.79
C ASP B 341 -23.48 -40.86 12.26
N PRO B 342 -24.36 -41.31 13.19
CA PRO B 342 -23.95 -41.30 14.59
C PRO B 342 -22.84 -42.28 14.95
N GLN B 343 -22.52 -43.20 14.06
CA GLN B 343 -21.46 -44.17 14.29
C GLN B 343 -20.09 -43.70 13.80
N GLN B 344 -20.05 -42.53 13.14
CA GLN B 344 -18.79 -42.03 12.57
C GLN B 344 -18.11 -41.07 13.54
N VAL B 345 -18.40 -39.78 13.49
CA VAL B 345 -17.74 -38.86 14.44
C VAL B 345 -18.38 -38.91 15.80
N GLN B 346 -17.57 -39.20 16.81
CA GLN B 346 -18.04 -39.17 18.20
CA GLN B 346 -18.03 -39.19 18.21
C GLN B 346 -16.93 -38.57 19.04
N GLU B 347 -17.34 -37.92 20.12
CA GLU B 347 -16.40 -37.35 21.07
C GLU B 347 -16.52 -38.00 22.43
N PHE B 348 -15.36 -38.28 23.00
CA PHE B 348 -15.24 -38.89 24.32
C PHE B 348 -14.65 -37.90 25.31
N VAL B 349 -15.08 -38.01 26.56
CA VAL B 349 -14.61 -37.14 27.62
C VAL B 349 -14.12 -37.85 28.87
N ASP B 350 -13.84 -39.14 28.79
CA ASP B 350 -13.30 -39.82 29.98
C ASP B 350 -11.94 -39.34 30.45
N HIS B 351 -11.18 -38.71 29.54
CA HIS B 351 -9.88 -38.09 29.89
C HIS B 351 -9.89 -36.58 29.73
N ALA B 352 -11.07 -35.99 29.71
CA ALA B 352 -11.20 -34.51 29.55
C ALA B 352 -12.08 -33.93 30.65
N TRP B 353 -11.98 -32.63 30.83
CA TRP B 353 -12.65 -31.91 31.91
C TRP B 353 -14.09 -31.53 31.61
N TYR B 354 -14.89 -32.55 31.34
CA TYR B 354 -16.30 -32.41 31.00
C TYR B 354 -17.10 -33.53 31.66
N ARG B 355 -18.40 -33.30 31.81
CA ARG B 355 -19.31 -34.30 32.35
C ARG B 355 -20.22 -34.87 31.25
N TYR B 356 -20.26 -36.21 31.12
CA TYR B 356 -21.30 -36.88 30.39
C TYR B 356 -22.07 -37.76 31.38
N PRO B 357 -23.30 -38.15 31.03
CA PRO B 357 -24.03 -39.14 31.88
C PRO B 357 -23.30 -40.46 31.93
N ASN B 358 -22.65 -40.87 30.83
CA ASN B 358 -21.81 -42.06 30.79
C ASN B 358 -20.54 -41.69 30.03
N ASP B 359 -19.43 -41.49 30.75
CA ASP B 359 -18.15 -41.12 30.12
C ASP B 359 -17.39 -42.25 29.43
N GLN B 360 -17.98 -43.44 29.38
CA GLN B 360 -17.38 -44.53 28.69
C GLN B 360 -17.86 -44.66 27.27
N VAL B 361 -18.78 -43.77 26.86
CA VAL B 361 -19.28 -43.80 25.50
C VAL B 361 -19.06 -42.46 24.85
N GLY B 362 -18.97 -42.52 23.55
CA GLY B 362 -18.78 -41.35 22.72
C GLY B 362 -20.08 -40.79 22.25
N ARG B 363 -20.14 -39.48 22.04
CA ARG B 363 -21.35 -38.82 21.60
C ARG B 363 -21.10 -38.14 20.27
N HIS B 364 -21.97 -38.45 19.29
CA HIS B 364 -22.00 -37.73 18.03
C HIS B 364 -22.39 -36.26 18.36
N PRO B 365 -21.91 -35.29 17.53
CA PRO B 365 -22.18 -33.89 17.94
C PRO B 365 -23.64 -33.46 17.99
N PHE B 366 -24.58 -34.12 17.27
CA PHE B 366 -25.99 -33.76 17.44
C PHE B 366 -26.53 -34.22 18.81
N ASP B 367 -25.77 -35.08 19.49
CA ASP B 367 -26.04 -35.53 20.85
C ASP B 367 -24.97 -34.98 21.82
N GLY B 368 -24.24 -33.95 21.40
CA GLY B 368 -23.11 -33.49 22.17
C GLY B 368 -23.51 -32.76 23.43
N ILE B 369 -22.60 -32.73 24.38
CA ILE B 369 -22.83 -32.11 25.67
C ILE B 369 -21.54 -31.38 26.00
N THR B 370 -21.68 -30.13 26.41
CA THR B 370 -20.54 -29.32 26.86
C THR B 370 -20.85 -28.77 28.26
N ASP B 371 -20.50 -29.60 29.24
CA ASP B 371 -20.75 -29.34 30.67
C ASP B 371 -19.39 -29.42 31.37
N PRO B 372 -18.73 -28.25 31.52
CA PRO B 372 -17.35 -28.26 32.02
C PRO B 372 -17.24 -28.79 33.42
N TRP B 373 -16.18 -29.54 33.66
CA TRP B 373 -15.93 -30.13 34.97
C TRP B 373 -14.44 -30.24 35.20
N TYR B 374 -13.90 -29.22 35.85
CA TYR B 374 -12.46 -29.20 36.13
C TYR B 374 -12.21 -30.17 37.30
N ASN B 375 -11.53 -31.26 37.00
CA ASN B 375 -11.33 -32.37 37.92
C ASN B 375 -10.04 -33.06 37.53
N PRO B 376 -8.91 -32.53 38.02
CA PRO B 376 -7.61 -33.05 37.60
C PRO B 376 -7.14 -34.24 38.40
N GLY B 377 -7.84 -34.55 39.50
CA GLY B 377 -7.40 -35.66 40.37
C GLY B 377 -6.08 -35.36 41.02
N ASP B 378 -5.28 -36.39 41.31
CA ASP B 378 -3.96 -36.16 41.95
C ASP B 378 -2.94 -35.73 40.89
N VAL B 379 -2.43 -34.50 41.01
CA VAL B 379 -1.51 -33.88 40.07
C VAL B 379 -0.17 -33.44 40.78
N LYS B 380 0.09 -34.08 41.90
CA LYS B 380 1.34 -33.81 42.64
C LYS B 380 1.50 -32.34 43.08
N GLY B 381 0.39 -31.71 43.39
CA GLY B 381 0.37 -30.34 43.80
C GLY B 381 -0.98 -30.07 44.39
N SER B 382 -1.82 -29.37 43.63
CA SER B 382 -3.15 -29.07 44.07
C SER B 382 -3.96 -28.77 42.82
N ASP B 383 -5.26 -28.57 43.00
CA ASP B 383 -6.13 -28.20 41.88
C ASP B 383 -5.68 -26.88 41.20
N THR B 384 -4.94 -26.00 41.91
CA THR B 384 -4.45 -24.76 41.33
C THR B 384 -2.94 -24.75 41.16
N ASN B 385 -2.33 -25.93 41.21
CA ASN B 385 -0.92 -26.06 41.01
C ASN B 385 -0.66 -27.46 40.43
N ILE B 386 -0.79 -27.56 39.11
CA ILE B 386 -0.54 -28.79 38.45
C ILE B 386 0.97 -28.97 38.25
N GLN B 387 1.58 -29.87 39.02
CA GLN B 387 2.96 -30.21 38.80
C GLN B 387 3.13 -31.32 37.79
N GLN B 388 2.23 -32.29 37.81
CA GLN B 388 2.23 -33.41 36.85
CA GLN B 388 2.22 -33.39 36.83
C GLN B 388 0.78 -33.81 36.58
N LEU B 389 0.32 -33.61 35.35
CA LEU B 389 -1.00 -34.09 34.98
C LEU B 389 -1.15 -35.58 35.23
N ASN B 390 -2.38 -36.01 35.50
CA ASN B 390 -2.65 -37.39 35.72
C ASN B 390 -3.37 -37.96 34.49
N GLU B 391 -2.60 -38.50 33.57
CA GLU B 391 -3.10 -38.98 32.31
C GLU B 391 -3.88 -40.27 32.41
N GLN B 392 -3.92 -40.91 33.59
CA GLN B 392 -4.87 -42.00 33.86
C GLN B 392 -6.27 -41.50 34.10
N GLU B 393 -6.41 -40.20 34.36
CA GLU B 393 -7.68 -39.61 34.66
C GLU B 393 -7.90 -38.44 33.68
N ARG B 394 -8.55 -37.37 34.13
CA ARG B 394 -8.87 -36.27 33.19
C ARG B 394 -7.75 -35.28 33.18
N TYR B 395 -7.33 -34.87 31.96
CA TYR B 395 -6.13 -34.07 31.84
C TYR B 395 -6.13 -32.96 30.82
N SER B 396 -7.29 -32.58 30.28
CA SER B 396 -7.34 -31.59 29.20
C SER B 396 -8.73 -30.96 29.09
N TRP B 397 -8.76 -29.71 28.59
CA TRP B 397 -9.97 -29.07 28.13
C TRP B 397 -10.36 -29.46 26.71
N ILE B 398 -9.62 -30.33 26.07
CA ILE B 398 -9.91 -30.75 24.71
C ILE B 398 -10.67 -32.07 24.78
N LYS B 399 -11.83 -32.16 24.11
CA LYS B 399 -12.54 -33.44 23.96
C LYS B 399 -11.77 -34.37 23.03
N ALA B 400 -12.08 -35.65 23.07
CA ALA B 400 -11.41 -36.65 22.26
C ALA B 400 -12.30 -37.13 21.10
N PRO B 401 -12.13 -36.59 19.89
CA PRO B 401 -12.90 -37.08 18.75
C PRO B 401 -12.30 -38.35 18.18
N ARG B 402 -13.17 -39.23 17.71
CA ARG B 402 -12.77 -40.44 17.04
C ARG B 402 -13.70 -40.58 15.81
N TRP B 403 -13.23 -41.36 14.81
CA TRP B 403 -14.00 -41.64 13.64
C TRP B 403 -14.17 -43.15 13.56
N ARG B 404 -15.41 -43.62 13.69
CA ARG B 404 -15.68 -45.07 13.80
C ARG B 404 -14.82 -45.73 14.90
N GLY B 405 -14.57 -44.96 15.95
CA GLY B 405 -13.76 -45.42 17.07
C GLY B 405 -12.27 -45.31 16.90
N ASN B 406 -11.82 -44.81 15.75
CA ASN B 406 -10.41 -44.73 15.43
C ASN B 406 -9.88 -43.30 15.74
N ALA B 407 -8.67 -43.23 16.27
CA ALA B 407 -7.98 -41.95 16.44
C ALA B 407 -7.31 -41.58 15.10
N MET B 408 -7.56 -40.34 14.67
CA MET B 408 -7.21 -39.85 13.34
C MET B 408 -6.25 -38.64 13.42
N GLU B 409 -5.40 -38.49 12.40
CA GLU B 409 -4.69 -37.25 12.13
C GLU B 409 -5.42 -36.46 11.04
N VAL B 410 -5.51 -35.14 11.24
CA VAL B 410 -6.08 -34.23 10.25
C VAL B 410 -5.05 -33.16 9.89
N GLY B 411 -5.30 -32.44 8.80
CA GLY B 411 -4.42 -31.33 8.39
C GLY B 411 -3.78 -31.55 7.05
N PRO B 412 -2.78 -30.68 6.71
CA PRO B 412 -2.22 -30.73 5.38
C PRO B 412 -1.65 -32.06 4.95
N LEU B 413 -0.93 -32.76 5.82
CA LEU B 413 -0.39 -34.10 5.46
C LEU B 413 -1.53 -35.10 5.25
N ALA B 414 -2.50 -35.09 6.16
CA ALA B 414 -3.70 -35.97 6.00
C ALA B 414 -4.38 -35.71 4.68
N ARG B 415 -4.61 -34.44 4.36
CA ARG B 415 -5.27 -34.10 3.10
C ARG B 415 -4.47 -34.55 1.89
N THR B 416 -3.16 -34.36 1.95
CA THR B 416 -2.31 -34.74 0.88
C THR B 416 -2.37 -36.24 0.64
N LEU B 417 -2.30 -37.01 1.73
CA LEU B 417 -2.38 -38.46 1.61
C LEU B 417 -3.73 -38.91 1.05
N ILE B 418 -4.83 -38.31 1.49
CA ILE B 418 -6.13 -38.66 0.96
C ILE B 418 -6.17 -38.38 -0.53
N ALA B 419 -5.80 -37.17 -0.93
CA ALA B 419 -5.85 -36.81 -2.34
C ALA B 419 -4.95 -37.74 -3.18
N TYR B 420 -3.74 -37.98 -2.70
CA TYR B 420 -2.81 -38.87 -3.39
C TYR B 420 -3.43 -40.24 -3.62
N HIS B 421 -4.00 -40.84 -2.58
CA HIS B 421 -4.51 -42.19 -2.66
C HIS B 421 -5.90 -42.29 -3.30
N LYS B 422 -6.61 -41.17 -3.48
CA LYS B 422 -7.82 -41.12 -4.35
C LYS B 422 -7.45 -40.95 -5.81
N GLY B 423 -6.16 -40.70 -6.08
CA GLY B 423 -5.63 -40.60 -7.42
C GLY B 423 -5.80 -39.22 -8.02
N ASP B 424 -5.83 -38.17 -7.18
CA ASP B 424 -5.80 -36.80 -7.72
C ASP B 424 -4.50 -36.58 -8.49
N ALA B 425 -4.63 -36.34 -9.80
CA ALA B 425 -3.45 -36.32 -10.68
C ALA B 425 -2.42 -35.27 -10.28
N ALA B 426 -2.90 -34.07 -9.98
CA ALA B 426 -2.00 -32.95 -9.61
C ALA B 426 -1.23 -33.28 -8.34
N THR B 427 -1.93 -33.87 -7.36
CA THR B 427 -1.29 -34.22 -6.10
C THR B 427 -0.26 -35.34 -6.28
N VAL B 428 -0.63 -36.38 -7.01
CA VAL B 428 0.32 -37.48 -7.25
C VAL B 428 1.61 -36.92 -7.87
N GLU B 429 1.45 -36.11 -8.92
CA GLU B 429 2.58 -35.53 -9.62
C GLU B 429 3.44 -34.64 -8.73
N SER B 430 2.81 -33.76 -7.93
CA SER B 430 3.54 -32.85 -7.02
C SER B 430 4.31 -33.62 -5.94
N VAL B 431 3.63 -34.57 -5.29
CA VAL B 431 4.24 -35.35 -4.21
C VAL B 431 5.41 -36.15 -4.76
N ASP B 432 5.20 -36.86 -5.86
CA ASP B 432 6.26 -37.67 -6.42
C ASP B 432 7.50 -36.81 -6.79
N ARG B 433 7.26 -35.65 -7.41
CA ARG B 433 8.36 -34.76 -7.80
C ARG B 433 9.12 -34.22 -6.58
N MET B 434 8.38 -33.93 -5.51
CA MET B 434 8.98 -33.38 -4.30
C MET B 434 9.87 -34.41 -3.60
N MET B 435 9.36 -35.62 -3.45
CA MET B 435 10.11 -36.68 -2.79
C MET B 435 11.32 -37.11 -3.63
N SER B 436 11.16 -37.14 -4.96
CA SER B 436 12.30 -37.36 -5.86
CA SER B 436 12.30 -37.38 -5.86
C SER B 436 13.39 -36.31 -5.70
N ALA B 437 12.99 -35.04 -5.64
CA ALA B 437 13.96 -33.93 -5.49
C ALA B 437 14.77 -33.99 -4.18
N LEU B 438 14.16 -34.56 -3.15
CA LEU B 438 14.81 -34.79 -1.86
C LEU B 438 15.52 -36.14 -1.80
N ASN B 439 15.35 -36.95 -2.85
CA ASN B 439 15.91 -38.30 -2.87
CA ASN B 439 15.88 -38.33 -2.88
C ASN B 439 15.45 -39.10 -1.64
N LEU B 440 14.14 -39.04 -1.36
CA LEU B 440 13.53 -39.78 -0.26
C LEU B 440 12.41 -40.65 -0.80
N PRO B 441 12.14 -41.78 -0.10
CA PRO B 441 10.96 -42.57 -0.48
C PRO B 441 9.67 -41.83 -0.16
N LEU B 442 8.58 -42.23 -0.78
CA LEU B 442 7.27 -41.64 -0.52
C LEU B 442 6.90 -41.67 0.96
N SER B 443 7.30 -42.71 1.67
CA SER B 443 7.01 -42.86 3.08
C SER B 443 7.65 -41.74 3.92
N GLY B 444 8.68 -41.08 3.37
CA GLY B 444 9.25 -39.94 4.02
C GLY B 444 8.31 -38.75 4.21
N ILE B 445 7.20 -38.72 3.49
CA ILE B 445 6.23 -37.67 3.67
C ILE B 445 5.46 -37.85 4.99
N GLN B 446 5.41 -39.07 5.52
CA GLN B 446 4.64 -39.36 6.72
C GLN B 446 5.56 -39.15 7.91
N SER B 447 5.71 -37.88 8.29
CA SER B 447 6.75 -37.43 9.22
C SER B 447 6.56 -36.00 9.55
N THR B 448 7.30 -35.57 10.57
CA THR B 448 7.34 -34.14 10.91
C THR B 448 7.79 -33.30 9.72
N LEU B 449 8.83 -33.74 9.02
CA LEU B 449 9.29 -32.97 7.84
C LEU B 449 8.18 -32.92 6.79
N GLY B 450 7.54 -34.06 6.56
CA GLY B 450 6.46 -34.10 5.59
C GLY B 450 5.29 -33.17 5.88
N ARG B 451 4.95 -32.99 7.15
CA ARG B 451 3.88 -32.07 7.52
C ARG B 451 4.20 -30.65 7.04
N ILE B 452 5.46 -30.25 7.23
CA ILE B 452 5.92 -28.94 6.80
C ILE B 452 5.90 -28.79 5.30
N LEU B 453 6.41 -29.81 4.61
CA LEU B 453 6.44 -29.78 3.14
C LEU B 453 5.04 -29.73 2.56
N CYS B 454 4.12 -30.50 3.13
CA CYS B 454 2.72 -30.50 2.66
C CYS B 454 2.05 -29.15 2.86
N ARG B 455 2.31 -28.54 3.99
CA ARG B 455 1.72 -27.22 4.24
C ARG B 455 2.19 -26.19 3.24
N ALA B 456 3.50 -26.18 2.94
CA ALA B 456 3.99 -25.28 1.93
C ALA B 456 3.36 -25.53 0.59
N HIS B 457 3.26 -26.81 0.18
N HIS B 457 3.25 -26.80 0.18
CA HIS B 457 2.57 -27.21 -1.05
CA HIS B 457 2.65 -27.07 -1.09
C HIS B 457 1.16 -26.65 -1.09
C HIS B 457 1.14 -26.73 -1.12
N GLU B 458 0.45 -26.78 0.02
CA GLU B 458 -0.90 -26.28 0.08
C GLU B 458 -0.99 -24.78 -0.10
N ALA B 459 -0.02 -24.05 0.42
CA ALA B 459 -0.05 -22.60 0.26
C ALA B 459 0.04 -22.26 -1.24
N GLN B 460 0.89 -22.99 -1.95
CA GLN B 460 1.01 -22.85 -3.41
C GLN B 460 -0.28 -23.21 -4.12
N TRP B 461 -0.89 -24.33 -3.73
CA TRP B 461 -2.17 -24.78 -4.32
C TRP B 461 -3.27 -23.70 -4.12
N ALA B 462 -3.32 -23.15 -2.90
CA ALA B 462 -4.34 -22.17 -2.58
C ALA B 462 -4.12 -20.87 -3.35
N ALA B 463 -2.86 -20.46 -3.52
CA ALA B 463 -2.57 -19.25 -4.27
C ALA B 463 -3.03 -19.40 -5.73
N GLY B 464 -2.82 -20.57 -6.31
CA GLY B 464 -3.33 -20.85 -7.64
C GLY B 464 -4.83 -20.83 -7.70
N LYS B 465 -5.46 -21.42 -6.68
CA LYS B 465 -6.92 -21.46 -6.67
C LYS B 465 -7.52 -20.05 -6.52
N LEU B 466 -6.85 -19.14 -5.83
CA LEU B 466 -7.34 -17.75 -5.81
C LEU B 466 -7.59 -17.19 -7.19
N GLN B 467 -6.63 -17.41 -8.08
CA GLN B 467 -6.78 -16.90 -9.44
C GLN B 467 -7.90 -17.61 -10.13
N TYR B 468 -8.01 -18.95 -9.95
CA TYR B 468 -9.11 -19.68 -10.56
C TYR B 468 -10.49 -19.15 -10.13
N PHE B 469 -10.64 -18.92 -8.82
CA PHE B 469 -11.90 -18.42 -8.31
C PHE B 469 -12.20 -16.99 -8.78
N PHE B 470 -11.17 -16.14 -8.73
CA PHE B 470 -11.32 -14.80 -9.24
C PHE B 470 -11.78 -14.77 -10.69
N ASP B 471 -11.16 -15.61 -11.50
CA ASP B 471 -11.54 -15.71 -12.91
C ASP B 471 -12.99 -16.16 -13.08
N LYS B 472 -13.43 -17.11 -12.24
CA LYS B 472 -14.85 -17.56 -12.26
C LYS B 472 -15.81 -16.42 -11.91
N LEU B 473 -15.45 -15.62 -10.90
CA LEU B 473 -16.25 -14.47 -10.55
C LEU B 473 -16.34 -13.52 -11.74
N MET B 474 -15.18 -13.19 -12.31
CA MET B 474 -15.18 -12.26 -13.44
C MET B 474 -16.01 -12.76 -14.63
N THR B 475 -15.96 -14.07 -14.88
CA THR B 475 -16.77 -14.66 -15.92
C THR B 475 -18.26 -14.42 -15.64
N ASN B 476 -18.71 -14.67 -14.42
CA ASN B 476 -20.10 -14.39 -14.08
C ASN B 476 -20.46 -12.92 -14.29
N LEU B 477 -19.58 -12.03 -13.88
CA LEU B 477 -19.85 -10.62 -14.07
C LEU B 477 -19.93 -10.22 -15.57
N LYS B 478 -19.09 -10.80 -16.41
CA LYS B 478 -19.13 -10.55 -17.85
C LYS B 478 -20.46 -11.07 -18.43
N ASN B 479 -21.05 -12.10 -17.80
CA ASN B 479 -22.36 -12.65 -18.25
C ASN B 479 -23.52 -12.00 -17.59
N GLY B 480 -23.29 -10.95 -16.81
CA GLY B 480 -24.35 -10.19 -16.20
C GLY B 480 -24.96 -10.82 -14.94
N ASN B 481 -24.26 -11.76 -14.32
CA ASN B 481 -24.71 -12.46 -13.13
C ASN B 481 -24.02 -11.80 -11.95
N LEU B 482 -24.74 -10.92 -11.24
CA LEU B 482 -24.15 -10.12 -10.15
C LEU B 482 -24.57 -10.59 -8.75
N ALA B 483 -25.57 -11.46 -8.64
CA ALA B 483 -26.17 -11.79 -7.33
C ALA B 483 -25.15 -12.26 -6.33
N THR B 484 -25.29 -11.73 -5.10
CA THR B 484 -24.43 -12.15 -3.98
C THR B 484 -25.19 -12.64 -2.75
N ALA B 485 -26.51 -12.53 -2.75
CA ALA B 485 -27.28 -13.01 -1.59
C ALA B 485 -28.62 -13.53 -2.05
N SER B 486 -29.07 -14.60 -1.36
CA SER B 486 -30.43 -15.12 -1.43
C SER B 486 -31.14 -14.71 -0.14
N THR B 487 -32.28 -14.08 -0.25
CA THR B 487 -33.02 -13.64 0.94
C THR B 487 -34.41 -14.25 1.06
N GLU B 488 -34.76 -15.22 0.21
CA GLU B 488 -36.07 -15.88 0.31
C GLU B 488 -36.39 -16.40 1.73
N LYS B 489 -35.36 -16.91 2.40
CA LYS B 489 -35.54 -17.47 3.74
CA LYS B 489 -35.53 -17.50 3.73
C LYS B 489 -34.75 -16.71 4.80
N TRP B 490 -34.56 -15.41 4.59
CA TRP B 490 -33.94 -14.54 5.60
C TRP B 490 -34.82 -14.41 6.83
N GLU B 491 -36.13 -14.26 6.65
CA GLU B 491 -37.05 -13.99 7.76
C GLU B 491 -37.37 -15.28 8.55
N PRO B 492 -37.33 -15.23 9.89
CA PRO B 492 -37.57 -16.49 10.65
C PRO B 492 -38.93 -17.13 10.46
N ALA B 493 -39.94 -16.34 10.06
CA ALA B 493 -41.24 -16.90 9.80
C ALA B 493 -41.21 -17.92 8.63
N THR B 494 -40.14 -17.89 7.81
CA THR B 494 -40.01 -18.82 6.68
C THR B 494 -39.30 -20.13 7.01
N TRP B 495 -38.77 -20.24 8.23
CA TRP B 495 -37.95 -21.37 8.55
C TRP B 495 -38.79 -22.54 9.07
N PRO B 496 -38.24 -23.76 8.98
CA PRO B 496 -38.88 -24.88 9.70
C PRO B 496 -38.89 -24.61 11.20
N THR B 497 -39.93 -25.06 11.88
CA THR B 497 -39.99 -24.90 13.35
C THR B 497 -38.84 -25.61 14.05
N GLU B 498 -38.47 -26.78 13.55
CA GLU B 498 -37.36 -27.55 14.06
C GLU B 498 -36.56 -28.04 12.88
N CYS B 499 -35.24 -27.82 12.89
CA CYS B 499 -34.37 -28.33 11.85
C CYS B 499 -32.95 -28.41 12.38
N ARG B 500 -32.14 -29.14 11.67
CA ARG B 500 -30.72 -29.26 12.03
C ARG B 500 -29.87 -29.34 10.76
N GLY B 501 -28.61 -28.97 10.91
CA GLY B 501 -27.70 -28.97 9.80
C GLY B 501 -26.26 -29.08 10.21
N VAL B 502 -25.44 -29.46 9.23
CA VAL B 502 -24.02 -29.60 9.39
C VAL B 502 -23.30 -28.72 8.38
N GLY B 503 -22.30 -27.99 8.86
CA GLY B 503 -21.41 -27.23 8.03
C GLY B 503 -20.01 -27.77 8.20
N PHE B 504 -19.35 -28.03 7.09
CA PHE B 504 -18.03 -28.58 7.11
C PHE B 504 -17.11 -27.96 6.11
N THR B 505 -15.82 -27.95 6.44
CA THR B 505 -14.79 -27.50 5.50
C THR B 505 -13.44 -28.02 5.97
N GLU B 506 -12.42 -27.63 5.24
CA GLU B 506 -11.04 -27.89 5.60
C GLU B 506 -10.42 -26.54 5.96
N ALA B 507 -10.23 -26.33 7.25
CA ALA B 507 -9.48 -25.23 7.75
C ALA B 507 -8.00 -25.43 7.47
N PRO B 508 -7.19 -24.40 7.64
CA PRO B 508 -5.73 -24.60 7.46
C PRO B 508 -5.17 -25.81 8.22
N ARG B 509 -5.70 -26.09 9.40
CA ARG B 509 -5.21 -27.16 10.25
C ARG B 509 -5.90 -28.49 10.09
N GLY B 510 -6.99 -28.54 9.33
CA GLY B 510 -7.67 -29.81 9.06
C GLY B 510 -9.18 -29.73 9.04
N ALA B 511 -9.80 -30.89 9.25
CA ALA B 511 -11.24 -31.06 9.11
C ALA B 511 -12.03 -30.36 10.20
N LEU B 512 -12.94 -29.51 9.79
CA LEU B 512 -13.78 -28.69 10.69
C LEU B 512 -15.24 -28.98 10.46
N GLY B 513 -16.01 -29.20 11.54
CA GLY B 513 -17.43 -29.35 11.44
C GLY B 513 -18.15 -28.56 12.50
N HIS B 514 -19.27 -27.95 12.13
CA HIS B 514 -20.23 -27.34 13.05
C HIS B 514 -21.56 -28.02 12.85
N TRP B 515 -22.12 -28.48 13.93
CA TRP B 515 -23.45 -29.15 13.96
C TRP B 515 -24.42 -28.23 14.71
N ALA B 516 -25.51 -27.84 14.04
CA ALA B 516 -26.43 -26.87 14.62
C ALA B 516 -27.85 -27.41 14.59
N ALA B 517 -28.61 -27.20 15.68
CA ALA B 517 -30.02 -27.52 15.70
C ALA B 517 -30.76 -26.23 16.06
N ILE B 518 -31.78 -25.93 15.26
CA ILE B 518 -32.60 -24.77 15.40
C ILE B 518 -34.00 -25.17 15.84
N ARG B 519 -34.56 -24.45 16.80
CA ARG B 519 -35.95 -24.66 17.21
CA ARG B 519 -35.94 -24.67 17.25
C ARG B 519 -36.56 -23.32 17.52
N ASP B 520 -37.74 -23.07 16.94
CA ASP B 520 -38.49 -21.86 17.25
C ASP B 520 -37.65 -20.61 17.02
N GLY B 521 -36.88 -20.63 15.95
CA GLY B 521 -36.12 -19.46 15.52
C GLY B 521 -34.84 -19.19 16.26
N LYS B 522 -34.43 -20.10 17.14
CA LYS B 522 -33.22 -19.89 17.93
C LYS B 522 -32.34 -21.15 17.92
N ILE B 523 -31.05 -20.96 18.19
CA ILE B 523 -30.15 -22.09 18.30
C ILE B 523 -30.50 -22.90 19.57
N ASP B 524 -30.79 -24.19 19.38
CA ASP B 524 -31.05 -25.11 20.49
C ASP B 524 -29.78 -25.86 20.90
N LEU B 525 -28.94 -26.13 19.93
CA LEU B 525 -27.69 -26.88 20.07
C LEU B 525 -26.70 -26.38 19.04
N TYR B 526 -25.45 -26.22 19.47
CA TYR B 526 -24.38 -25.81 18.56
C TYR B 526 -23.12 -26.51 19.02
N GLN B 527 -22.66 -27.50 18.28
CA GLN B 527 -21.49 -28.27 18.65
C GLN B 527 -20.44 -28.18 17.56
N CYS B 528 -19.20 -27.93 17.96
CA CYS B 528 -18.10 -27.81 17.07
C CYS B 528 -17.06 -28.88 17.35
N VAL B 529 -16.52 -29.47 16.29
CA VAL B 529 -15.37 -30.37 16.37
C VAL B 529 -14.34 -29.80 15.41
N VAL B 530 -13.19 -29.40 15.95
CA VAL B 530 -12.28 -28.51 15.21
C VAL B 530 -10.95 -29.27 14.94
N PRO B 531 -10.16 -28.89 13.92
CA PRO B 531 -9.03 -29.73 13.60
C PRO B 531 -8.07 -30.04 14.75
N THR B 532 -7.70 -29.03 15.52
CA THR B 532 -6.76 -29.28 16.62
C THR B 532 -7.46 -30.11 17.71
N THR B 533 -8.80 -30.09 17.77
CA THR B 533 -9.47 -31.01 18.70
C THR B 533 -9.09 -32.45 18.34
N TRP B 534 -9.12 -32.81 17.06
CA TRP B 534 -8.63 -34.13 16.64
C TRP B 534 -7.19 -34.30 16.99
N ASN B 535 -6.31 -33.41 16.54
CA ASN B 535 -4.92 -33.72 16.59
C ASN B 535 -4.37 -33.73 18.05
N ALA B 536 -4.86 -32.78 18.86
CA ALA B 536 -4.37 -32.60 20.23
C ALA B 536 -5.19 -33.39 21.25
N SER B 537 -6.09 -34.23 20.74
CA SER B 537 -6.97 -35.05 21.54
C SER B 537 -6.26 -35.78 22.69
N PRO B 538 -6.95 -35.85 23.84
CA PRO B 538 -6.52 -36.82 24.91
C PRO B 538 -7.00 -38.22 24.57
N ARG B 539 -6.75 -39.12 25.50
CA ARG B 539 -7.06 -40.53 25.32
C ARG B 539 -8.54 -40.81 25.42
N ASP B 540 -8.96 -41.99 24.94
CA ASP B 540 -10.34 -42.44 24.99
C ASP B 540 -10.45 -43.64 25.97
N PRO B 541 -11.66 -44.24 26.10
CA PRO B 541 -11.81 -45.35 27.07
C PRO B 541 -10.95 -46.58 26.79
N LYS B 542 -10.57 -46.79 25.54
CA LYS B 542 -9.66 -47.89 25.17
C LYS B 542 -8.19 -47.54 25.34
N GLY B 543 -7.89 -46.31 25.80
CA GLY B 543 -6.51 -45.86 25.95
C GLY B 543 -5.84 -45.45 24.64
N GLN B 544 -6.60 -45.35 23.55
CA GLN B 544 -6.04 -44.93 22.31
C GLN B 544 -5.58 -43.46 22.39
N ILE B 545 -4.41 -43.22 21.82
CA ILE B 545 -3.75 -41.90 21.82
C ILE B 545 -4.05 -41.16 20.52
N GLY B 546 -4.10 -39.84 20.64
CA GLY B 546 -4.28 -38.96 19.49
C GLY B 546 -2.99 -38.62 18.77
N ALA B 547 -3.15 -37.77 17.73
CA ALA B 547 -2.09 -37.55 16.79
C ALA B 547 -0.83 -36.94 17.38
N TYR B 548 -0.99 -35.95 18.24
CA TYR B 548 0.20 -35.33 18.85
C TYR B 548 0.95 -36.34 19.75
N GLU B 549 0.19 -37.04 20.61
CA GLU B 549 0.83 -37.98 21.52
C GLU B 549 1.55 -39.04 20.70
N ALA B 550 0.91 -39.55 19.65
CA ALA B 550 1.57 -40.57 18.82
C ALA B 550 2.83 -40.09 18.12
N ALA B 551 2.75 -38.87 17.59
CA ALA B 551 3.88 -38.34 16.85
C ALA B 551 5.08 -38.08 17.78
N LEU B 552 4.83 -37.74 19.05
CA LEU B 552 5.92 -37.55 20.00
C LEU B 552 6.53 -38.89 20.46
N MET B 553 5.72 -39.96 20.50
CA MET B 553 6.24 -41.27 20.93
C MET B 553 7.47 -41.63 20.14
N ASN B 554 8.45 -42.21 20.86
CA ASN B 554 9.60 -42.86 20.28
C ASN B 554 10.67 -41.86 19.80
N THR B 555 10.51 -40.58 20.14
CA THR B 555 11.41 -39.55 19.71
C THR B 555 12.61 -39.42 20.64
N LYS B 556 13.79 -39.37 20.06
CA LYS B 556 15.01 -39.09 20.79
C LYS B 556 15.20 -37.62 21.10
N MET B 557 15.58 -37.31 22.33
CA MET B 557 15.90 -35.94 22.70
C MET B 557 17.40 -35.84 22.97
N ALA B 558 18.07 -34.90 22.33
CA ALA B 558 19.51 -34.70 22.57
C ALA B 558 19.82 -34.16 23.97
N ILE B 559 18.98 -33.23 24.43
CA ILE B 559 19.18 -32.48 25.63
C ILE B 559 17.82 -32.39 26.31
N PRO B 560 17.54 -33.27 27.28
CA PRO B 560 16.18 -33.36 27.82
C PRO B 560 15.56 -32.05 28.31
N GLU B 561 16.39 -31.18 28.87
CA GLU B 561 15.93 -29.94 29.47
C GLU B 561 15.53 -28.93 28.39
N GLN B 562 15.97 -29.12 27.13
CA GLN B 562 15.71 -28.22 26.00
C GLN B 562 14.83 -28.92 24.99
N PRO B 563 13.52 -28.63 25.01
CA PRO B 563 12.56 -29.51 24.29
C PRO B 563 12.49 -29.25 22.77
N LEU B 564 13.64 -29.05 22.09
CA LEU B 564 13.57 -28.64 20.68
C LEU B 564 12.89 -29.67 19.80
N GLU B 565 13.13 -30.95 20.04
CA GLU B 565 12.52 -31.99 19.24
C GLU B 565 11.00 -32.04 19.44
N ILE B 566 10.59 -31.84 20.68
CA ILE B 566 9.16 -31.77 21.00
C ILE B 566 8.49 -30.60 20.26
N LEU B 567 9.14 -29.45 20.35
CA LEU B 567 8.62 -28.25 19.67
C LEU B 567 8.54 -28.47 18.16
N ARG B 568 9.58 -29.08 17.57
CA ARG B 568 9.58 -29.28 16.12
C ARG B 568 8.36 -30.09 15.70
N THR B 569 8.14 -31.22 16.38
CA THR B 569 7.02 -32.08 15.99
C THR B 569 5.67 -31.42 16.27
N LEU B 570 5.51 -30.83 17.45
CA LEU B 570 4.20 -30.18 17.74
C LEU B 570 3.94 -29.05 16.75
N HIS B 571 4.93 -28.22 16.54
CA HIS B 571 4.75 -27.11 15.61
C HIS B 571 4.41 -27.59 14.19
N SER B 572 4.89 -28.77 13.79
CA SER B 572 4.60 -29.28 12.46
C SER B 572 3.14 -29.50 12.22
N PHE B 573 2.37 -29.68 13.27
CA PHE B 573 0.91 -29.76 13.19
C PHE B 573 0.19 -28.44 13.23
N ASP B 574 0.92 -27.35 13.48
CA ASP B 574 0.31 -26.01 13.58
C ASP B 574 -0.83 -25.98 14.64
N PRO B 575 -0.50 -26.23 15.92
CA PRO B 575 -1.56 -26.29 16.95
C PRO B 575 -2.32 -24.97 17.09
N CYS B 576 -3.63 -25.05 17.17
CA CYS B 576 -4.48 -23.89 17.47
C CYS B 576 -5.37 -24.25 18.64
N LEU B 577 -4.94 -23.81 19.80
CA LEU B 577 -5.57 -24.29 20.99
C LEU B 577 -6.92 -23.65 21.33
N ALA B 578 -7.08 -22.40 20.94
CA ALA B 578 -8.39 -21.75 21.06
C ALA B 578 -9.43 -22.51 20.17
N CYS B 579 -8.97 -22.88 18.96
CA CYS B 579 -9.81 -23.72 18.12
C CYS B 579 -10.18 -25.03 18.82
N SER B 580 -9.17 -25.65 19.41
CA SER B 580 -9.35 -27.00 19.92
C SER B 580 -10.39 -27.09 20.99
N THR B 581 -10.48 -26.05 21.80
CA THR B 581 -11.30 -26.00 23.00
C THR B 581 -12.58 -25.23 22.84
N HIS B 582 -12.51 -24.10 22.07
CA HIS B 582 -13.65 -23.28 21.81
C HIS B 582 -14.52 -23.04 23.09
N LYS C 4 -1.75 -12.80 -27.79
CA LYS C 4 -2.88 -12.10 -28.51
C LYS C 4 -2.53 -10.60 -28.56
N PRO C 5 -2.93 -9.91 -29.65
CA PRO C 5 -2.56 -8.49 -29.74
C PRO C 5 -3.34 -7.67 -28.72
N ARG C 6 -2.76 -6.58 -28.29
CA ARG C 6 -3.39 -5.65 -27.34
C ARG C 6 -4.05 -4.49 -28.12
N ILE C 7 -5.10 -3.90 -27.54
CA ILE C 7 -5.86 -2.85 -28.19
C ILE C 7 -5.00 -1.59 -28.36
N PRO C 8 -4.89 -1.10 -29.59
CA PRO C 8 -4.12 0.09 -29.83
C PRO C 8 -4.75 1.36 -29.23
N VAL C 9 -3.91 2.12 -28.55
CA VAL C 9 -4.32 3.40 -27.99
C VAL C 9 -3.38 4.53 -28.48
N VAL C 10 -3.98 5.64 -28.89
CA VAL C 10 -3.25 6.81 -29.30
C VAL C 10 -3.64 7.87 -28.26
N TRP C 11 -2.64 8.44 -27.57
CA TRP C 11 -2.88 9.45 -26.55
C TRP C 11 -2.28 10.78 -27.04
N ILE C 12 -3.13 11.78 -27.24
CA ILE C 12 -2.69 13.07 -27.69
C ILE C 12 -2.92 14.12 -26.60
N HIS C 13 -2.21 15.24 -26.73
CA HIS C 13 -2.15 16.29 -25.76
C HIS C 13 -2.35 17.65 -26.41
N GLY C 14 -3.42 18.35 -26.01
CA GLY C 14 -3.63 19.71 -26.43
C GLY C 14 -3.07 20.70 -25.41
N LEU C 15 -3.77 21.81 -25.22
CA LEU C 15 -3.48 22.73 -24.11
C LEU C 15 -3.83 21.98 -22.81
N GLU C 16 -2.86 21.91 -21.91
CA GLU C 16 -2.91 21.00 -20.76
C GLU C 16 -1.87 21.42 -19.75
N CYS C 17 -1.95 20.84 -18.57
CA CYS C 17 -0.85 20.89 -17.60
C CYS C 17 -0.15 19.56 -17.36
N THR C 18 -0.66 18.49 -18.00
CA THR C 18 -0.19 17.15 -17.88
C THR C 18 -0.59 16.43 -16.56
N CYS C 19 -1.52 17.04 -15.82
CA CYS C 19 -2.02 16.38 -14.62
C CYS C 19 -2.69 15.08 -14.90
N CYS C 20 -3.28 14.92 -16.06
CA CYS C 20 -4.06 13.70 -16.33
C CYS C 20 -3.12 12.53 -16.64
N THR C 21 -2.04 12.78 -17.38
CA THR C 21 -0.99 11.76 -17.56
C THR C 21 -0.34 11.38 -16.22
N GLU C 22 -0.07 12.40 -15.41
CA GLU C 22 0.51 12.14 -14.12
C GLU C 22 -0.42 11.31 -13.25
N SER C 23 -1.70 11.61 -13.26
CA SER C 23 -2.65 10.82 -12.49
C SER C 23 -2.64 9.39 -12.99
N PHE C 24 -2.68 9.18 -14.30
CA PHE C 24 -2.70 7.82 -14.82
C PHE C 24 -1.51 7.01 -14.28
N ILE C 25 -0.30 7.60 -14.27
CA ILE C 25 0.86 6.82 -13.84
C ILE C 25 0.89 6.57 -12.35
N ARG C 26 0.02 7.24 -11.58
CA ARG C 26 -0.15 6.93 -10.14
C ARG C 26 -0.95 5.66 -9.83
N SER C 27 -1.57 5.05 -10.83
CA SER C 27 -2.48 3.95 -10.57
C SER C 27 -1.81 2.85 -9.74
N ALA C 28 -2.50 2.42 -8.71
CA ALA C 28 -1.98 1.39 -7.79
C ALA C 28 -2.40 -0.01 -8.18
N HIS C 29 -3.56 -0.13 -8.87
CA HIS C 29 -4.09 -1.44 -9.19
C HIS C 29 -5.06 -1.34 -10.34
N PRO C 30 -4.66 -1.71 -11.55
CA PRO C 30 -3.37 -2.22 -11.96
C PRO C 30 -2.32 -1.10 -11.98
N LEU C 31 -1.08 -1.47 -11.77
CA LEU C 31 0.02 -0.52 -11.97
C LEU C 31 0.00 -0.04 -13.42
N ALA C 32 0.33 1.22 -13.62
CA ALA C 32 0.46 1.75 -14.98
C ALA C 32 1.44 0.94 -15.85
N LYS C 33 2.53 0.46 -15.24
CA LYS C 33 3.45 -0.44 -15.89
C LYS C 33 2.72 -1.62 -16.49
N ASP C 34 1.85 -2.25 -15.71
CA ASP C 34 1.13 -3.42 -16.21
C ASP C 34 0.05 -3.07 -17.25
N VAL C 35 -0.52 -1.87 -17.12
CA VAL C 35 -1.49 -1.41 -18.15
C VAL C 35 -0.74 -1.30 -19.50
N ILE C 36 0.43 -0.66 -19.50
CA ILE C 36 1.20 -0.43 -20.70
C ILE C 36 1.79 -1.74 -21.24
N LEU C 37 2.31 -2.59 -20.38
CA LEU C 37 2.97 -3.80 -20.88
C LEU C 37 2.00 -4.91 -21.31
N SER C 38 0.87 -5.01 -20.63
CA SER C 38 -0.01 -6.19 -20.76
C SER C 38 -1.47 -5.96 -21.11
N LEU C 39 -2.04 -4.78 -20.85
CA LEU C 39 -3.48 -4.56 -21.07
C LEU C 39 -3.85 -3.89 -22.37
N ILE C 40 -3.06 -2.88 -22.74
CA ILE C 40 -3.29 -2.09 -23.92
C ILE C 40 -1.96 -2.02 -24.69
N SER C 41 -2.03 -1.50 -25.90
CA SER C 41 -0.85 -1.10 -26.62
C SER C 41 -0.82 0.43 -26.73
N LEU C 42 -0.01 1.06 -25.89
CA LEU C 42 0.04 2.53 -25.88
C LEU C 42 0.98 2.92 -26.99
N ASP C 43 0.39 3.25 -28.13
CA ASP C 43 1.13 3.30 -29.38
C ASP C 43 1.66 4.67 -29.75
N TYR C 44 1.15 5.70 -29.09
CA TYR C 44 1.56 7.05 -29.35
C TYR C 44 1.29 7.84 -28.09
N ASP C 45 2.29 8.55 -27.58
CA ASP C 45 2.12 9.40 -26.41
C ASP C 45 3.37 10.24 -26.28
N ASP C 46 3.24 11.53 -26.56
CA ASP C 46 4.40 12.44 -26.59
C ASP C 46 5.15 12.45 -25.26
N THR C 47 4.48 12.31 -24.14
CA THR C 47 5.14 12.41 -22.85
C THR C 47 6.12 11.29 -22.55
N LEU C 48 5.83 10.09 -23.07
CA LEU C 48 6.57 8.90 -22.71
C LEU C 48 7.37 8.23 -23.80
N MET C 49 7.11 8.55 -25.06
CA MET C 49 7.66 7.77 -26.17
C MET C 49 9.12 8.12 -26.46
N ALA C 50 9.86 7.10 -26.93
CA ALA C 50 11.27 7.26 -27.26
C ALA C 50 11.50 8.19 -28.45
N ALA C 51 10.76 7.96 -29.51
CA ALA C 51 10.90 8.74 -30.74
C ALA C 51 10.48 10.21 -30.51
N ALA C 52 11.12 11.13 -31.24
CA ALA C 52 10.72 12.51 -31.27
C ALA C 52 10.60 12.97 -32.72
N GLY C 53 10.07 14.16 -32.92
CA GLY C 53 10.16 14.82 -34.21
C GLY C 53 9.63 13.96 -35.35
N THR C 54 10.40 13.87 -36.43
CA THR C 54 9.92 13.15 -37.63
C THR C 54 9.66 11.66 -37.33
N GLN C 55 10.48 11.07 -36.43
CA GLN C 55 10.30 9.68 -36.04
C GLN C 55 8.99 9.47 -35.25
N ALA C 56 8.66 10.42 -34.37
CA ALA C 56 7.40 10.34 -33.63
C ALA C 56 6.22 10.51 -34.56
N GLU C 57 6.33 11.41 -35.53
CA GLU C 57 5.20 11.64 -36.43
C GLU C 57 5.02 10.49 -37.42
N GLU C 58 6.10 9.76 -37.72
CA GLU C 58 6.01 8.48 -38.50
C GLU C 58 5.26 7.44 -37.70
N VAL C 59 5.50 7.37 -36.39
CA VAL C 59 4.67 6.48 -35.54
C VAL C 59 3.20 6.87 -35.59
N PHE C 60 2.90 8.14 -35.39
CA PHE C 60 1.53 8.61 -35.41
C PHE C 60 0.81 8.17 -36.69
N GLU C 61 1.43 8.50 -37.82
CA GLU C 61 0.87 8.19 -39.16
CA GLU C 61 0.80 8.22 -39.09
C GLU C 61 0.70 6.71 -39.34
N ASP C 62 1.74 5.95 -38.97
CA ASP C 62 1.73 4.49 -39.19
C ASP C 62 0.62 3.83 -38.36
N ILE C 63 0.45 4.25 -37.10
CA ILE C 63 -0.53 3.64 -36.23
C ILE C 63 -1.94 3.99 -36.70
N ILE C 64 -2.22 5.25 -36.98
CA ILE C 64 -3.60 5.63 -37.31
C ILE C 64 -4.00 5.05 -38.68
N THR C 65 -3.01 4.78 -39.54
CA THR C 65 -3.26 4.12 -40.81
C THR C 65 -3.44 2.60 -40.64
N GLN C 66 -2.49 1.91 -39.99
CA GLN C 66 -2.52 0.44 -39.88
CA GLN C 66 -2.53 0.44 -39.93
C GLN C 66 -3.73 -0.01 -39.06
N TYR C 67 -4.09 0.80 -38.05
CA TYR C 67 -5.15 0.44 -37.15
C TYR C 67 -6.39 1.34 -37.30
N ASN C 68 -6.57 1.95 -38.49
CA ASN C 68 -7.73 2.73 -38.80
C ASN C 68 -9.04 2.04 -38.39
N GLY C 69 -9.91 2.76 -37.67
CA GLY C 69 -11.16 2.22 -37.16
C GLY C 69 -11.07 1.33 -35.92
N LYS C 70 -9.86 1.06 -35.46
CA LYS C 70 -9.60 0.02 -34.45
C LYS C 70 -8.91 0.51 -33.18
N TYR C 71 -8.45 1.75 -33.18
CA TYR C 71 -7.79 2.27 -32.01
C TYR C 71 -8.71 3.16 -31.20
N ILE C 72 -8.39 3.25 -29.92
CA ILE C 72 -9.01 4.19 -29.02
C ILE C 72 -8.15 5.43 -28.97
N LEU C 73 -8.77 6.58 -29.05
CA LEU C 73 -8.08 7.86 -28.92
C LEU C 73 -8.32 8.38 -27.50
N ALA C 74 -7.23 8.57 -26.75
CA ALA C 74 -7.27 9.24 -25.48
C ALA C 74 -6.84 10.67 -25.70
N VAL C 75 -7.60 11.62 -25.18
CA VAL C 75 -7.27 13.04 -25.32
C VAL C 75 -7.11 13.65 -23.93
N GLU C 76 -5.92 14.28 -23.74
CA GLU C 76 -5.68 15.12 -22.57
C GLU C 76 -5.56 16.54 -23.08
N GLY C 77 -6.05 17.49 -22.32
CA GLY C 77 -6.02 18.86 -22.78
C GLY C 77 -7.12 19.16 -23.78
N ASN C 78 -7.02 20.33 -24.41
CA ASN C 78 -8.07 20.74 -25.34
C ASN C 78 -7.50 21.64 -26.43
N PRO C 79 -8.27 21.81 -27.52
CA PRO C 79 -7.81 22.66 -28.60
C PRO C 79 -8.24 24.12 -28.40
N PRO C 80 -7.31 25.07 -28.69
CA PRO C 80 -7.70 26.46 -28.70
C PRO C 80 -8.17 26.85 -30.09
N LEU C 81 -9.24 27.64 -30.19
CA LEU C 81 -9.71 28.13 -31.49
C LEU C 81 -9.11 29.49 -31.85
N GLY C 82 -8.57 30.21 -30.86
CA GLY C 82 -7.99 31.50 -31.12
C GLY C 82 -6.69 31.45 -31.94
N GLU C 83 -6.39 32.58 -32.60
CA GLU C 83 -5.16 32.70 -33.39
C GLU C 83 -5.03 31.58 -34.39
N GLN C 84 -6.15 31.25 -35.05
CA GLN C 84 -6.22 30.16 -36.02
C GLN C 84 -5.72 28.84 -35.50
N GLY C 85 -5.84 28.66 -34.19
CA GLY C 85 -5.42 27.46 -33.54
C GLY C 85 -3.97 27.41 -33.08
N MET C 86 -3.21 28.48 -33.34
CA MET C 86 -1.77 28.46 -33.12
C MET C 86 -1.35 28.84 -31.73
N PHE C 87 -2.32 28.90 -30.80
CA PHE C 87 -2.01 28.79 -29.38
C PHE C 87 -1.54 27.41 -28.97
N CYS C 88 -1.69 26.39 -29.82
CA CYS C 88 -1.17 25.07 -29.52
C CYS C 88 -0.72 24.49 -30.86
N ILE C 89 0.60 24.40 -31.06
CA ILE C 89 1.19 24.07 -32.35
C ILE C 89 1.80 22.68 -32.22
N SER C 90 1.45 21.81 -33.17
CA SER C 90 1.93 20.43 -33.21
C SER C 90 2.49 20.17 -34.61
N SER C 91 3.80 19.93 -34.67
CA SER C 91 4.46 19.70 -35.98
C SER C 91 4.16 20.86 -36.96
N GLY C 92 4.22 22.07 -36.42
CA GLY C 92 4.09 23.29 -37.24
C GLY C 92 2.67 23.68 -37.64
N ARG C 93 1.68 22.91 -37.21
CA ARG C 93 0.29 23.15 -37.56
C ARG C 93 -0.60 23.24 -36.31
N PRO C 94 -1.81 23.76 -36.41
CA PRO C 94 -2.69 23.82 -35.24
C PRO C 94 -2.96 22.44 -34.67
N PHE C 95 -2.94 22.34 -33.34
CA PHE C 95 -3.26 21.10 -32.68
C PHE C 95 -4.62 20.54 -33.15
N ILE C 96 -5.58 21.42 -33.36
CA ILE C 96 -6.91 20.98 -33.77
C ILE C 96 -6.86 20.11 -35.01
N GLU C 97 -5.91 20.35 -35.90
CA GLU C 97 -5.77 19.48 -37.10
C GLU C 97 -5.34 18.06 -36.76
N LYS C 98 -4.45 17.93 -35.77
CA LYS C 98 -4.03 16.64 -35.28
C LYS C 98 -5.18 15.92 -34.56
N LEU C 99 -5.94 16.67 -33.73
CA LEU C 99 -7.10 16.11 -33.06
C LEU C 99 -8.09 15.55 -34.07
N LYS C 100 -8.37 16.34 -35.12
CA LYS C 100 -9.38 15.89 -36.09
C LYS C 100 -8.88 14.65 -36.85
N ARG C 101 -7.61 14.63 -37.23
CA ARG C 101 -7.02 13.48 -37.93
C ARG C 101 -7.06 12.22 -37.01
N ALA C 102 -6.69 12.39 -35.74
CA ALA C 102 -6.71 11.26 -34.84
C ALA C 102 -8.14 10.77 -34.54
N ALA C 103 -9.07 11.69 -34.42
CA ALA C 103 -10.44 11.33 -34.10
C ALA C 103 -11.07 10.56 -35.26
N ALA C 104 -10.73 10.92 -36.50
CA ALA C 104 -11.41 10.36 -37.65
C ALA C 104 -11.23 8.85 -37.72
N GLY C 105 -10.04 8.36 -37.32
CA GLY C 105 -9.76 6.93 -37.34
C GLY C 105 -10.11 6.13 -36.09
N ALA C 106 -10.50 6.82 -35.03
CA ALA C 106 -10.74 6.19 -33.75
C ALA C 106 -12.07 5.45 -33.69
N SER C 107 -12.11 4.33 -32.96
CA SER C 107 -13.41 3.70 -32.68
C SER C 107 -14.17 4.45 -31.59
N ALA C 108 -13.43 5.02 -30.65
CA ALA C 108 -14.03 5.78 -29.59
C ALA C 108 -12.95 6.68 -28.99
N ILE C 109 -13.41 7.69 -28.26
CA ILE C 109 -12.55 8.70 -27.67
C ILE C 109 -12.82 8.76 -26.16
N ILE C 110 -11.74 8.80 -25.38
CA ILE C 110 -11.75 9.04 -23.97
C ILE C 110 -11.26 10.46 -23.76
N ALA C 111 -12.14 11.31 -23.22
CA ALA C 111 -11.78 12.69 -22.88
C ALA C 111 -11.34 12.70 -21.42
N TRP C 112 -10.04 12.60 -21.20
CA TRP C 112 -9.54 12.58 -19.85
C TRP C 112 -9.58 13.98 -19.23
N GLY C 113 -10.05 14.04 -18.00
CA GLY C 113 -9.95 15.26 -17.22
C GLY C 113 -10.91 16.34 -17.58
N THR C 114 -10.96 17.33 -16.70
CA THR C 114 -11.79 18.48 -16.95
C THR C 114 -11.35 19.26 -18.20
N CYS C 115 -10.07 19.24 -18.56
CA CYS C 115 -9.68 19.95 -19.80
C CYS C 115 -10.41 19.38 -21.01
N ALA C 116 -10.29 18.07 -21.19
CA ALA C 116 -10.87 17.49 -22.42
C ALA C 116 -12.39 17.46 -22.35
N SER C 117 -12.92 17.24 -21.14
CA SER C 117 -14.37 17.16 -20.93
C SER C 117 -15.10 18.46 -21.07
N TRP C 118 -14.55 19.51 -20.43
CA TRP C 118 -15.27 20.78 -20.24
C TRP C 118 -14.52 22.07 -20.64
N GLY C 119 -13.19 22.09 -20.42
CA GLY C 119 -12.37 23.27 -20.71
C GLY C 119 -11.29 23.53 -19.67
N CYS C 120 -11.66 23.33 -18.39
CA CYS C 120 -10.75 23.54 -17.27
C CYS C 120 -10.11 24.94 -17.26
N VAL C 121 -8.93 25.07 -16.71
CA VAL C 121 -8.46 26.37 -16.25
C VAL C 121 -8.28 27.37 -17.39
N GLN C 122 -7.80 26.89 -18.54
CA GLN C 122 -7.56 27.81 -19.66
C GLN C 122 -8.86 28.31 -20.22
N ALA C 123 -9.99 27.63 -19.99
CA ALA C 123 -11.28 28.08 -20.44
C ALA C 123 -11.98 28.99 -19.44
N ALA C 124 -11.38 29.21 -18.29
CA ALA C 124 -11.97 30.10 -17.31
C ALA C 124 -11.87 31.55 -17.81
N ARG C 125 -12.78 32.40 -17.33
CA ARG C 125 -12.87 33.79 -17.82
C ARG C 125 -11.52 34.48 -17.76
N PRO C 126 -11.10 35.16 -18.82
CA PRO C 126 -11.86 35.45 -20.05
C PRO C 126 -11.54 34.53 -21.23
N ASN C 127 -10.99 33.35 -20.94
CA ASN C 127 -10.69 32.34 -21.96
C ASN C 127 -9.87 32.96 -23.12
N PRO C 128 -8.62 33.37 -22.82
CA PRO C 128 -7.80 34.07 -23.81
C PRO C 128 -7.60 33.32 -25.14
N THR C 129 -7.54 32.01 -25.09
CA THR C 129 -7.19 31.20 -26.24
C THR C 129 -8.41 30.59 -26.97
N GLN C 130 -9.58 30.83 -26.43
CA GLN C 130 -10.81 30.17 -26.91
C GLN C 130 -10.62 28.65 -26.84
N ALA C 131 -10.11 28.20 -25.69
CA ALA C 131 -9.97 26.76 -25.44
C ALA C 131 -11.37 26.13 -25.38
N THR C 132 -11.53 24.97 -26.01
CA THR C 132 -12.82 24.40 -26.31
C THR C 132 -12.76 22.89 -26.00
N PRO C 133 -13.74 22.33 -25.27
CA PRO C 133 -13.68 20.88 -24.96
C PRO C 133 -13.92 20.03 -26.23
N ILE C 134 -13.48 18.79 -26.17
CA ILE C 134 -13.41 17.90 -27.33
C ILE C 134 -14.78 17.71 -27.98
N ASP C 135 -15.84 17.55 -27.18
CA ASP C 135 -17.16 17.26 -27.76
C ASP C 135 -17.80 18.43 -28.49
N LYS C 136 -17.23 19.63 -28.38
CA LYS C 136 -17.67 20.76 -29.19
C LYS C 136 -16.93 20.83 -30.54
N VAL C 137 -15.87 20.04 -30.72
CA VAL C 137 -15.11 19.97 -31.96
C VAL C 137 -15.36 18.69 -32.72
N ILE C 138 -15.38 17.57 -32.01
CA ILE C 138 -15.64 16.24 -32.59
C ILE C 138 -17.05 15.86 -32.25
N THR C 139 -17.89 15.78 -33.27
CA THR C 139 -19.34 15.55 -33.09
C THR C 139 -19.83 14.25 -33.68
N ASP C 140 -18.95 13.42 -34.21
CA ASP C 140 -19.34 12.17 -34.88
C ASP C 140 -18.71 10.89 -34.32
N LYS C 141 -18.26 10.96 -33.05
CA LYS C 141 -17.61 9.81 -32.41
C LYS C 141 -18.08 9.68 -30.99
N PRO C 142 -18.16 8.43 -30.46
CA PRO C 142 -18.46 8.29 -29.04
C PRO C 142 -17.35 8.89 -28.22
N ILE C 143 -17.74 9.70 -27.24
CA ILE C 143 -16.78 10.36 -26.35
C ILE C 143 -17.20 10.07 -24.90
N ILE C 144 -16.30 9.43 -24.17
CA ILE C 144 -16.51 9.15 -22.75
C ILE C 144 -15.77 10.25 -21.97
N LYS C 145 -16.49 11.04 -21.19
CA LYS C 145 -15.91 12.13 -20.36
CA LYS C 145 -15.89 12.10 -20.40
C LYS C 145 -15.51 11.57 -19.03
N VAL C 146 -14.27 11.85 -18.61
CA VAL C 146 -13.79 11.35 -17.32
C VAL C 146 -13.25 12.57 -16.57
N PRO C 147 -14.14 13.37 -15.99
CA PRO C 147 -13.70 14.68 -15.51
C PRO C 147 -13.03 14.63 -14.13
N GLY C 148 -12.51 15.77 -13.77
CA GLY C 148 -11.68 15.93 -12.58
C GLY C 148 -10.39 16.57 -13.02
N CYS C 149 -9.78 17.28 -12.11
CA CYS C 149 -8.52 18.01 -12.34
C CYS C 149 -7.42 17.59 -11.40
N PRO C 150 -6.82 16.43 -11.63
CA PRO C 150 -7.18 15.43 -12.60
C PRO C 150 -8.19 14.43 -12.04
N PRO C 151 -8.66 13.48 -12.84
CA PRO C 151 -9.47 12.38 -12.28
C PRO C 151 -8.62 11.54 -11.33
N ILE C 152 -9.27 10.74 -10.51
CA ILE C 152 -8.58 9.86 -9.55
C ILE C 152 -7.80 8.81 -10.33
N PRO C 153 -6.54 8.55 -9.96
CA PRO C 153 -5.74 7.56 -10.68
C PRO C 153 -6.40 6.21 -10.86
N ASP C 154 -6.96 5.66 -9.78
CA ASP C 154 -7.52 4.31 -9.84
C ASP C 154 -8.90 4.31 -10.50
N VAL C 155 -9.55 5.47 -10.66
CA VAL C 155 -10.74 5.60 -11.53
C VAL C 155 -10.30 5.51 -12.99
N MET C 156 -9.21 6.19 -13.35
CA MET C 156 -8.74 6.11 -14.73
C MET C 156 -8.43 4.67 -15.07
N SER C 157 -7.68 4.00 -14.20
CA SER C 157 -7.33 2.63 -14.52
C SER C 157 -8.48 1.67 -14.43
N ALA C 158 -9.42 1.91 -13.56
CA ALA C 158 -10.60 1.06 -13.53
C ALA C 158 -11.45 1.21 -14.80
N ILE C 159 -11.55 2.42 -15.32
CA ILE C 159 -12.30 2.59 -16.56
C ILE C 159 -11.62 1.82 -17.69
N ILE C 160 -10.30 1.90 -17.77
CA ILE C 160 -9.55 1.16 -18.75
C ILE C 160 -9.73 -0.35 -18.59
N THR C 161 -9.61 -0.87 -17.36
CA THR C 161 -9.79 -2.28 -17.17
C THR C 161 -11.23 -2.73 -17.51
N TYR C 162 -12.23 -1.91 -17.18
CA TYR C 162 -13.60 -2.19 -17.57
C TYR C 162 -13.67 -2.40 -19.06
N MET C 163 -13.15 -1.44 -19.80
CA MET C 163 -13.26 -1.51 -21.24
C MET C 163 -12.58 -2.74 -21.82
N VAL C 164 -11.38 -3.05 -21.34
CA VAL C 164 -10.66 -4.22 -21.82
C VAL C 164 -11.33 -5.55 -21.46
N THR C 165 -11.80 -5.64 -20.22
CA THR C 165 -12.39 -6.89 -19.71
C THR C 165 -13.77 -7.15 -20.31
N PHE C 166 -14.60 -6.13 -20.39
CA PHE C 166 -15.97 -6.27 -20.84
C PHE C 166 -16.14 -5.97 -22.31
N ASP C 167 -15.08 -5.49 -22.93
CA ASP C 167 -15.08 -5.20 -24.40
C ASP C 167 -16.22 -4.27 -24.82
N ARG C 168 -16.43 -3.22 -24.04
CA ARG C 168 -17.45 -2.25 -24.33
C ARG C 168 -17.15 -0.96 -23.57
N LEU C 169 -17.73 0.11 -24.02
CA LEU C 169 -17.63 1.38 -23.30
C LEU C 169 -18.48 1.30 -22.02
N PRO C 170 -18.09 2.03 -20.98
CA PRO C 170 -18.92 2.06 -19.79
C PRO C 170 -20.21 2.79 -20.05
N ASP C 171 -21.27 2.41 -19.34
CA ASP C 171 -22.52 3.16 -19.44
C ASP C 171 -22.33 4.55 -18.84
N VAL C 172 -22.94 5.53 -19.46
CA VAL C 172 -22.77 6.93 -19.10
C VAL C 172 -24.08 7.62 -18.74
N ASP C 173 -23.95 8.72 -18.01
CA ASP C 173 -25.01 9.64 -17.76
C ASP C 173 -25.26 10.54 -18.96
N ARG C 174 -26.19 11.48 -18.80
CA ARG C 174 -26.58 12.38 -19.90
CA ARG C 174 -26.58 12.32 -19.92
C ARG C 174 -25.46 13.31 -20.34
N MET C 175 -24.43 13.47 -19.48
CA MET C 175 -23.27 14.29 -19.79
CA MET C 175 -23.27 14.30 -19.77
C MET C 175 -22.09 13.49 -20.32
N GLY C 176 -22.24 12.18 -20.50
CA GLY C 176 -21.18 11.34 -21.05
C GLY C 176 -20.18 10.84 -20.02
N ARG C 177 -20.49 10.96 -18.73
CA ARG C 177 -19.60 10.48 -17.68
C ARG C 177 -19.98 9.07 -17.24
N PRO C 178 -18.99 8.19 -17.01
CA PRO C 178 -19.29 6.86 -16.53
C PRO C 178 -20.09 6.83 -15.23
N LEU C 179 -21.25 6.17 -15.28
CA LEU C 179 -22.15 6.08 -14.13
C LEU C 179 -21.44 5.46 -12.92
N MET C 180 -20.56 4.51 -13.17
CA MET C 180 -19.91 3.81 -12.07
C MET C 180 -19.26 4.75 -11.06
N PHE C 181 -18.54 5.76 -11.56
CA PHE C 181 -17.81 6.66 -10.70
C PHE C 181 -18.36 8.05 -10.57
N TYR C 182 -19.26 8.43 -11.49
CA TYR C 182 -19.78 9.79 -11.52
C TYR C 182 -21.30 9.87 -11.30
N GLY C 183 -21.89 8.79 -10.84
CA GLY C 183 -23.32 8.76 -10.65
C GLY C 183 -23.85 9.43 -9.41
N GLN C 184 -22.96 9.62 -8.42
CA GLN C 184 -23.31 10.22 -7.13
C GLN C 184 -22.44 11.43 -6.81
N ARG C 185 -22.97 12.30 -5.99
CA ARG C 185 -22.25 13.49 -5.56
C ARG C 185 -21.25 13.19 -4.46
N ILE C 186 -20.20 14.01 -4.38
CA ILE C 186 -19.24 13.93 -3.29
C ILE C 186 -19.98 13.97 -1.94
N HIS C 187 -20.93 14.90 -1.81
CA HIS C 187 -21.67 15.15 -0.59
C HIS C 187 -22.63 14.00 -0.25
N ASP C 188 -22.98 13.15 -1.23
CA ASP C 188 -23.88 12.00 -1.04
C ASP C 188 -23.08 10.84 -0.40
N LYS C 189 -21.75 10.89 -0.35
CA LYS C 189 -20.92 9.84 0.24
C LYS C 189 -19.79 10.40 1.12
N CYS C 190 -19.99 11.59 1.64
CA CYS C 190 -18.99 12.28 2.43
C CYS C 190 -19.04 11.87 3.92
N TYR C 191 -17.89 11.49 4.46
CA TYR C 191 -17.80 11.09 5.84
C TYR C 191 -18.01 12.21 6.82
N ARG C 192 -18.05 13.48 6.35
CA ARG C 192 -18.36 14.57 7.27
C ARG C 192 -19.85 14.96 7.24
N ARG C 193 -20.67 14.17 6.57
N ARG C 193 -20.69 14.20 6.52
CA ARG C 193 -22.06 14.50 6.40
CA ARG C 193 -22.12 14.56 6.43
C ARG C 193 -22.85 14.52 7.72
C ARG C 193 -22.77 14.64 7.80
N ALA C 194 -22.41 13.73 8.70
CA ALA C 194 -23.03 13.79 10.05
C ALA C 194 -22.96 15.20 10.59
N HIS C 195 -21.81 15.84 10.38
CA HIS C 195 -21.56 17.20 10.86
C HIS C 195 -22.40 18.19 10.11
N PHE C 196 -22.47 18.06 8.80
CA PHE C 196 -23.35 18.97 7.98
C PHE C 196 -24.78 18.91 8.48
N ASP C 197 -25.25 17.69 8.75
CA ASP C 197 -26.66 17.56 9.11
C ASP C 197 -26.97 18.03 10.51
N ALA C 198 -25.96 18.07 11.36
CA ALA C 198 -26.05 18.59 12.72
C ALA C 198 -25.73 20.07 12.85
N GLY C 199 -25.33 20.71 11.75
CA GLY C 199 -24.94 22.11 11.80
C GLY C 199 -23.60 22.35 12.46
N GLU C 200 -22.69 21.38 12.33
CA GLU C 200 -21.38 21.38 12.96
C GLU C 200 -20.36 21.72 11.87
N PHE C 201 -19.90 22.99 11.87
CA PHE C 201 -19.16 23.53 10.74
C PHE C 201 -17.84 24.12 11.20
N VAL C 202 -16.80 23.94 10.39
CA VAL C 202 -15.60 24.80 10.48
C VAL C 202 -15.99 26.21 10.08
N GLN C 203 -15.60 27.18 10.92
CA GLN C 203 -15.91 28.59 10.64
C GLN C 203 -14.68 29.38 10.28
N SER C 204 -13.53 28.98 10.78
CA SER C 204 -12.25 29.53 10.35
C SER C 204 -11.19 28.45 10.41
N TRP C 205 -10.15 28.60 9.62
CA TRP C 205 -9.17 27.54 9.50
C TRP C 205 -8.51 27.26 10.86
N ASP C 206 -8.33 25.98 11.15
CA ASP C 206 -7.63 25.51 12.36
C ASP C 206 -8.35 25.89 13.65
N ASP C 207 -9.64 26.15 13.54
CA ASP C 207 -10.49 26.32 14.73
C ASP C 207 -10.72 24.94 15.39
N ASP C 208 -11.39 24.94 16.54
CA ASP C 208 -11.63 23.64 17.25
C ASP C 208 -12.44 22.69 16.35
N ALA C 209 -13.39 23.21 15.58
CA ALA C 209 -14.20 22.42 14.67
C ALA C 209 -13.31 21.74 13.63
N ALA C 210 -12.38 22.51 13.07
CA ALA C 210 -11.46 21.95 12.07
C ALA C 210 -10.62 20.81 12.61
N ARG C 211 -10.20 20.94 13.86
CA ARG C 211 -9.41 19.92 14.53
C ARG C 211 -10.17 18.64 14.87
N LYS C 212 -11.51 18.67 14.78
CA LYS C 212 -12.40 17.54 15.00
C LYS C 212 -12.99 17.01 13.70
N GLY C 213 -12.58 17.57 12.56
CA GLY C 213 -13.09 17.07 11.27
C GLY C 213 -14.53 17.48 10.96
N TYR C 214 -14.97 18.68 11.40
CA TYR C 214 -16.32 19.14 11.05
C TYR C 214 -16.46 19.52 9.57
N CYS C 215 -17.71 19.66 9.16
CA CYS C 215 -18.05 19.92 7.79
C CYS C 215 -17.49 21.27 7.31
N LEU C 216 -17.09 21.27 6.05
CA LEU C 216 -16.43 22.38 5.36
C LEU C 216 -17.36 23.26 4.53
N TYR C 217 -18.66 23.05 4.61
CA TYR C 217 -19.66 23.85 3.87
C TYR C 217 -19.47 25.36 4.01
N LYS C 218 -19.28 25.85 5.24
CA LYS C 218 -19.12 27.29 5.44
C LYS C 218 -17.78 27.81 4.97
N MET C 219 -16.84 26.92 4.71
CA MET C 219 -15.54 27.24 4.12
C MET C 219 -15.55 27.16 2.60
N GLY C 220 -16.71 26.95 1.98
CA GLY C 220 -16.81 26.94 0.54
C GLY C 220 -16.88 25.61 -0.16
N CYS C 221 -16.99 24.53 0.61
CA CYS C 221 -17.01 23.18 0.02
C CYS C 221 -18.10 23.05 -1.06
N LYS C 222 -17.68 22.63 -2.26
CA LYS C 222 -18.57 22.43 -3.40
C LYS C 222 -19.01 21.00 -3.59
N GLY C 223 -18.73 20.15 -2.58
CA GLY C 223 -19.20 18.75 -2.63
C GLY C 223 -20.68 18.57 -2.93
N PRO C 224 -21.54 19.49 -2.40
CA PRO C 224 -22.97 19.35 -2.70
C PRO C 224 -23.40 19.42 -4.13
N THR C 225 -22.55 19.99 -4.99
CA THR C 225 -22.92 20.09 -6.40
C THR C 225 -21.95 19.36 -7.36
N THR C 226 -21.10 18.45 -6.80
CA THR C 226 -20.02 17.86 -7.57
C THR C 226 -20.16 16.35 -7.64
N TYR C 227 -20.14 15.82 -8.84
CA TYR C 227 -20.18 14.38 -9.09
C TYR C 227 -18.78 13.83 -9.34
N ASN C 228 -18.36 12.92 -8.46
CA ASN C 228 -17.09 12.26 -8.53
C ASN C 228 -17.07 11.17 -7.46
N ALA C 229 -15.97 10.44 -7.43
CA ALA C 229 -15.80 9.29 -6.52
C ALA C 229 -14.87 9.55 -5.34
N CYS C 230 -14.51 10.81 -5.10
CA CYS C 230 -13.42 11.09 -4.18
C CYS C 230 -13.74 10.69 -2.75
N SER C 231 -15.01 10.85 -2.34
CA SER C 231 -15.38 10.55 -0.95
C SER C 231 -15.54 9.07 -0.65
N SER C 232 -15.52 8.23 -1.68
CA SER C 232 -15.66 6.77 -1.56
CA SER C 232 -15.63 6.79 -1.50
C SER C 232 -14.35 6.03 -1.92
N THR C 233 -13.91 6.21 -3.14
CA THR C 233 -12.71 5.59 -3.67
C THR C 233 -11.48 6.27 -3.06
N ARG C 234 -11.58 7.59 -2.87
CA ARG C 234 -10.45 8.37 -2.34
C ARG C 234 -9.28 8.41 -3.32
N TRP C 235 -8.18 9.02 -2.88
CA TRP C 235 -7.04 9.34 -3.71
C TRP C 235 -5.76 8.66 -3.26
N ASN C 236 -4.93 8.32 -4.23
CA ASN C 236 -3.58 7.86 -4.03
C ASN C 236 -3.61 6.56 -3.21
N ASP C 237 -4.35 5.60 -3.74
CA ASP C 237 -4.50 4.28 -3.12
C ASP C 237 -5.20 4.41 -1.77
N GLY C 238 -6.28 5.18 -1.78
CA GLY C 238 -7.10 5.27 -0.61
C GLY C 238 -6.63 6.14 0.53
N VAL C 239 -5.58 6.91 0.31
CA VAL C 239 -4.93 7.65 1.40
C VAL C 239 -5.78 8.81 1.89
N SER C 240 -6.32 9.62 0.97
CA SER C 240 -7.06 10.80 1.42
C SER C 240 -7.97 11.32 0.32
N PHE C 241 -8.58 12.45 0.56
CA PHE C 241 -9.22 13.23 -0.47
C PHE C 241 -9.26 14.66 0.02
N PRO C 242 -9.63 15.65 -0.82
CA PRO C 242 -9.51 17.07 -0.39
C PRO C 242 -10.13 17.33 0.99
N ILE C 243 -11.40 16.91 1.16
CA ILE C 243 -12.13 17.17 2.37
C ILE C 243 -11.47 16.49 3.59
N GLN C 244 -11.02 15.27 3.42
CA GLN C 244 -10.40 14.54 4.51
C GLN C 244 -9.17 15.23 5.04
N SER C 245 -8.44 15.92 4.14
CA SER C 245 -7.28 16.70 4.53
C SER C 245 -7.57 18.15 4.86
N GLY C 246 -8.86 18.49 4.94
CA GLY C 246 -9.29 19.76 5.54
C GLY C 246 -9.64 20.90 4.60
N HIS C 247 -9.65 20.68 3.29
CA HIS C 247 -10.04 21.75 2.33
C HIS C 247 -11.37 21.33 1.70
N GLY C 248 -12.30 22.26 1.54
CA GLY C 248 -13.50 21.94 0.84
C GLY C 248 -13.18 21.50 -0.56
N CYS C 249 -14.09 20.69 -1.11
CA CYS C 249 -14.06 20.40 -2.54
C CYS C 249 -14.16 21.73 -3.35
N LEU C 250 -13.33 21.84 -4.39
CA LEU C 250 -13.34 22.98 -5.32
C LEU C 250 -14.41 22.83 -6.36
N GLY C 251 -14.92 21.64 -6.55
CA GLY C 251 -15.86 21.31 -7.62
C GLY C 251 -15.18 20.90 -8.90
N CYS C 252 -13.97 20.33 -8.80
CA CYS C 252 -13.07 20.24 -9.98
C CYS C 252 -13.53 19.31 -11.07
N ALA C 253 -14.49 18.42 -10.81
CA ALA C 253 -15.04 17.53 -11.85
C ALA C 253 -16.24 18.15 -12.57
N GLU C 254 -16.63 19.35 -12.20
CA GLU C 254 -17.84 19.99 -12.79
C GLU C 254 -17.50 21.03 -13.85
N ASN C 255 -18.31 21.03 -14.92
CA ASN C 255 -18.18 22.03 -15.99
C ASN C 255 -18.21 23.43 -15.40
N GLY C 256 -17.21 24.24 -15.72
CA GLY C 256 -17.25 25.62 -15.32
C GLY C 256 -16.89 25.92 -13.88
N PHE C 257 -16.24 24.96 -13.19
CA PHE C 257 -16.04 25.12 -11.76
C PHE C 257 -15.21 26.28 -11.35
N TRP C 258 -14.32 26.71 -12.22
CA TRP C 258 -13.46 27.84 -11.96
C TRP C 258 -14.22 29.17 -11.87
N ASP C 259 -15.35 29.26 -12.57
CA ASP C 259 -16.11 30.50 -12.64
C ASP C 259 -17.42 30.45 -11.87
N ARG C 260 -17.57 29.49 -10.98
CA ARG C 260 -18.75 29.42 -10.08
C ARG C 260 -18.54 30.15 -8.78
N GLY C 261 -17.79 31.20 -8.80
CA GLY C 261 -17.54 31.97 -7.61
C GLY C 261 -16.29 31.52 -6.90
N SER C 262 -15.92 32.27 -5.90
CA SER C 262 -14.76 31.97 -5.13
C SER C 262 -14.91 30.57 -4.51
N PHE C 263 -13.77 29.89 -4.38
CA PHE C 263 -13.78 28.56 -3.74
C PHE C 263 -14.22 28.68 -2.29
N TYR C 264 -14.12 29.86 -1.69
CA TYR C 264 -14.41 30.04 -0.27
C TYR C 264 -15.80 30.65 -0.06
N SER C 265 -16.55 30.85 -1.14
CA SER C 265 -17.94 31.25 -1.01
C SER C 265 -18.81 30.00 -0.93
N ARG C 266 -19.82 30.04 -0.07
CA ARG C 266 -20.72 28.90 0.10
C ARG C 266 -21.53 28.59 -1.14
N VAL C 267 -21.80 27.30 -1.30
CA VAL C 267 -22.56 26.77 -2.43
C VAL C 267 -24.02 27.25 -2.32
N SER D 2 21.23 34.22 -45.42
CA SER D 2 21.64 33.80 -44.05
C SER D 2 22.43 34.91 -43.38
N THR D 3 22.54 34.83 -42.06
CA THR D 3 23.25 35.77 -41.27
C THR D 3 24.16 35.06 -40.25
N GLN D 4 25.16 35.77 -39.82
CA GLN D 4 26.03 35.34 -38.79
C GLN D 4 26.30 36.49 -37.82
N TYR D 5 26.26 36.20 -36.52
CA TYR D 5 26.70 37.17 -35.53
C TYR D 5 27.29 36.48 -34.32
N GLU D 6 27.96 37.24 -33.46
CA GLU D 6 28.63 36.71 -32.29
C GLU D 6 27.93 37.15 -31.01
N THR D 7 27.75 36.21 -30.09
CA THR D 7 27.20 36.52 -28.77
C THR D 7 27.66 35.50 -27.76
N GLN D 8 28.08 35.97 -26.57
CA GLN D 8 28.39 35.08 -25.45
C GLN D 8 29.44 34.01 -25.78
N GLY D 9 30.37 34.34 -26.69
CA GLY D 9 31.41 33.42 -27.10
C GLY D 9 31.04 32.45 -28.18
N TYR D 10 29.81 32.56 -28.72
CA TYR D 10 29.31 31.72 -29.78
C TYR D 10 29.24 32.47 -31.10
N THR D 11 29.42 31.73 -32.20
CA THR D 11 29.14 32.26 -33.51
C THR D 11 27.83 31.66 -34.00
N ILE D 12 26.80 32.48 -34.08
CA ILE D 12 25.47 32.05 -34.44
C ILE D 12 25.36 32.20 -35.95
N ASN D 13 25.22 31.09 -36.66
CA ASN D 13 25.28 31.04 -38.13
C ASN D 13 24.10 30.20 -38.66
N ASN D 14 23.16 30.84 -39.36
CA ASN D 14 21.99 30.12 -39.86
C ASN D 14 22.04 29.73 -41.32
N ALA D 15 23.25 29.73 -41.88
CA ALA D 15 23.46 29.16 -43.18
C ALA D 15 23.45 27.61 -43.02
N GLY D 16 23.37 26.91 -44.11
CA GLY D 16 23.48 25.46 -43.99
C GLY D 16 22.17 24.79 -43.66
N ARG D 17 22.24 23.49 -43.58
CA ARG D 17 21.08 22.66 -43.45
C ARG D 17 20.31 22.92 -42.16
N ARG D 18 18.99 23.04 -42.28
CA ARG D 18 18.11 23.21 -41.14
C ARG D 18 17.49 21.87 -40.74
N LEU D 19 17.50 21.58 -39.45
CA LEU D 19 16.82 20.39 -38.90
C LEU D 19 15.75 20.88 -37.94
N VAL D 20 14.61 20.21 -37.99
CA VAL D 20 13.47 20.55 -37.14
C VAL D 20 13.10 19.34 -36.32
N VAL D 21 12.92 19.54 -35.00
CA VAL D 21 12.39 18.51 -34.11
C VAL D 21 11.12 19.04 -33.46
N ASP D 22 9.98 18.59 -33.99
CA ASP D 22 8.67 19.03 -33.49
C ASP D 22 7.73 17.88 -33.74
N PRO D 23 7.31 17.15 -32.70
CA PRO D 23 7.42 17.49 -31.28
C PRO D 23 8.68 17.05 -30.62
N ILE D 24 9.14 17.80 -29.65
CA ILE D 24 10.08 17.24 -28.68
C ILE D 24 9.25 16.38 -27.74
N THR D 25 9.61 15.13 -27.56
CA THR D 25 8.88 14.18 -26.73
C THR D 25 9.62 13.98 -25.42
N ARG D 26 8.97 13.28 -24.47
CA ARG D 26 9.58 13.02 -23.15
C ARG D 26 10.01 14.33 -22.46
N ILE D 27 9.10 15.28 -22.57
CA ILE D 27 9.09 16.51 -21.82
C ILE D 27 7.64 16.72 -21.35
N GLU D 28 7.52 17.79 -20.48
CA GLU D 28 6.13 18.09 -20.30
C GLU D 28 5.69 19.07 -21.38
N GLY D 29 4.62 19.08 -21.96
CA GLY D 29 4.08 20.10 -22.82
C GLY D 29 4.66 20.08 -24.22
N HIS D 30 4.52 21.25 -24.85
CA HIS D 30 4.76 21.44 -26.30
C HIS D 30 5.98 22.29 -26.59
N MET D 31 6.94 21.68 -27.24
CA MET D 31 8.17 22.37 -27.67
C MET D 31 8.56 21.96 -29.08
N ARG D 32 9.11 22.93 -29.79
CA ARG D 32 9.76 22.77 -31.09
C ARG D 32 11.18 23.23 -30.96
N CYS D 33 12.09 22.51 -31.57
CA CYS D 33 13.50 22.94 -31.64
C CYS D 33 13.95 22.89 -33.10
N GLU D 34 14.62 23.93 -33.55
CA GLU D 34 15.27 23.90 -34.85
C GLU D 34 16.74 24.21 -34.68
N VAL D 35 17.57 23.61 -35.54
CA VAL D 35 18.98 23.89 -35.54
C VAL D 35 19.45 24.03 -36.99
N ASN D 36 20.58 24.70 -37.17
CA ASN D 36 21.33 24.61 -38.41
C ASN D 36 22.62 23.84 -38.10
N ILE D 37 23.00 23.00 -39.03
CA ILE D 37 24.24 22.24 -38.91
C ILE D 37 25.12 22.54 -40.12
N ASN D 38 26.42 22.55 -39.86
CA ASN D 38 27.38 22.73 -40.94
C ASN D 38 27.71 21.37 -41.61
N ASP D 39 28.63 21.42 -42.59
CA ASP D 39 29.12 20.22 -43.31
C ASP D 39 29.76 19.16 -42.45
N GLN D 40 30.24 19.58 -41.29
CA GLN D 40 30.87 18.73 -40.31
C GLN D 40 29.85 18.14 -39.28
N ASN D 41 28.54 18.31 -39.54
CA ASN D 41 27.47 17.86 -38.67
C ASN D 41 27.53 18.49 -37.28
N VAL D 42 28.02 19.75 -37.21
CA VAL D 42 28.10 20.51 -35.97
C VAL D 42 27.04 21.62 -35.98
N ILE D 43 26.30 21.71 -34.85
CA ILE D 43 25.28 22.73 -34.70
C ILE D 43 25.92 24.12 -34.62
N THR D 44 25.47 24.99 -35.53
CA THR D 44 25.92 26.37 -35.59
C THR D 44 24.83 27.38 -35.28
N ASN D 45 23.60 26.89 -35.03
CA ASN D 45 22.47 27.76 -34.66
C ASN D 45 21.45 26.84 -33.99
N ALA D 46 20.80 27.37 -32.97
CA ALA D 46 19.77 26.65 -32.27
C ALA D 46 18.65 27.60 -31.91
N VAL D 47 17.42 27.10 -32.03
CA VAL D 47 16.21 27.88 -31.90
C VAL D 47 15.26 27.09 -30.95
N SER D 48 14.90 27.71 -29.83
CA SER D 48 14.01 27.13 -28.84
C SER D 48 12.62 27.75 -28.95
N CYS D 49 11.60 26.93 -29.17
CA CYS D 49 10.25 27.47 -29.36
C CYS D 49 9.23 26.80 -28.47
N GLY D 50 8.58 27.58 -27.60
CA GLY D 50 7.44 27.05 -26.85
C GLY D 50 6.19 27.15 -27.71
N THR D 51 5.55 26.01 -27.93
CA THR D 51 4.45 25.88 -28.87
C THR D 51 3.07 25.77 -28.21
N MET D 52 2.91 26.35 -27.02
CA MET D 52 1.62 26.37 -26.33
C MET D 52 1.49 27.66 -25.52
N PHE D 53 0.28 28.08 -25.28
CA PHE D 53 0.00 29.18 -24.37
C PHE D 53 -1.43 29.05 -23.90
N ARG D 54 -1.63 29.32 -22.61
CA ARG D 54 -2.95 29.34 -21.99
C ARG D 54 -3.43 30.66 -21.44
N GLY D 55 -2.52 31.43 -20.85
CA GLY D 55 -2.89 32.75 -20.35
C GLY D 55 -3.36 32.86 -18.92
N LEU D 56 -2.74 32.09 -18.03
CA LEU D 56 -3.11 32.19 -16.60
C LEU D 56 -2.97 33.59 -16.03
N GLU D 57 -1.96 34.35 -16.47
CA GLU D 57 -1.80 35.69 -15.92
C GLU D 57 -3.01 36.59 -16.26
N ILE D 58 -3.65 36.29 -17.36
CA ILE D 58 -4.82 37.02 -17.78
C ILE D 58 -6.06 36.54 -17.01
N ILE D 59 -6.19 35.22 -16.90
CA ILE D 59 -7.29 34.57 -16.20
C ILE D 59 -7.35 34.96 -14.72
N LEU D 60 -6.18 35.19 -14.11
CA LEU D 60 -6.13 35.56 -12.68
CA LEU D 60 -6.16 35.58 -12.69
C LEU D 60 -6.67 36.96 -12.37
N GLN D 61 -6.70 37.87 -13.37
CA GLN D 61 -7.18 39.20 -13.11
C GLN D 61 -8.58 39.20 -12.56
N GLY D 62 -8.82 39.97 -11.50
CA GLY D 62 -10.16 40.14 -10.94
C GLY D 62 -10.61 39.00 -10.00
N ARG D 63 -9.75 38.03 -9.78
CA ARG D 63 -10.04 36.92 -8.86
C ARG D 63 -9.71 37.33 -7.43
N ASP D 64 -10.28 36.57 -6.49
CA ASP D 64 -9.94 36.73 -5.08
C ASP D 64 -8.54 36.16 -4.86
N PRO D 65 -7.66 36.93 -4.22
CA PRO D 65 -6.31 36.48 -3.98
C PRO D 65 -6.20 35.14 -3.23
N ARG D 66 -7.18 34.86 -2.35
CA ARG D 66 -7.19 33.60 -1.65
C ARG D 66 -7.38 32.39 -2.57
N ASP D 67 -7.99 32.60 -3.73
CA ASP D 67 -8.23 31.55 -4.72
C ASP D 67 -7.03 31.31 -5.67
N ALA D 68 -6.11 32.26 -5.71
CA ALA D 68 -5.11 32.25 -6.79
C ALA D 68 -4.28 30.98 -6.84
N TRP D 69 -3.96 30.41 -5.68
CA TRP D 69 -3.12 29.25 -5.64
C TRP D 69 -3.70 28.11 -6.47
N ALA D 70 -5.03 27.97 -6.44
CA ALA D 70 -5.65 26.84 -7.07
C ALA D 70 -5.59 26.93 -8.58
N PHE D 71 -5.74 28.14 -9.09
CA PHE D 71 -5.61 28.43 -10.51
C PHE D 71 -4.18 28.20 -10.98
N VAL D 72 -3.22 28.83 -10.29
CA VAL D 72 -1.84 28.74 -10.78
C VAL D 72 -1.22 27.38 -10.55
N GLU D 73 -1.76 26.60 -9.63
CA GLU D 73 -1.28 25.24 -9.48
C GLU D 73 -1.38 24.47 -10.80
N ARG D 74 -2.45 24.79 -11.55
CA ARG D 74 -2.72 24.18 -12.85
C ARG D 74 -1.88 24.78 -13.98
N ILE D 75 -0.87 25.59 -13.65
CA ILE D 75 0.17 25.85 -14.62
C ILE D 75 0.83 24.51 -15.01
N CYS D 76 0.99 23.59 -14.04
CA CYS D 76 1.72 22.38 -14.34
C CYS D 76 1.35 21.24 -13.40
N GLY D 77 1.15 20.08 -13.98
CA GLY D 77 0.84 18.88 -13.24
C GLY D 77 2.01 18.01 -12.96
N VAL D 78 3.15 18.30 -13.59
CA VAL D 78 4.42 17.66 -13.34
C VAL D 78 5.06 18.28 -12.11
N CYS D 79 5.30 19.58 -12.14
CA CYS D 79 5.77 20.30 -10.99
C CYS D 79 4.58 20.71 -10.12
N THR D 80 3.69 19.77 -9.84
CA THR D 80 2.45 20.07 -9.14
C THR D 80 2.68 20.45 -7.70
N GLY D 81 2.13 21.60 -7.35
CA GLY D 81 2.26 22.13 -6.02
C GLY D 81 3.15 23.34 -5.94
N VAL D 82 4.20 23.41 -6.77
CA VAL D 82 5.18 24.46 -6.60
C VAL D 82 4.58 25.85 -6.88
N HIS D 83 3.65 25.95 -7.83
CA HIS D 83 3.04 27.22 -8.16
C HIS D 83 2.07 27.62 -7.06
N ALA D 84 1.41 26.64 -6.40
CA ALA D 84 0.58 26.94 -5.26
C ALA D 84 1.40 27.53 -4.15
N LEU D 85 2.56 26.94 -3.89
CA LEU D 85 3.47 27.44 -2.85
C LEU D 85 3.93 28.86 -3.16
N ALA D 86 4.34 29.10 -4.41
CA ALA D 86 4.79 30.45 -4.75
C ALA D 86 3.62 31.42 -4.61
N SER D 87 2.40 30.99 -4.94
CA SER D 87 1.24 31.86 -4.85
C SER D 87 0.91 32.25 -3.40
N VAL D 88 0.83 31.26 -2.52
CA VAL D 88 0.54 31.59 -1.15
C VAL D 88 1.63 32.49 -0.57
N TYR D 89 2.88 32.22 -0.91
CA TYR D 89 3.94 33.10 -0.50
C TYR D 89 3.71 34.56 -1.00
N ALA D 90 3.30 34.72 -2.25
CA ALA D 90 3.17 36.04 -2.83
C ALA D 90 2.04 36.79 -2.18
N ILE D 91 0.90 36.12 -2.00
CA ILE D 91 -0.28 36.78 -1.41
C ILE D 91 -0.01 37.13 0.05
N GLU D 92 0.63 36.22 0.77
CA GLU D 92 1.02 36.52 2.16
C GLU D 92 2.00 37.67 2.26
N ASP D 93 2.92 37.78 1.29
CA ASP D 93 3.86 38.89 1.22
C ASP D 93 3.13 40.21 0.97
N ALA D 94 2.15 40.18 0.09
CA ALA D 94 1.39 41.36 -0.22
C ALA D 94 0.56 41.88 0.94
N ILE D 95 -0.18 40.97 1.57
CA ILE D 95 -1.14 41.34 2.61
C ILE D 95 -0.44 41.56 3.95
N GLY D 96 0.69 40.88 4.20
CA GLY D 96 1.40 40.94 5.46
C GLY D 96 0.92 39.86 6.44
N ILE D 97 0.90 38.63 5.95
CA ILE D 97 0.49 37.47 6.71
C ILE D 97 1.70 36.68 7.09
N LYS D 98 1.77 36.27 8.36
CA LYS D 98 2.80 35.41 8.89
CA LYS D 98 2.81 35.36 8.83
C LYS D 98 2.16 34.04 9.24
N VAL D 99 2.67 32.95 8.71
CA VAL D 99 2.07 31.64 9.00
C VAL D 99 2.70 30.99 10.21
N PRO D 100 1.98 30.07 10.88
CA PRO D 100 2.60 29.35 11.97
C PRO D 100 3.73 28.42 11.53
N ASP D 101 4.63 28.10 12.47
CA ASP D 101 5.80 27.27 12.16
C ASP D 101 5.38 25.96 11.50
N ASN D 102 4.35 25.27 12.03
CA ASN D 102 4.01 23.95 11.43
C ASN D 102 3.55 24.08 10.00
N ALA D 103 2.88 25.18 9.65
CA ALA D 103 2.49 25.35 8.24
C ALA D 103 3.73 25.50 7.35
N ASN D 104 4.73 26.26 7.81
CA ASN D 104 5.96 26.38 7.08
C ASN D 104 6.68 25.05 6.89
N ILE D 105 6.73 24.28 7.97
CA ILE D 105 7.38 22.99 7.93
C ILE D 105 6.64 22.06 6.95
N ILE D 106 5.32 22.03 7.02
CA ILE D 106 4.54 21.20 6.09
C ILE D 106 4.72 21.65 4.64
N ARG D 107 4.79 22.95 4.40
CA ARG D 107 5.02 23.44 3.04
C ARG D 107 6.39 22.98 2.57
N ASN D 108 7.40 23.05 3.45
CA ASN D 108 8.72 22.53 3.09
C ASN D 108 8.70 21.03 2.78
N ILE D 109 7.92 20.25 3.56
CA ILE D 109 7.70 18.84 3.24
C ILE D 109 7.06 18.66 1.86
N MET D 110 6.07 19.47 1.52
CA MET D 110 5.40 19.35 0.24
C MET D 110 6.39 19.60 -0.88
N LEU D 111 7.26 20.60 -0.71
CA LEU D 111 8.21 20.93 -1.75
C LEU D 111 9.29 19.87 -1.92
N ALA D 112 9.82 19.36 -0.80
CA ALA D 112 10.82 18.32 -0.81
C ALA D 112 10.26 17.03 -1.43
N THR D 113 8.99 16.71 -1.12
CA THR D 113 8.32 15.56 -1.70
C THR D 113 8.28 15.70 -3.23
N LEU D 114 7.91 16.89 -3.69
CA LEU D 114 7.84 17.16 -5.13
C LEU D 114 9.25 17.00 -5.76
N TRP D 115 10.28 17.54 -5.13
CA TRP D 115 11.61 17.37 -5.67
C TRP D 115 11.97 15.91 -5.84
N CYS D 116 11.68 15.10 -4.82
CA CYS D 116 11.98 13.69 -4.90
C CYS D 116 11.23 13.01 -6.06
N HIS D 117 9.92 13.23 -6.11
CA HIS D 117 9.08 12.60 -7.12
C HIS D 117 9.44 13.03 -8.53
N ASP D 118 9.54 14.34 -8.72
CA ASP D 118 9.74 14.91 -10.03
C ASP D 118 11.12 14.47 -10.55
N HIS D 119 12.15 14.59 -9.72
CA HIS D 119 13.48 14.21 -10.16
C HIS D 119 13.56 12.74 -10.54
N LEU D 120 12.92 11.87 -9.74
CA LEU D 120 12.93 10.43 -10.02
C LEU D 120 12.29 10.11 -11.37
N VAL D 121 11.10 10.62 -11.58
CA VAL D 121 10.37 10.34 -12.80
C VAL D 121 11.14 10.93 -13.99
N HIS D 122 11.72 12.09 -13.82
CA HIS D 122 12.47 12.66 -14.94
C HIS D 122 13.63 11.74 -15.34
N PHE D 123 14.38 11.29 -14.34
CA PHE D 123 15.57 10.50 -14.60
C PHE D 123 15.26 9.24 -15.44
N TYR D 124 14.21 8.51 -15.01
CA TYR D 124 13.83 7.26 -15.65
C TYR D 124 12.90 7.47 -16.85
N GLN D 125 11.71 8.02 -16.61
CA GLN D 125 10.65 8.06 -17.65
C GLN D 125 10.88 9.09 -18.74
N LEU D 126 11.55 10.19 -18.41
CA LEU D 126 11.75 11.24 -19.38
C LEU D 126 13.13 11.17 -20.05
N ALA D 127 14.19 11.20 -19.29
CA ALA D 127 15.52 11.23 -19.84
C ALA D 127 16.14 9.88 -20.10
N GLY D 128 15.70 8.84 -19.37
CA GLY D 128 16.39 7.56 -19.34
C GLY D 128 16.70 6.93 -20.67
N MET D 129 15.71 6.95 -21.56
CA MET D 129 15.85 6.26 -22.84
C MET D 129 16.80 6.99 -23.80
N ASP D 130 17.29 8.17 -23.43
CA ASP D 130 18.39 8.81 -24.16
C ASP D 130 19.74 8.15 -23.90
N TRP D 131 19.83 7.42 -22.80
CA TRP D 131 21.08 6.86 -22.28
C TRP D 131 21.09 5.35 -22.29
N ILE D 132 19.92 4.76 -22.07
CA ILE D 132 19.71 3.33 -22.01
C ILE D 132 19.11 2.86 -23.32
N ASP D 133 19.78 1.95 -23.99
CA ASP D 133 19.25 1.31 -25.21
C ASP D 133 18.41 0.13 -24.80
N VAL D 134 17.10 0.36 -24.78
CA VAL D 134 16.17 -0.64 -24.30
C VAL D 134 16.25 -1.91 -25.11
N LEU D 135 16.32 -1.83 -26.43
CA LEU D 135 16.35 -3.07 -27.21
C LEU D 135 17.64 -3.86 -27.01
N ASP D 136 18.74 -3.16 -26.70
CA ASP D 136 20.00 -3.84 -26.43
C ASP D 136 19.94 -4.64 -25.13
N ALA D 137 19.01 -4.31 -24.24
CA ALA D 137 18.79 -5.12 -23.03
C ALA D 137 18.43 -6.57 -23.32
N LEU D 138 17.83 -6.83 -24.47
CA LEU D 138 17.50 -8.20 -24.86
C LEU D 138 18.73 -9.07 -25.09
N LYS D 139 19.90 -8.45 -25.29
CA LYS D 139 21.16 -9.19 -25.53
C LYS D 139 21.97 -9.43 -24.27
N ALA D 140 21.51 -8.94 -23.11
CA ALA D 140 22.30 -9.04 -21.90
C ALA D 140 22.29 -10.46 -21.38
N ASP D 141 23.33 -10.77 -20.63
CA ASP D 141 23.36 -11.96 -19.83
C ASP D 141 22.85 -11.63 -18.42
N PRO D 142 21.77 -12.31 -18.00
CA PRO D 142 21.23 -11.98 -16.66
C PRO D 142 22.18 -12.10 -15.47
N ARG D 143 23.07 -13.10 -15.49
CA ARG D 143 24.02 -13.25 -14.43
C ARG D 143 25.01 -12.07 -14.40
N LYS D 144 25.48 -11.63 -15.57
CA LYS D 144 26.42 -10.52 -15.65
C LYS D 144 25.71 -9.20 -15.25
N THR D 145 24.41 -9.14 -15.47
CA THR D 145 23.61 -7.99 -15.04
C THR D 145 23.53 -7.97 -13.56
N SER D 146 23.23 -9.12 -12.94
CA SER D 146 23.23 -9.22 -11.50
C SER D 146 24.58 -8.81 -10.89
N GLU D 147 25.67 -9.33 -11.47
CA GLU D 147 27.01 -9.00 -10.97
C GLU D 147 27.26 -7.50 -11.05
N LEU D 148 26.87 -6.89 -12.18
CA LEU D 148 27.05 -5.43 -12.30
C LEU D 148 26.24 -4.68 -11.25
N ALA D 149 24.96 -5.00 -11.16
CA ALA D 149 24.10 -4.30 -10.19
C ALA D 149 24.64 -4.42 -8.78
N GLN D 150 25.06 -5.63 -8.42
CA GLN D 150 25.57 -5.88 -7.06
C GLN D 150 26.89 -5.20 -6.78
N SER D 151 27.69 -4.95 -7.82
CA SER D 151 28.92 -4.18 -7.67
C SER D 151 28.67 -2.67 -7.45
N LEU D 152 27.49 -2.17 -7.82
CA LEU D 152 27.18 -0.73 -7.73
C LEU D 152 26.33 -0.36 -6.53
N SER D 153 25.60 -1.31 -5.97
CA SER D 153 24.60 -0.99 -4.97
C SER D 153 24.29 -2.12 -4.05
N SER D 154 23.83 -1.76 -2.87
CA SER D 154 23.23 -2.71 -1.92
CA SER D 154 23.23 -2.72 -1.94
C SER D 154 21.76 -3.01 -2.17
N TRP D 155 21.15 -2.39 -3.18
CA TRP D 155 19.71 -2.56 -3.43
C TRP D 155 19.38 -4.03 -3.47
N PRO D 156 18.29 -4.47 -2.80
CA PRO D 156 18.13 -5.93 -2.74
C PRO D 156 17.82 -6.61 -4.07
N LYS D 157 17.08 -5.95 -4.96
CA LYS D 157 16.48 -6.58 -6.18
C LYS D 157 17.50 -6.68 -7.29
N SER D 158 18.30 -7.72 -7.23
CA SER D 158 19.39 -7.87 -8.13
C SER D 158 19.68 -9.31 -8.55
N SER D 159 18.80 -10.25 -8.28
CA SER D 159 19.09 -11.64 -8.60
C SER D 159 19.15 -11.89 -10.13
N PRO D 160 19.96 -12.88 -10.56
CA PRO D 160 19.94 -13.27 -12.00
C PRO D 160 18.53 -13.60 -12.47
N GLY D 161 17.77 -14.30 -11.61
CA GLY D 161 16.40 -14.67 -11.98
C GLY D 161 15.48 -13.45 -12.19
N TYR D 162 15.66 -12.41 -11.39
CA TYR D 162 14.95 -11.17 -11.58
C TYR D 162 15.26 -10.56 -12.93
N PHE D 163 16.54 -10.37 -13.22
CA PHE D 163 16.90 -9.75 -14.48
C PHE D 163 16.47 -10.61 -15.67
N PHE D 164 16.50 -11.94 -15.52
CA PHE D 164 15.97 -12.81 -16.57
C PHE D 164 14.48 -12.58 -16.78
N ASP D 165 13.75 -12.49 -15.67
CA ASP D 165 12.30 -12.21 -15.71
C ASP D 165 11.97 -10.86 -16.37
N VAL D 166 12.74 -9.82 -16.05
CA VAL D 166 12.53 -8.53 -16.68
C VAL D 166 12.83 -8.61 -18.20
N GLN D 167 13.92 -9.29 -18.53
CA GLN D 167 14.31 -9.44 -19.91
C GLN D 167 13.24 -10.20 -20.68
N ASN D 168 12.68 -11.25 -20.08
CA ASN D 168 11.58 -12.00 -20.72
C ASN D 168 10.29 -11.20 -20.86
N ARG D 169 10.02 -10.31 -19.91
CA ARG D 169 8.85 -9.44 -20.01
C ARG D 169 9.06 -8.57 -21.25
N LEU D 170 10.26 -8.04 -21.43
CA LEU D 170 10.52 -7.16 -22.59
C LEU D 170 10.46 -7.97 -23.91
N LYS D 171 11.01 -9.17 -23.89
CA LYS D 171 10.95 -10.07 -25.05
C LYS D 171 9.50 -10.32 -25.45
N LYS D 172 8.61 -10.63 -24.50
CA LYS D 172 7.15 -10.85 -24.79
C LYS D 172 6.46 -9.60 -25.32
N PHE D 173 6.87 -8.47 -24.78
CA PHE D 173 6.28 -7.22 -25.14
C PHE D 173 6.51 -6.89 -26.59
N VAL D 174 7.73 -7.16 -27.07
CA VAL D 174 8.08 -6.79 -28.42
C VAL D 174 7.79 -7.91 -29.43
N GLU D 175 7.46 -9.12 -28.95
CA GLU D 175 7.22 -10.33 -29.78
CA GLU D 175 7.34 -10.24 -29.89
C GLU D 175 6.10 -10.20 -30.77
N GLY D 176 5.05 -9.45 -30.40
CA GLY D 176 3.87 -9.27 -31.26
C GLY D 176 4.02 -8.10 -32.22
N GLY D 177 5.20 -7.46 -32.18
CA GLY D 177 5.48 -6.34 -33.00
C GLY D 177 4.78 -5.06 -32.61
N GLN D 178 4.23 -4.99 -31.38
CA GLN D 178 3.58 -3.77 -30.89
C GLN D 178 4.56 -3.14 -29.89
N LEU D 179 5.51 -2.36 -30.42
CA LEU D 179 6.62 -1.86 -29.58
C LEU D 179 6.23 -0.64 -28.75
N GLY D 180 5.04 -0.09 -29.01
CA GLY D 180 4.48 0.91 -28.12
C GLY D 180 5.42 2.12 -28.01
N ILE D 181 5.72 2.56 -26.79
CA ILE D 181 6.62 3.69 -26.59
C ILE D 181 8.02 3.48 -27.08
N PHE D 182 8.41 2.24 -27.41
CA PHE D 182 9.74 1.99 -27.96
C PHE D 182 9.79 2.05 -29.49
N ARG D 183 8.64 2.19 -30.16
CA ARG D 183 8.61 2.11 -31.60
C ARG D 183 9.37 3.24 -32.27
N ASN D 184 10.19 2.89 -33.27
CA ASN D 184 10.89 3.89 -34.08
C ASN D 184 11.82 4.77 -33.23
N GLY D 185 12.37 4.20 -32.16
CA GLY D 185 13.34 4.84 -31.33
C GLY D 185 14.69 4.87 -32.03
N TYR D 186 15.67 5.35 -31.30
CA TYR D 186 17.00 5.57 -31.83
C TYR D 186 17.99 4.42 -31.50
N TRP D 187 17.41 3.29 -31.15
CA TRP D 187 18.15 2.11 -30.67
C TRP D 187 19.25 1.75 -31.67
N GLY D 188 20.43 1.49 -31.15
CA GLY D 188 21.59 1.16 -32.00
C GLY D 188 22.41 2.35 -32.45
N HIS D 189 21.94 3.55 -32.15
CA HIS D 189 22.72 4.75 -32.47
C HIS D 189 24.10 4.66 -31.85
N PRO D 190 25.14 5.13 -32.55
CA PRO D 190 26.49 5.01 -31.98
C PRO D 190 26.72 5.67 -30.64
N GLN D 191 25.90 6.64 -30.25
CA GLN D 191 26.07 7.29 -28.96
C GLN D 191 25.52 6.49 -27.77
N TYR D 192 24.76 5.43 -28.02
CA TYR D 192 24.44 4.48 -26.94
C TYR D 192 25.70 3.65 -26.59
N LYS D 193 26.25 3.90 -25.40
CA LYS D 193 27.53 3.36 -24.98
C LYS D 193 27.49 2.36 -23.85
N LEU D 194 26.34 2.17 -23.22
CA LEU D 194 26.25 1.19 -22.16
C LEU D 194 26.42 -0.23 -22.73
N PRO D 195 27.10 -1.11 -21.98
CA PRO D 195 27.06 -2.53 -22.37
C PRO D 195 25.65 -3.14 -22.16
N PRO D 196 25.35 -4.26 -22.80
CA PRO D 196 23.99 -4.83 -22.69
C PRO D 196 23.53 -5.02 -21.25
N GLU D 197 24.43 -5.45 -20.37
CA GLU D 197 24.06 -5.72 -18.98
CA GLU D 197 24.07 -5.71 -18.97
C GLU D 197 23.63 -4.40 -18.26
N ALA D 198 24.28 -3.29 -18.59
CA ALA D 198 23.91 -2.03 -17.98
C ALA D 198 22.56 -1.54 -18.55
N ASN D 199 22.28 -1.86 -19.81
CA ASN D 199 20.96 -1.53 -20.40
C ASN D 199 19.85 -2.30 -19.71
N LEU D 200 20.09 -3.57 -19.42
CA LEU D 200 19.08 -4.37 -18.74
C LEU D 200 18.89 -3.89 -17.33
N MET D 201 19.99 -3.57 -16.64
CA MET D 201 19.89 -3.02 -15.30
C MET D 201 19.06 -1.74 -15.33
N GLY D 202 19.38 -0.85 -16.23
CA GLY D 202 18.66 0.42 -16.31
C GLY D 202 17.20 0.26 -16.67
N PHE D 203 16.88 -0.65 -17.58
CA PHE D 203 15.50 -0.92 -17.91
C PHE D 203 14.71 -1.52 -16.72
N ALA D 204 15.30 -2.46 -16.01
CA ALA D 204 14.69 -2.95 -14.77
C ALA D 204 14.36 -1.80 -13.83
N HIS D 205 15.31 -0.90 -13.68
CA HIS D 205 15.13 0.23 -12.79
C HIS D 205 14.07 1.21 -13.30
N TYR D 206 13.98 1.40 -14.60
CA TYR D 206 12.91 2.22 -15.18
C TYR D 206 11.56 1.70 -14.72
N LEU D 207 11.38 0.40 -14.76
CA LEU D 207 10.12 -0.24 -14.35
C LEU D 207 9.91 -0.14 -12.84
N GLU D 208 10.96 -0.34 -12.06
CA GLU D 208 10.86 -0.20 -10.62
C GLU D 208 10.49 1.23 -10.22
N ALA D 209 11.05 2.20 -10.93
CA ALA D 209 10.76 3.62 -10.64
C ALA D 209 9.33 3.99 -11.05
N LEU D 210 8.86 3.47 -12.17
CA LEU D 210 7.51 3.71 -12.61
C LEU D 210 6.52 3.21 -11.56
N ASP D 211 6.81 2.07 -10.96
CA ASP D 211 5.93 1.57 -9.88
C ASP D 211 6.11 2.45 -8.60
N PHE D 212 7.36 2.71 -8.20
CA PHE D 212 7.62 3.27 -6.91
C PHE D 212 7.16 4.72 -6.79
N GLN D 213 7.26 5.48 -7.88
CA GLN D 213 6.94 6.90 -7.80
C GLN D 213 5.55 7.21 -7.25
N ARG D 214 4.60 6.32 -7.46
CA ARG D 214 3.26 6.50 -6.94
C ARG D 214 3.18 6.57 -5.42
N GLU D 215 4.18 6.00 -4.75
CA GLU D 215 4.21 5.98 -3.29
C GLU D 215 4.59 7.33 -2.70
N ILE D 216 5.53 7.99 -3.37
CA ILE D 216 6.15 9.19 -2.83
C ILE D 216 5.06 10.24 -2.56
N VAL D 217 4.14 10.35 -3.51
CA VAL D 217 3.17 11.42 -3.45
C VAL D 217 2.05 11.16 -2.41
N LYS D 218 2.06 10.02 -1.73
CA LYS D 218 1.16 9.81 -0.61
C LYS D 218 1.38 10.86 0.46
N ILE D 219 2.59 11.44 0.53
CA ILE D 219 2.81 12.55 1.49
C ILE D 219 1.95 13.76 1.12
N HIS D 220 1.92 14.08 -0.17
CA HIS D 220 1.00 15.14 -0.64
C HIS D 220 -0.47 14.82 -0.33
N ALA D 221 -0.87 13.56 -0.44
CA ALA D 221 -2.25 13.23 -0.16
C ALA D 221 -2.58 13.46 1.33
N VAL D 222 -1.66 13.08 2.24
CA VAL D 222 -1.92 13.29 3.67
C VAL D 222 -2.15 14.79 3.98
N PHE D 223 -1.19 15.64 3.57
CA PHE D 223 -1.24 17.05 3.95
C PHE D 223 -2.10 17.91 3.04
N GLY D 224 -2.26 17.46 1.80
CA GLY D 224 -2.87 18.27 0.73
C GLY D 224 -4.04 17.63 0.03
N GLY D 225 -4.50 16.44 0.49
CA GLY D 225 -5.68 15.81 0.00
C GLY D 225 -5.55 14.89 -1.18
N LYS D 226 -4.65 15.22 -2.09
CA LYS D 226 -4.56 14.53 -3.38
C LYS D 226 -3.25 14.92 -4.07
N ASN D 227 -2.81 14.05 -4.97
CA ASN D 227 -1.79 14.34 -5.93
C ASN D 227 -2.12 13.60 -7.24
N PRO D 228 -2.07 14.26 -8.38
CA PRO D 228 -1.69 15.68 -8.57
C PRO D 228 -2.61 16.71 -7.96
N HIS D 229 -2.04 17.91 -7.81
CA HIS D 229 -2.74 19.15 -7.49
C HIS D 229 -3.34 19.14 -6.09
N PRO D 230 -2.49 19.09 -5.09
CA PRO D 230 -2.96 19.18 -3.69
C PRO D 230 -3.53 20.59 -3.35
N ASN D 231 -4.14 20.70 -2.18
CA ASN D 231 -4.75 21.90 -1.68
C ASN D 231 -3.87 22.60 -0.64
N TRP D 232 -4.05 23.93 -0.60
CA TRP D 232 -3.27 24.86 0.17
C TRP D 232 -4.24 25.93 0.70
N ILE D 233 -3.77 26.80 1.60
CA ILE D 233 -4.49 28.04 1.90
C ILE D 233 -3.49 29.20 2.10
N VAL D 234 -3.97 30.38 1.82
CA VAL D 234 -3.30 31.61 2.26
C VAL D 234 -3.48 31.63 3.79
N GLY D 235 -2.38 31.74 4.50
CA GLY D 235 -2.40 31.67 5.97
C GLY D 235 -1.80 30.44 6.57
N GLY D 236 -1.55 29.42 5.76
CA GLY D 236 -0.90 28.22 6.25
C GLY D 236 -1.21 27.00 5.41
N MET D 237 -1.79 25.99 6.08
CA MET D 237 -2.29 24.80 5.40
C MET D 237 -3.62 24.42 6.02
N PRO D 238 -4.51 23.78 5.24
CA PRO D 238 -5.81 23.40 5.74
C PRO D 238 -5.84 22.12 6.60
N CYS D 239 -4.72 21.39 6.62
CA CYS D 239 -4.62 20.12 7.31
C CYS D 239 -4.38 20.29 8.81
N ALA D 240 -5.46 20.62 9.48
CA ALA D 240 -5.46 20.77 10.94
C ALA D 240 -4.94 19.52 11.63
N ILE D 241 -4.19 19.73 12.71
CA ILE D 241 -3.56 18.66 13.44
C ILE D 241 -4.29 18.47 14.77
N ASN D 242 -4.46 17.19 15.13
CA ASN D 242 -5.00 16.79 16.41
C ASN D 242 -4.41 15.43 16.74
N ILE D 243 -3.51 15.41 17.71
CA ILE D 243 -2.82 14.15 18.08
C ILE D 243 -3.53 13.44 19.24
N ASP D 244 -4.01 14.17 20.23
CA ASP D 244 -4.39 13.56 21.53
C ASP D 244 -5.72 13.98 22.07
N GLU D 245 -6.60 14.54 21.24
CA GLU D 245 -7.92 15.00 21.65
C GLU D 245 -9.00 14.28 20.90
N SER D 246 -10.21 14.34 21.45
CA SER D 246 -11.36 13.78 20.75
C SER D 246 -11.48 14.33 19.36
N GLY D 247 -11.82 13.46 18.43
CA GLY D 247 -12.00 13.89 17.08
C GLY D 247 -10.73 13.85 16.28
N ALA D 248 -9.64 13.29 16.79
CA ALA D 248 -8.40 13.19 16.01
C ALA D 248 -8.58 12.39 14.72
N VAL D 249 -9.59 11.52 14.67
CA VAL D 249 -9.94 10.79 13.46
C VAL D 249 -10.30 11.74 12.32
N GLY D 250 -10.62 12.99 12.64
CA GLY D 250 -10.97 13.99 11.60
C GLY D 250 -9.83 14.94 11.27
N ALA D 251 -8.60 14.58 11.60
CA ALA D 251 -7.46 15.51 11.46
C ALA D 251 -6.17 14.74 11.17
N VAL D 252 -5.06 15.46 11.01
CA VAL D 252 -3.76 14.85 10.95
C VAL D 252 -3.41 14.38 12.36
N ASN D 253 -3.36 13.07 12.50
CA ASN D 253 -3.18 12.38 13.78
C ASN D 253 -1.94 11.50 13.72
N MET D 254 -1.68 10.73 14.80
CA MET D 254 -0.48 9.93 14.82
C MET D 254 -0.42 8.88 13.69
N GLU D 255 -1.58 8.30 13.33
CA GLU D 255 -1.60 7.30 12.27
C GLU D 255 -1.22 7.98 10.91
N ARG D 256 -1.73 9.18 10.66
CA ARG D 256 -1.37 9.90 9.42
C ARG D 256 0.12 10.27 9.40
N LEU D 257 0.66 10.70 10.53
CA LEU D 257 2.09 11.00 10.61
C LEU D 257 2.95 9.76 10.44
N ASN D 258 2.49 8.63 10.97
CA ASN D 258 3.18 7.39 10.79
C ASN D 258 3.25 6.96 9.33
N LEU D 259 2.16 7.21 8.61
CA LEU D 259 2.18 6.97 7.14
C LEU D 259 3.25 7.82 6.48
N VAL D 260 3.26 9.12 6.79
CA VAL D 260 4.29 10.01 6.22
C VAL D 260 5.70 9.50 6.50
N GLN D 261 5.96 9.12 7.76
CA GLN D 261 7.29 8.61 8.07
C GLN D 261 7.67 7.37 7.23
N SER D 262 6.71 6.46 7.09
CA SER D 262 6.96 5.27 6.30
CA SER D 262 6.95 5.26 6.30
C SER D 262 7.35 5.61 4.87
N ILE D 263 6.63 6.56 4.30
CA ILE D 263 6.94 6.98 2.93
C ILE D 263 8.33 7.65 2.82
N ILE D 264 8.67 8.49 3.80
CA ILE D 264 9.98 9.14 3.77
C ILE D 264 11.10 8.11 3.73
N THR D 265 11.01 7.11 4.61
N THR D 265 11.04 7.10 4.60
CA THR D 265 12.07 6.11 4.66
CA THR D 265 12.17 6.16 4.65
C THR D 265 12.21 5.36 3.35
C THR D 265 12.23 5.31 3.35
N ARG D 266 11.08 4.95 2.79
CA ARG D 266 11.09 4.19 1.55
C ARG D 266 11.63 5.06 0.39
N THR D 267 11.30 6.33 0.38
CA THR D 267 11.73 7.24 -0.68
C THR D 267 13.26 7.41 -0.64
N ALA D 268 13.79 7.68 0.54
CA ALA D 268 15.22 7.80 0.69
C ALA D 268 15.93 6.54 0.22
N ASP D 269 15.43 5.38 0.62
CA ASP D 269 16.07 4.14 0.28
C ASP D 269 16.09 3.96 -1.26
N PHE D 270 14.98 4.25 -1.93
CA PHE D 270 14.93 4.06 -3.37
C PHE D 270 15.92 5.04 -4.07
N ILE D 271 15.91 6.31 -3.69
CA ILE D 271 16.75 7.29 -4.33
C ILE D 271 18.22 6.97 -4.12
N ASN D 272 18.56 6.60 -2.90
CA ASN D 272 19.95 6.39 -2.55
C ASN D 272 20.52 5.12 -3.15
N ASN D 273 19.69 4.10 -3.32
CA ASN D 273 20.21 2.79 -3.75
C ASN D 273 19.86 2.39 -5.17
N VAL D 274 18.99 3.15 -5.83
CA VAL D 274 18.60 2.86 -7.21
C VAL D 274 19.04 4.05 -8.09
N MET D 275 18.51 5.23 -7.84
CA MET D 275 18.76 6.37 -8.75
C MET D 275 20.20 6.85 -8.68
N ILE D 276 20.75 7.01 -7.47
CA ILE D 276 22.10 7.51 -7.33
C ILE D 276 23.13 6.62 -8.03
N PRO D 277 23.09 5.30 -7.78
CA PRO D 277 24.08 4.48 -8.48
C PRO D 277 23.86 4.42 -9.97
N ASP D 278 22.63 4.53 -10.45
CA ASP D 278 22.37 4.54 -11.88
C ASP D 278 22.92 5.83 -12.54
N ALA D 279 22.84 6.95 -11.84
CA ALA D 279 23.34 8.22 -12.35
C ALA D 279 24.84 8.13 -12.47
N LEU D 280 25.45 7.56 -11.44
CA LEU D 280 26.91 7.41 -11.45
C LEU D 280 27.32 6.46 -12.58
N ALA D 281 26.59 5.37 -12.80
CA ALA D 281 26.86 4.47 -13.91
C ALA D 281 26.75 5.10 -15.27
N ILE D 282 25.70 5.87 -15.49
CA ILE D 282 25.61 6.64 -16.73
C ILE D 282 26.86 7.53 -16.88
N GLY D 283 27.27 8.21 -15.81
CA GLY D 283 28.49 9.02 -15.85
C GLY D 283 29.70 8.19 -16.26
N GLN D 284 29.85 6.99 -15.66
CA GLN D 284 31.05 6.17 -15.91
C GLN D 284 31.18 5.77 -17.35
N PHE D 285 30.04 5.50 -18.01
CA PHE D 285 30.03 5.02 -19.38
C PHE D 285 29.88 6.09 -20.44
N ASN D 286 29.68 7.33 -20.03
CA ASN D 286 29.44 8.44 -20.98
C ASN D 286 30.25 9.67 -20.59
N LYS D 287 31.51 9.47 -20.18
CA LYS D 287 32.33 10.61 -19.74
C LYS D 287 32.51 11.73 -20.76
N PRO D 288 32.54 11.41 -22.09
CA PRO D 288 32.65 12.53 -23.03
C PRO D 288 31.53 13.57 -22.91
N TRP D 289 30.37 13.17 -22.36
CA TRP D 289 29.23 14.10 -22.16
C TRP D 289 29.47 15.05 -21.01
N SER D 290 30.59 14.89 -20.29
CA SER D 290 31.02 15.95 -19.34
C SER D 290 31.64 17.16 -20.03
N GLU D 291 31.81 17.11 -21.35
CA GLU D 291 32.37 18.18 -22.17
CA GLU D 291 32.32 18.26 -22.12
C GLU D 291 31.39 18.70 -23.25
N ILE D 292 30.14 18.22 -23.21
CA ILE D 292 29.13 18.54 -24.22
C ILE D 292 28.00 19.25 -23.46
N GLY D 293 27.41 20.26 -24.09
CA GLY D 293 26.23 20.93 -23.56
C GLY D 293 26.48 21.87 -22.41
N THR D 294 27.67 22.41 -22.29
CA THR D 294 27.98 23.35 -21.22
C THR D 294 27.06 24.54 -21.26
N GLY D 295 26.89 25.12 -22.42
CA GLY D 295 26.04 26.30 -22.54
C GLY D 295 26.45 27.43 -21.60
N LEU D 296 25.45 28.00 -20.96
CA LEU D 296 25.63 29.08 -20.03
C LEU D 296 26.13 28.65 -18.66
N SER D 297 26.25 27.34 -18.42
CA SER D 297 26.58 26.91 -17.06
C SER D 297 27.98 27.23 -16.58
N ASP D 298 28.86 27.64 -17.50
CA ASP D 298 30.18 28.17 -17.09
C ASP D 298 30.26 29.69 -17.18
N LYS D 299 29.12 30.33 -17.33
CA LYS D 299 29.01 31.77 -17.50
C LYS D 299 28.06 32.46 -16.52
N CYS D 300 26.78 32.07 -16.58
CA CYS D 300 25.73 32.78 -15.85
C CYS D 300 24.72 31.78 -15.31
N VAL D 301 24.58 31.77 -13.98
CA VAL D 301 23.65 30.87 -13.31
C VAL D 301 22.92 31.61 -12.23
N LEU D 302 21.69 31.13 -11.94
CA LEU D 302 20.77 31.86 -11.08
C LEU D 302 19.99 30.89 -10.17
N SER D 303 19.89 31.26 -8.90
CA SER D 303 19.01 30.62 -7.92
C SER D 303 18.39 31.70 -7.05
N TYR D 304 17.10 31.60 -6.78
CA TYR D 304 16.45 32.47 -5.81
C TYR D 304 16.63 31.95 -4.39
N GLY D 305 16.80 30.65 -4.25
CA GLY D 305 16.82 30.04 -2.91
C GLY D 305 15.45 29.52 -2.51
N ALA D 306 15.47 28.58 -1.57
CA ALA D 306 14.23 27.93 -1.15
C ALA D 306 14.37 27.28 0.22
N PHE D 307 13.25 26.78 0.70
CA PHE D 307 13.17 26.03 1.95
C PHE D 307 13.52 26.92 3.17
N PRO D 308 12.72 27.96 3.44
CA PRO D 308 12.99 28.78 4.60
C PRO D 308 12.83 27.93 5.86
N ASP D 309 13.92 27.84 6.64
CA ASP D 309 13.84 27.07 7.89
C ASP D 309 13.29 27.86 9.06
N ILE D 310 13.41 29.18 9.00
CA ILE D 310 12.80 30.09 9.97
C ILE D 310 11.53 30.59 9.34
N ALA D 311 10.40 30.29 9.96
CA ALA D 311 9.10 30.61 9.38
C ALA D 311 9.02 32.11 9.09
N ASN D 312 8.56 32.42 7.88
CA ASN D 312 8.32 33.77 7.42
C ASN D 312 9.58 34.61 7.21
N ASP D 313 10.75 33.99 7.25
CA ASP D 313 12.01 34.63 6.97
C ASP D 313 12.57 34.03 5.68
N PHE D 314 12.65 34.88 4.66
CA PHE D 314 13.17 34.49 3.38
C PHE D 314 14.61 34.93 3.11
N GLY D 315 15.33 35.30 4.16
CA GLY D 315 16.72 35.76 4.06
C GLY D 315 17.71 34.61 3.99
N GLU D 316 18.96 34.99 3.76
CA GLU D 316 20.08 34.09 3.64
C GLU D 316 20.27 33.14 4.83
N LYS D 317 20.02 33.62 6.04
CA LYS D 317 20.19 32.81 7.26
C LYS D 317 19.08 31.76 7.42
N SER D 318 18.01 31.92 6.69
CA SER D 318 16.87 31.00 6.80
C SER D 318 16.84 29.96 5.67
N LEU D 319 17.08 30.37 4.45
CA LEU D 319 16.89 29.46 3.29
C LEU D 319 17.91 28.30 3.29
N LEU D 320 17.40 27.07 3.34
CA LEU D 320 18.28 25.90 3.34
C LEU D 320 18.90 25.62 1.98
N MET D 321 18.21 26.04 0.92
CA MET D 321 18.75 25.93 -0.45
C MET D 321 19.18 27.34 -0.84
N PRO D 322 20.48 27.58 -0.99
CA PRO D 322 20.98 28.94 -1.17
C PRO D 322 20.52 29.61 -2.47
N GLY D 323 20.34 30.92 -2.39
CA GLY D 323 20.13 31.77 -3.55
C GLY D 323 21.38 32.59 -3.93
N GLY D 324 21.42 33.05 -5.16
CA GLY D 324 22.45 33.92 -5.64
C GLY D 324 22.56 33.83 -7.13
N ALA D 325 23.33 34.76 -7.69
CA ALA D 325 23.57 34.81 -9.15
C ALA D 325 25.07 34.93 -9.43
N VAL D 326 25.51 34.28 -10.48
CA VAL D 326 26.87 34.42 -11.02
C VAL D 326 26.75 34.89 -12.45
N ILE D 327 27.54 35.88 -12.83
CA ILE D 327 27.63 36.31 -14.23
C ILE D 327 29.10 36.36 -14.65
N ASN D 328 29.32 36.39 -15.96
CA ASN D 328 30.66 36.59 -16.55
C ASN D 328 31.65 35.49 -16.19
N GLY D 329 31.13 34.33 -15.85
CA GLY D 329 31.93 33.24 -15.37
C GLY D 329 32.67 33.48 -14.10
N ASP D 330 32.27 34.50 -13.33
CA ASP D 330 32.97 34.84 -12.09
C ASP D 330 32.29 34.16 -10.90
N PHE D 331 32.67 32.90 -10.68
CA PHE D 331 32.09 32.09 -9.59
C PHE D 331 32.63 32.47 -8.21
N ASN D 332 33.63 33.36 -8.17
CA ASN D 332 34.14 33.96 -6.96
C ASN D 332 33.23 35.10 -6.47
N ASN D 333 32.22 35.47 -7.27
CA ASN D 333 31.35 36.60 -6.90
C ASN D 333 29.87 36.22 -6.98
N VAL D 334 29.40 35.48 -5.97
CA VAL D 334 27.98 35.14 -5.93
C VAL D 334 27.21 36.37 -5.43
N LEU D 335 26.35 36.87 -6.30
CA LEU D 335 25.65 38.10 -6.10
C LEU D 335 24.28 37.88 -5.49
N PRO D 336 23.80 38.79 -4.64
CA PRO D 336 22.46 38.65 -4.07
C PRO D 336 21.41 39.04 -5.09
N VAL D 337 20.28 38.37 -4.98
CA VAL D 337 19.15 38.60 -5.87
C VAL D 337 18.03 39.30 -5.09
N ASP D 338 17.46 40.34 -5.70
CA ASP D 338 16.34 41.07 -5.15
C ASP D 338 15.24 41.08 -6.19
N LEU D 339 14.12 40.40 -5.90
CA LEU D 339 13.02 40.28 -6.81
C LEU D 339 12.11 41.49 -6.91
N VAL D 340 12.30 42.51 -6.05
CA VAL D 340 11.58 43.77 -6.16
C VAL D 340 12.39 44.78 -7.02
N ASP D 341 13.68 44.61 -7.19
CA ASP D 341 14.53 45.60 -7.88
C ASP D 341 14.21 45.61 -9.39
N PRO D 342 13.71 46.73 -9.91
CA PRO D 342 13.32 46.74 -11.32
C PRO D 342 14.45 46.58 -12.33
N GLN D 343 15.70 46.71 -11.88
CA GLN D 343 16.86 46.51 -12.73
C GLN D 343 17.37 45.10 -12.76
N GLN D 344 16.78 44.21 -11.95
CA GLN D 344 17.24 42.83 -11.88
C GLN D 344 16.45 41.95 -12.84
N VAL D 345 15.34 41.35 -12.41
CA VAL D 345 14.61 40.45 -13.32
C VAL D 345 13.76 41.28 -14.27
N GLN D 346 13.96 41.09 -15.57
CA GLN D 346 13.15 41.75 -16.59
C GLN D 346 12.82 40.74 -17.68
N GLU D 347 11.64 40.86 -18.31
CA GLU D 347 11.32 40.00 -19.45
C GLU D 347 11.22 40.85 -20.70
N PHE D 348 11.74 40.25 -21.78
CA PHE D 348 11.74 40.84 -23.14
C PHE D 348 10.87 40.01 -24.04
N VAL D 349 10.23 40.70 -24.99
CA VAL D 349 9.35 40.04 -25.95
C VAL D 349 9.61 40.37 -27.40
N ASP D 350 10.79 40.95 -27.71
CA ASP D 350 11.11 41.21 -29.12
C ASP D 350 11.16 39.97 -30.03
N HIS D 351 11.39 38.79 -29.44
CA HIS D 351 11.39 37.57 -30.19
C HIS D 351 10.34 36.58 -29.69
N ALA D 352 9.29 37.13 -29.07
CA ALA D 352 8.20 36.31 -28.56
C ALA D 352 6.86 36.85 -29.02
N TRP D 353 5.83 36.01 -28.97
CA TRP D 353 4.52 36.35 -29.47
C TRP D 353 3.64 37.16 -28.50
N TYR D 354 4.11 38.36 -28.15
CA TYR D 354 3.44 39.24 -27.22
C TYR D 354 3.64 40.70 -27.68
N ARG D 355 2.78 41.59 -27.19
CA ARG D 355 2.90 43.04 -27.50
C ARG D 355 3.39 43.76 -26.26
N TYR D 356 4.38 44.62 -26.42
CA TYR D 356 4.81 45.59 -25.42
C TYR D 356 4.74 46.95 -26.09
N PRO D 357 4.61 48.01 -25.29
CA PRO D 357 4.73 49.37 -25.86
C PRO D 357 6.09 49.63 -26.48
N ASN D 358 7.14 49.12 -25.87
CA ASN D 358 8.48 49.18 -26.45
C ASN D 358 9.13 47.82 -26.33
N ASP D 359 9.16 47.07 -27.42
CA ASP D 359 9.73 45.73 -27.39
C ASP D 359 11.24 45.67 -27.37
N GLN D 360 11.90 46.82 -27.41
CA GLN D 360 13.36 46.84 -27.28
C GLN D 360 13.84 46.97 -25.86
N VAL D 361 12.92 47.00 -24.88
CA VAL D 361 13.30 47.06 -23.48
C VAL D 361 12.61 45.96 -22.71
N GLY D 362 13.17 45.67 -21.56
CA GLY D 362 12.67 44.64 -20.67
C GLY D 362 11.73 45.24 -19.66
N ARG D 363 10.79 44.43 -19.15
CA ARG D 363 9.87 44.88 -18.11
C ARG D 363 9.97 43.97 -16.91
N HIS D 364 10.14 44.60 -15.76
CA HIS D 364 10.13 43.87 -14.49
C HIS D 364 8.69 43.34 -14.29
N PRO D 365 8.53 42.18 -13.58
CA PRO D 365 7.17 41.63 -13.52
C PRO D 365 6.09 42.46 -12.87
N PHE D 366 6.44 43.37 -11.94
CA PHE D 366 5.40 44.29 -11.41
C PHE D 366 4.91 45.28 -12.48
N ASP D 367 5.67 45.42 -13.57
CA ASP D 367 5.26 46.18 -14.75
C ASP D 367 4.96 45.24 -15.92
N GLY D 368 4.72 43.98 -15.68
CA GLY D 368 4.61 42.99 -16.72
C GLY D 368 3.32 43.14 -17.49
N ILE D 369 3.37 42.69 -18.73
CA ILE D 369 2.25 42.75 -19.66
C ILE D 369 2.18 41.41 -20.37
N THR D 370 0.98 40.84 -20.41
CA THR D 370 0.73 39.58 -21.15
C THR D 370 -0.40 39.81 -22.14
N ASP D 371 0.02 40.25 -23.33
CA ASP D 371 -0.91 40.64 -24.42
C ASP D 371 -0.49 39.80 -25.63
N PRO D 372 -1.13 38.64 -25.80
CA PRO D 372 -0.64 37.69 -26.79
C PRO D 372 -0.82 38.23 -28.21
N TRP D 373 0.17 37.94 -29.02
CA TRP D 373 0.22 38.40 -30.39
C TRP D 373 0.91 37.36 -31.24
N TYR D 374 0.14 36.51 -31.88
CA TYR D 374 0.71 35.47 -32.73
C TYR D 374 1.11 36.10 -34.06
N ASN D 375 2.40 36.24 -34.22
CA ASN D 375 2.98 36.93 -35.41
C ASN D 375 4.33 36.28 -35.72
N PRO D 376 4.31 35.17 -36.46
CA PRO D 376 5.54 34.48 -36.78
C PRO D 376 6.32 35.11 -37.94
N GLY D 377 5.71 36.10 -38.61
CA GLY D 377 6.37 36.79 -39.71
C GLY D 377 6.74 35.89 -40.85
N ASP D 378 7.92 36.16 -41.39
CA ASP D 378 8.36 35.56 -42.62
C ASP D 378 8.98 34.17 -42.39
N VAL D 379 8.11 33.22 -42.04
CA VAL D 379 8.47 31.82 -41.91
C VAL D 379 8.64 31.17 -43.27
N LYS D 380 9.27 30.02 -43.28
CA LYS D 380 9.17 29.12 -44.43
C LYS D 380 7.89 28.38 -44.15
N GLY D 381 6.99 28.43 -45.13
CA GLY D 381 5.63 27.96 -44.92
C GLY D 381 4.71 29.13 -44.77
N SER D 382 3.74 29.00 -43.86
CA SER D 382 2.73 30.01 -43.55
C SER D 382 2.47 30.03 -42.05
N ASP D 383 1.64 30.97 -41.63
CA ASP D 383 1.37 31.10 -40.21
C ASP D 383 0.58 29.94 -39.59
N THR D 384 -0.06 29.08 -40.40
CA THR D 384 -0.69 27.88 -39.86
C THR D 384 -0.03 26.64 -40.37
N ASN D 385 1.12 26.79 -41.01
CA ASN D 385 1.84 25.61 -41.51
C ASN D 385 3.32 25.93 -41.56
N ILE D 386 3.93 25.91 -40.39
CA ILE D 386 5.29 26.40 -40.27
C ILE D 386 6.28 25.28 -40.65
N GLN D 387 7.10 25.52 -41.66
CA GLN D 387 8.20 24.64 -41.98
C GLN D 387 9.46 25.08 -41.23
N GLN D 388 9.74 26.38 -41.18
CA GLN D 388 10.86 26.92 -40.41
C GLN D 388 10.44 28.24 -39.80
N LEU D 389 10.63 28.33 -38.49
CA LEU D 389 10.49 29.59 -37.76
C LEU D 389 11.53 30.57 -38.24
N ASN D 390 11.23 31.87 -38.09
CA ASN D 390 12.19 32.89 -38.38
C ASN D 390 12.69 33.50 -37.07
N GLU D 391 13.86 33.05 -36.67
CA GLU D 391 14.46 33.47 -35.40
C GLU D 391 15.02 34.89 -35.39
N GLN D 392 15.00 35.55 -36.54
CA GLN D 392 15.27 36.98 -36.62
C GLN D 392 14.07 37.81 -36.20
N GLU D 393 12.90 37.18 -36.11
CA GLU D 393 11.65 37.83 -35.74
C GLU D 393 11.09 37.08 -34.50
N ARG D 394 9.78 37.07 -34.35
CA ARG D 394 9.14 36.45 -33.15
C ARG D 394 8.95 34.96 -33.43
N TYR D 395 9.36 34.13 -32.45
CA TYR D 395 9.37 32.72 -32.69
C TYR D 395 8.97 31.82 -31.53
N SER D 396 8.31 32.35 -30.52
CA SER D 396 7.99 31.54 -29.34
C SER D 396 6.88 32.15 -28.52
N TRP D 397 6.13 31.27 -27.80
CA TRP D 397 5.21 31.68 -26.73
C TRP D 397 5.91 31.95 -25.41
N ILE D 398 7.23 31.74 -25.37
CA ILE D 398 7.98 31.94 -24.14
C ILE D 398 8.59 33.34 -24.10
N LYS D 399 8.33 34.11 -23.04
CA LYS D 399 9.03 35.41 -22.88
C LYS D 399 10.48 35.17 -22.56
N ALA D 400 11.33 36.22 -22.74
CA ALA D 400 12.79 36.11 -22.50
C ALA D 400 13.18 36.81 -21.21
N PRO D 401 13.36 36.08 -20.10
CA PRO D 401 13.78 36.73 -18.88
C PRO D 401 15.29 36.91 -18.90
N ARG D 402 15.74 38.00 -18.29
CA ARG D 402 17.15 38.25 -18.10
C ARG D 402 17.33 38.77 -16.67
N TRP D 403 18.56 38.66 -16.15
CA TRP D 403 18.89 39.16 -14.84
C TRP D 403 19.98 40.21 -14.99
N ARG D 404 19.65 41.47 -14.69
CA ARG D 404 20.55 42.60 -14.99
C ARG D 404 21.02 42.61 -16.45
N GLY D 405 20.12 42.16 -17.32
CA GLY D 405 20.42 42.08 -18.74
C GLY D 405 21.18 40.85 -19.22
N ASN D 406 21.53 39.95 -18.29
CA ASN D 406 22.27 38.75 -18.57
C ASN D 406 21.35 37.56 -18.78
N ALA D 407 21.67 36.71 -19.74
CA ALA D 407 20.97 35.44 -19.95
C ALA D 407 21.58 34.39 -19.00
N MET D 408 20.68 33.73 -18.23
CA MET D 408 21.03 32.85 -17.14
C MET D 408 20.53 31.43 -17.35
N GLU D 409 21.25 30.47 -16.79
CA GLU D 409 20.74 29.12 -16.61
C GLU D 409 20.25 28.93 -15.17
N VAL D 410 19.12 28.23 -15.05
CA VAL D 410 18.54 27.90 -13.76
C VAL D 410 18.40 26.40 -13.66
N GLY D 411 18.15 25.88 -12.44
CA GLY D 411 17.91 24.43 -12.24
C GLY D 411 18.93 23.77 -11.37
N PRO D 412 18.89 22.44 -11.32
CA PRO D 412 19.78 21.71 -10.37
C PRO D 412 21.28 22.01 -10.52
N LEU D 413 21.77 22.10 -11.74
CA LEU D 413 23.19 22.46 -11.94
C LEU D 413 23.47 23.89 -11.43
N ALA D 414 22.63 24.83 -11.82
CA ALA D 414 22.78 26.20 -11.35
C ALA D 414 22.82 26.26 -9.82
N ARG D 415 21.87 25.60 -9.15
CA ARG D 415 21.79 25.62 -7.70
C ARG D 415 23.02 24.99 -7.09
N THR D 416 23.49 23.90 -7.69
CA THR D 416 24.65 23.21 -7.18
C THR D 416 25.87 24.12 -7.26
N LEU D 417 26.05 24.81 -8.38
CA LEU D 417 27.17 25.78 -8.54
C LEU D 417 27.10 26.89 -7.54
N ILE D 418 25.91 27.45 -7.34
CA ILE D 418 25.76 28.57 -6.40
C ILE D 418 26.07 28.07 -5.00
N ALA D 419 25.50 26.93 -4.59
CA ALA D 419 25.76 26.44 -3.23
C ALA D 419 27.23 26.09 -3.03
N TYR D 420 27.84 25.47 -4.02
CA TYR D 420 29.23 25.09 -3.95
C TYR D 420 30.10 26.34 -3.73
N HIS D 421 29.82 27.37 -4.53
CA HIS D 421 30.67 28.57 -4.49
C HIS D 421 30.35 29.53 -3.34
N LYS D 422 29.21 29.36 -2.70
CA LYS D 422 28.94 30.03 -1.44
C LYS D 422 29.54 29.28 -0.26
N GLY D 423 30.06 28.09 -0.50
CA GLY D 423 30.76 27.32 0.51
C GLY D 423 29.86 26.46 1.36
N ASP D 424 28.66 26.11 0.88
CA ASP D 424 27.80 25.14 1.60
C ASP D 424 28.55 23.81 1.80
N ALA D 425 28.87 23.46 3.04
CA ALA D 425 29.72 22.28 3.34
C ALA D 425 29.21 20.99 2.71
N ALA D 426 27.93 20.70 2.91
CA ALA D 426 27.37 19.46 2.38
C ALA D 426 27.44 19.42 0.85
N THR D 427 27.22 20.56 0.19
CA THR D 427 27.28 20.59 -1.26
C THR D 427 28.72 20.40 -1.75
N VAL D 428 29.66 21.07 -1.13
CA VAL D 428 31.07 20.90 -1.51
C VAL D 428 31.50 19.45 -1.35
N GLU D 429 31.18 18.83 -0.22
CA GLU D 429 31.53 17.43 -0.03
CA GLU D 429 31.49 17.42 0.03
C GLU D 429 30.88 16.50 -1.04
N SER D 430 29.59 16.68 -1.30
CA SER D 430 28.84 15.84 -2.22
C SER D 430 29.40 15.93 -3.63
N VAL D 431 29.63 17.16 -4.11
CA VAL D 431 30.12 17.39 -5.45
C VAL D 431 31.53 16.83 -5.61
N ASP D 432 32.39 17.11 -4.63
CA ASP D 432 33.78 16.66 -4.68
C ASP D 432 33.82 15.13 -4.74
N ARG D 433 33.00 14.47 -3.95
CA ARG D 433 33.07 13.03 -3.92
CA ARG D 433 32.96 13.01 -3.87
C ARG D 433 32.51 12.44 -5.21
N MET D 434 31.51 13.08 -5.79
CA MET D 434 30.96 12.58 -7.02
C MET D 434 31.94 12.67 -8.17
N MET D 435 32.57 13.82 -8.28
CA MET D 435 33.51 14.06 -9.36
C MET D 435 34.74 13.20 -9.18
N SER D 436 35.15 12.98 -7.92
CA SER D 436 36.29 12.09 -7.69
CA SER D 436 36.28 12.07 -7.63
C SER D 436 35.97 10.65 -8.10
N ALA D 437 34.76 10.18 -7.84
CA ALA D 437 34.36 8.84 -8.24
C ALA D 437 34.43 8.62 -9.75
N LEU D 438 34.18 9.67 -10.52
CA LEU D 438 34.24 9.64 -11.97
C LEU D 438 35.61 9.96 -12.54
N ASN D 439 36.57 10.34 -11.68
CA ASN D 439 37.86 10.88 -12.13
C ASN D 439 37.71 12.01 -13.12
N LEU D 440 36.81 12.93 -12.81
CA LEU D 440 36.60 14.09 -13.63
C LEU D 440 36.90 15.36 -12.82
N PRO D 441 37.35 16.40 -13.51
CA PRO D 441 37.57 17.69 -12.87
C PRO D 441 36.20 18.31 -12.49
N LEU D 442 36.21 19.23 -11.54
CA LEU D 442 35.00 19.96 -11.15
C LEU D 442 34.28 20.62 -12.36
N SER D 443 35.01 21.14 -13.34
CA SER D 443 34.43 21.69 -14.58
C SER D 443 33.57 20.69 -15.36
N GLY D 444 33.82 19.40 -15.18
CA GLY D 444 32.97 18.37 -15.79
C GLY D 444 31.51 18.42 -15.39
N ILE D 445 31.17 19.10 -14.30
CA ILE D 445 29.78 19.22 -13.89
C ILE D 445 29.04 20.23 -14.76
N GLN D 446 29.78 21.13 -15.41
CA GLN D 446 29.20 22.15 -16.26
C GLN D 446 29.02 21.60 -17.64
N SER D 447 27.98 20.79 -17.79
CA SER D 447 27.81 19.96 -18.97
C SER D 447 26.43 19.27 -18.93
N THR D 448 26.07 18.64 -20.04
CA THR D 448 24.84 17.81 -20.07
C THR D 448 24.91 16.69 -19.03
N LEU D 449 26.04 15.99 -18.97
CA LEU D 449 26.19 14.92 -17.96
C LEU D 449 26.04 15.49 -16.56
N GLY D 450 26.66 16.62 -16.32
CA GLY D 450 26.58 17.23 -15.01
C GLY D 450 25.20 17.64 -14.58
N ARG D 451 24.33 18.07 -15.50
CA ARG D 451 22.97 18.39 -15.17
C ARG D 451 22.24 17.18 -14.60
N ILE D 452 22.48 16.04 -15.20
CA ILE D 452 21.85 14.79 -14.76
C ILE D 452 22.39 14.37 -13.40
N LEU D 453 23.69 14.46 -13.23
CA LEU D 453 24.28 14.13 -11.95
C LEU D 453 23.80 15.03 -10.82
N CYS D 454 23.72 16.33 -11.09
CA CYS D 454 23.23 17.27 -10.08
C CYS D 454 21.77 16.99 -9.70
N ARG D 455 20.94 16.64 -10.68
CA ARG D 455 19.56 16.35 -10.41
C ARG D 455 19.44 15.13 -9.49
N ALA D 456 20.22 14.09 -9.73
CA ALA D 456 20.17 12.92 -8.86
C ALA D 456 20.65 13.28 -7.46
N HIS D 457 21.73 14.06 -7.37
CA HIS D 457 22.17 14.52 -6.06
C HIS D 457 21.13 15.30 -5.29
N GLU D 458 20.36 16.14 -6.02
CA GLU D 458 19.34 16.93 -5.38
C GLU D 458 18.19 16.05 -4.85
N ALA D 459 17.85 15.00 -5.58
CA ALA D 459 16.87 14.07 -5.06
C ALA D 459 17.33 13.44 -3.72
N GLN D 460 18.61 13.08 -3.63
CA GLN D 460 19.15 12.57 -2.38
C GLN D 460 19.11 13.63 -1.29
N TRP D 461 19.48 14.85 -1.64
CA TRP D 461 19.41 15.97 -0.70
C TRP D 461 17.99 16.17 -0.17
N ALA D 462 17.01 16.19 -1.06
CA ALA D 462 15.63 16.44 -0.69
C ALA D 462 15.08 15.31 0.16
N ALA D 463 15.45 14.06 -0.15
CA ALA D 463 14.96 12.96 0.66
C ALA D 463 15.51 13.05 2.10
N GLY D 464 16.75 13.47 2.26
CA GLY D 464 17.26 13.73 3.59
C GLY D 464 16.55 14.86 4.30
N LYS D 465 16.27 15.95 3.58
CA LYS D 465 15.58 17.06 4.13
C LYS D 465 14.16 16.68 4.57
N LEU D 466 13.51 15.75 3.85
CA LEU D 466 12.19 15.31 4.29
C LEU D 466 12.22 14.82 5.73
N GLN D 467 13.23 14.03 6.09
CA GLN D 467 13.34 13.55 7.46
C GLN D 467 13.59 14.69 8.44
N TYR D 468 14.45 15.64 8.07
CA TYR D 468 14.71 16.80 8.91
C TYR D 468 13.45 17.59 9.20
N PHE D 469 12.66 17.84 8.14
CA PHE D 469 11.43 18.60 8.35
C PHE D 469 10.41 17.81 9.18
N PHE D 470 10.29 16.50 8.92
CA PHE D 470 9.39 15.69 9.67
C PHE D 470 9.73 15.72 11.16
N ASP D 471 11.01 15.61 11.44
CA ASP D 471 11.48 15.65 12.83
C ASP D 471 11.20 17.03 13.50
N LYS D 472 11.34 18.12 12.72
CA LYS D 472 11.02 19.45 13.24
C LYS D 472 9.51 19.57 13.59
N LEU D 473 8.64 19.01 12.71
CA LEU D 473 7.21 18.96 12.97
C LEU D 473 6.94 18.18 14.26
N MET D 474 7.54 17.00 14.38
CA MET D 474 7.28 16.17 15.58
C MET D 474 7.76 16.86 16.85
N THR D 475 8.90 17.56 16.76
CA THR D 475 9.38 18.37 17.91
C THR D 475 8.37 19.43 18.36
N ASN D 476 7.79 20.17 17.40
CA ASN D 476 6.74 21.09 17.72
C ASN D 476 5.55 20.43 18.41
N LEU D 477 5.13 19.28 17.88
CA LEU D 477 3.96 18.61 18.42
C LEU D 477 4.24 18.13 19.86
N LYS D 478 5.46 17.66 20.13
CA LYS D 478 5.86 17.23 21.47
C LYS D 478 5.80 18.43 22.45
N ASN D 479 6.03 19.64 21.95
CA ASN D 479 6.02 20.86 22.76
C ASN D 479 4.60 21.53 22.81
N GLY D 480 3.60 20.88 22.25
CA GLY D 480 2.25 21.38 22.28
C GLY D 480 1.94 22.47 21.28
N ASN D 481 2.78 22.60 20.25
CA ASN D 481 2.63 23.62 19.22
C ASN D 481 1.95 22.96 18.04
N LEU D 482 0.63 23.15 17.92
CA LEU D 482 -0.17 22.46 16.90
C LEU D 482 -0.62 23.33 15.75
N ALA D 483 -0.48 24.65 15.86
CA ALA D 483 -1.14 25.58 14.93
C ALA D 483 -0.68 25.38 13.47
N THR D 484 -1.65 25.37 12.54
CA THR D 484 -1.37 25.23 11.10
C THR D 484 -1.92 26.39 10.27
N ALA D 485 -2.68 27.32 10.83
CA ALA D 485 -3.16 28.49 10.02
C ALA D 485 -3.23 29.73 10.89
N SER D 486 -2.94 30.86 10.23
CA SER D 486 -3.15 32.21 10.78
CA SER D 486 -3.14 32.18 10.78
C SER D 486 -4.31 32.78 9.99
N THR D 487 -5.36 33.20 10.67
CA THR D 487 -6.55 33.68 10.04
C THR D 487 -6.94 35.10 10.38
N GLU D 488 -6.08 35.84 11.09
CA GLU D 488 -6.48 37.20 11.45
CA GLU D 488 -6.36 37.24 11.45
C GLU D 488 -6.58 38.15 10.24
N LYS D 489 -5.96 37.82 9.11
CA LYS D 489 -6.11 38.60 7.86
C LYS D 489 -6.72 37.73 6.73
N TRP D 490 -7.56 36.78 7.09
CA TRP D 490 -8.24 35.98 6.08
C TRP D 490 -9.31 36.79 5.35
N GLU D 491 -10.03 37.65 6.07
CA GLU D 491 -11.12 38.38 5.43
C GLU D 491 -10.61 39.59 4.63
N PRO D 492 -11.16 39.80 3.42
CA PRO D 492 -10.68 40.90 2.57
C PRO D 492 -10.73 42.27 3.22
N ALA D 493 -11.67 42.52 4.11
CA ALA D 493 -11.74 43.85 4.73
C ALA D 493 -10.51 44.18 5.58
N THR D 494 -9.75 43.16 6.01
CA THR D 494 -8.54 43.36 6.76
C THR D 494 -7.32 43.68 5.93
N TRP D 495 -7.44 43.58 4.60
CA TRP D 495 -6.26 43.74 3.77
C TRP D 495 -5.96 45.21 3.44
N PRO D 496 -4.71 45.52 3.11
CA PRO D 496 -4.46 46.87 2.54
C PRO D 496 -5.33 47.07 1.28
N THR D 497 -5.79 48.28 1.06
CA THR D 497 -6.54 48.61 -0.15
C THR D 497 -5.73 48.40 -1.42
N GLU D 498 -4.43 48.68 -1.34
CA GLU D 498 -3.50 48.43 -2.41
C GLU D 498 -2.18 47.88 -1.85
N CYS D 499 -1.75 46.73 -2.36
CA CYS D 499 -0.52 46.12 -1.92
C CYS D 499 0.02 45.21 -3.00
N ARG D 500 1.30 44.88 -2.87
CA ARG D 500 1.91 43.97 -3.79
CA ARG D 500 1.95 43.99 -3.81
C ARG D 500 2.92 43.09 -3.08
N GLY D 501 3.15 41.94 -3.66
CA GLY D 501 4.05 40.97 -3.06
C GLY D 501 4.72 40.07 -4.03
N VAL D 502 5.80 39.45 -3.59
CA VAL D 502 6.55 38.48 -4.38
CA VAL D 502 6.46 38.46 -4.41
C VAL D 502 6.59 37.16 -3.64
N GLY D 503 6.35 36.08 -4.34
CA GLY D 503 6.51 34.73 -3.79
C GLY D 503 7.55 34.05 -4.64
N PHE D 504 8.56 33.44 -4.04
CA PHE D 504 9.61 32.77 -4.79
C PHE D 504 10.02 31.47 -4.15
N THR D 505 10.53 30.59 -4.99
CA THR D 505 11.04 29.32 -4.52
C THR D 505 11.94 28.72 -5.56
N GLU D 506 12.44 27.50 -5.28
CA GLU D 506 13.19 26.73 -6.24
C GLU D 506 12.33 25.52 -6.57
N ALA D 507 11.76 25.53 -7.76
CA ALA D 507 11.06 24.39 -8.28
C ALA D 507 12.06 23.35 -8.70
N PRO D 508 11.58 22.11 -8.97
CA PRO D 508 12.51 21.11 -9.48
C PRO D 508 13.42 21.60 -10.62
N ARG D 509 12.87 22.41 -11.51
CA ARG D 509 13.58 22.87 -12.70
C ARG D 509 14.32 24.21 -12.52
N GLY D 510 14.17 24.87 -11.37
CA GLY D 510 14.88 26.14 -11.15
C GLY D 510 14.06 27.23 -10.48
N ALA D 511 14.57 28.43 -10.62
CA ALA D 511 14.06 29.61 -9.91
C ALA D 511 12.67 30.00 -10.39
N LEU D 512 11.73 30.07 -9.47
CA LEU D 512 10.33 30.43 -9.73
C LEU D 512 9.96 31.68 -8.95
N GLY D 513 9.31 32.60 -9.62
CA GLY D 513 8.71 33.74 -8.97
C GLY D 513 7.31 34.07 -9.44
N HIS D 514 6.45 34.46 -8.49
CA HIS D 514 5.12 35.02 -8.76
C HIS D 514 5.08 36.41 -8.15
N TRP D 515 4.70 37.36 -8.98
CA TRP D 515 4.55 38.76 -8.56
C TRP D 515 3.08 39.12 -8.61
N ALA D 516 2.52 39.58 -7.50
CA ALA D 516 1.10 39.84 -7.43
C ALA D 516 0.83 41.24 -6.91
N ALA D 517 -0.18 41.90 -7.45
CA ALA D 517 -0.67 43.16 -6.95
C ALA D 517 -2.15 43.00 -6.67
N ILE D 518 -2.56 43.43 -5.48
CA ILE D 518 -3.92 43.38 -5.04
C ILE D 518 -4.43 44.82 -4.92
N ARG D 519 -5.66 45.05 -5.35
CA ARG D 519 -6.29 46.35 -5.19
C ARG D 519 -7.77 46.09 -4.95
N ASP D 520 -8.31 46.70 -3.91
CA ASP D 520 -9.75 46.64 -3.62
C ASP D 520 -10.22 45.17 -3.57
N GLY D 521 -9.42 44.35 -2.90
CA GLY D 521 -9.75 42.94 -2.64
C GLY D 521 -9.61 41.97 -3.80
N LYS D 522 -9.07 42.45 -4.93
CA LYS D 522 -9.01 41.59 -6.10
C LYS D 522 -7.60 41.64 -6.68
N ILE D 523 -7.28 40.61 -7.46
CA ILE D 523 -6.01 40.59 -8.17
CA ILE D 523 -6.02 40.57 -8.19
C ILE D 523 -6.04 41.64 -9.29
N ASP D 524 -5.08 42.57 -9.22
CA ASP D 524 -4.91 43.64 -10.20
C ASP D 524 -3.86 43.24 -11.25
N LEU D 525 -2.85 42.49 -10.82
CA LEU D 525 -1.78 41.99 -11.68
C LEU D 525 -1.25 40.71 -11.08
N TYR D 526 -0.93 39.76 -11.92
CA TYR D 526 -0.33 38.51 -11.44
C TYR D 526 0.60 38.06 -12.58
N GLN D 527 1.89 38.13 -12.35
CA GLN D 527 2.89 37.79 -13.34
C GLN D 527 3.77 36.68 -12.81
N CYS D 528 4.00 35.69 -13.64
CA CYS D 528 4.86 34.56 -13.32
C CYS D 528 6.08 34.51 -14.20
N VAL D 529 7.24 34.23 -13.62
CA VAL D 529 8.46 33.94 -14.36
C VAL D 529 8.93 32.59 -13.84
N VAL D 530 8.96 31.59 -14.73
CA VAL D 530 9.06 30.23 -14.31
C VAL D 530 10.39 29.62 -14.79
N PRO D 531 10.90 28.54 -14.16
CA PRO D 531 12.24 28.14 -14.54
C PRO D 531 12.48 27.80 -15.99
N THR D 532 11.56 27.10 -16.60
CA THR D 532 11.74 26.80 -18.03
C THR D 532 11.57 28.09 -18.87
N THR D 533 10.90 29.11 -18.38
CA THR D 533 10.89 30.41 -19.11
C THR D 533 12.31 30.94 -19.25
N TRP D 534 13.11 30.87 -18.18
CA TRP D 534 14.52 31.17 -18.25
C TRP D 534 15.24 30.27 -19.23
N ASN D 535 15.19 28.96 -19.02
CA ASN D 535 16.09 28.09 -19.76
C ASN D 535 15.75 28.03 -21.25
N ALA D 536 14.46 27.98 -21.57
CA ALA D 536 14.00 27.84 -22.94
C ALA D 536 13.80 29.17 -23.63
N SER D 537 14.23 30.24 -22.98
CA SER D 537 14.06 31.62 -23.49
C SER D 537 14.46 31.79 -24.94
N PRO D 538 13.68 32.60 -25.69
CA PRO D 538 14.17 33.07 -26.98
C PRO D 538 15.15 34.22 -26.75
N ARG D 539 15.62 34.79 -27.87
CA ARG D 539 16.60 35.83 -27.85
C ARG D 539 16.02 37.17 -27.38
N ASP D 540 16.94 38.06 -27.03
CA ASP D 540 16.60 39.43 -26.59
C ASP D 540 17.05 40.47 -27.64
N PRO D 541 16.85 41.77 -27.36
CA PRO D 541 17.22 42.78 -28.39
C PRO D 541 18.69 42.81 -28.76
N LYS D 542 19.57 42.41 -27.85
CA LYS D 542 20.99 42.29 -28.14
C LYS D 542 21.38 41.00 -28.85
N GLY D 543 20.43 40.11 -29.12
CA GLY D 543 20.68 38.86 -29.79
C GLY D 543 21.19 37.80 -28.79
N GLN D 544 21.23 38.09 -27.47
CA GLN D 544 21.69 37.10 -26.52
C GLN D 544 20.79 35.89 -26.49
N ILE D 545 21.42 34.72 -26.49
CA ILE D 545 20.74 33.45 -26.49
C ILE D 545 20.55 32.91 -25.07
N GLY D 546 19.48 32.17 -24.91
CA GLY D 546 19.20 31.46 -23.66
C GLY D 546 19.88 30.14 -23.45
N ALA D 547 19.59 29.52 -22.32
CA ALA D 547 20.37 28.40 -21.88
C ALA D 547 20.25 27.19 -22.84
N TYR D 548 19.05 26.87 -23.32
CA TYR D 548 18.92 25.72 -24.24
C TYR D 548 19.69 25.99 -25.55
N GLU D 549 19.47 27.17 -26.12
CA GLU D 549 20.11 27.48 -27.41
C GLU D 549 21.63 27.44 -27.22
N ALA D 550 22.14 27.99 -26.14
CA ALA D 550 23.58 27.95 -25.89
C ALA D 550 24.12 26.53 -25.70
N ALA D 551 23.42 25.71 -24.92
CA ALA D 551 23.86 24.34 -24.66
C ALA D 551 23.90 23.49 -25.94
N LEU D 552 23.00 23.78 -26.88
CA LEU D 552 22.98 23.03 -28.14
C LEU D 552 24.10 23.51 -29.08
N MET D 553 24.51 24.78 -28.97
CA MET D 553 25.55 25.26 -29.87
C MET D 553 26.80 24.36 -29.81
N ASN D 554 27.42 24.18 -30.98
CA ASN D 554 28.69 23.47 -31.11
C ASN D 554 28.60 21.97 -30.91
N THR D 555 27.41 21.41 -30.88
CA THR D 555 27.23 19.97 -30.65
C THR D 555 27.36 19.23 -31.96
N LYS D 556 28.12 18.13 -31.91
CA LYS D 556 28.31 17.22 -33.03
C LYS D 556 27.14 16.23 -33.05
N MET D 557 26.60 16.00 -34.23
CA MET D 557 25.57 14.97 -34.46
C MET D 557 26.13 13.83 -35.31
N ALA D 558 25.99 12.60 -34.84
CA ALA D 558 26.46 11.46 -35.67
C ALA D 558 25.59 11.24 -36.93
N ILE D 559 24.26 11.39 -36.77
CA ILE D 559 23.29 11.10 -37.81
C ILE D 559 22.30 12.29 -37.81
N PRO D 560 22.45 13.24 -38.74
CA PRO D 560 21.60 14.45 -38.68
C PRO D 560 20.09 14.22 -38.57
N GLU D 561 19.56 13.17 -39.21
CA GLU D 561 18.14 12.91 -39.23
C GLU D 561 17.60 12.35 -37.88
N GLN D 562 18.52 11.93 -36.98
CA GLN D 562 18.21 11.31 -35.70
C GLN D 562 18.69 12.16 -34.56
N PRO D 563 17.81 12.92 -33.93
CA PRO D 563 18.25 14.03 -33.03
C PRO D 563 18.67 13.57 -31.64
N LEU D 564 19.37 12.42 -31.52
CA LEU D 564 19.66 11.91 -30.18
C LEU D 564 20.46 12.88 -29.33
N GLU D 565 21.46 13.53 -29.93
CA GLU D 565 22.32 14.43 -29.14
C GLU D 565 21.52 15.67 -28.69
N ILE D 566 20.65 16.16 -29.56
CA ILE D 566 19.77 17.29 -29.24
C ILE D 566 18.87 16.88 -28.05
N LEU D 567 18.22 15.73 -28.17
CA LEU D 567 17.35 15.24 -27.10
C LEU D 567 18.10 15.10 -25.78
N ARG D 568 19.30 14.53 -25.83
CA ARG D 568 20.09 14.36 -24.59
C ARG D 568 20.29 15.68 -23.88
N THR D 569 20.73 16.69 -24.63
CA THR D 569 20.99 17.96 -23.99
C THR D 569 19.72 18.66 -23.54
N LEU D 570 18.70 18.67 -24.37
CA LEU D 570 17.43 19.33 -23.97
C LEU D 570 16.85 18.61 -22.74
N HIS D 571 16.79 17.28 -22.77
CA HIS D 571 16.22 16.54 -21.63
C HIS D 571 17.02 16.74 -20.34
N SER D 572 18.32 17.04 -20.45
CA SER D 572 19.13 17.27 -19.27
C SER D 572 18.66 18.48 -18.45
N PHE D 573 17.98 19.43 -19.09
CA PHE D 573 17.40 20.56 -18.42
C PHE D 573 16.00 20.28 -17.84
N ASP D 574 15.41 19.16 -18.19
CA ASP D 574 14.06 18.77 -17.74
C ASP D 574 13.01 19.84 -18.18
N PRO D 575 12.84 20.03 -19.51
CA PRO D 575 11.92 21.10 -19.95
C PRO D 575 10.47 20.89 -19.52
N CYS D 576 9.85 21.95 -19.03
CA CYS D 576 8.45 21.94 -18.70
C CYS D 576 7.80 23.12 -19.43
N LEU D 577 7.14 22.79 -20.51
CA LEU D 577 6.71 23.82 -21.41
C LEU D 577 5.44 24.52 -20.97
N ALA D 578 4.54 23.79 -20.28
CA ALA D 578 3.36 24.43 -19.73
C ALA D 578 3.77 25.45 -18.67
N CYS D 579 4.77 25.08 -17.88
CA CYS D 579 5.38 26.05 -16.97
C CYS D 579 5.92 27.25 -17.67
N SER D 580 6.66 26.99 -18.75
CA SER D 580 7.38 28.10 -19.36
C SER D 580 6.48 29.21 -19.90
N THR D 581 5.29 28.81 -20.37
CA THR D 581 4.39 29.68 -21.04
C THR D 581 3.18 30.15 -20.21
N HIS D 582 2.68 29.23 -19.35
CA HIS D 582 1.59 29.52 -18.44
C HIS D 582 0.45 30.30 -19.13
FE1 SF4 E . -25.99 4.14 8.37
FE2 SF4 E . -24.51 2.58 10.07
FE3 SF4 E . -24.91 5.24 10.60
FE4 SF4 E . -23.28 4.51 8.56
S1 SF4 E . -22.94 4.10 10.82
S2 SF4 E . -24.87 6.15 8.48
S3 SF4 E . -24.37 2.64 7.75
S4 SF4 E . -26.49 3.60 10.59
FE1 F3S F . -15.56 -1.08 13.54
FE3 F3S F . -16.18 -3.27 14.98
FE4 F3S F . -18.14 -1.70 14.00
S1 F3S F . -14.59 -3.12 13.44
S2 F3S F . -17.28 -0.85 12.14
S3 F3S F . -16.54 -1.08 15.59
S4 F3S F . -18.15 -4.02 14.11
FE1 SF3 G . -10.58 -11.13 22.06
FE3 SF3 G . -12.83 -10.21 20.75
FE4 SF3 G . -10.12 -12.33 19.75
FE7 SF3 G . -8.91 -9.86 20.20
S1 SF3 G . -10.89 -9.02 21.29
S2 SF3 G . -8.51 -11.84 21.32
S3 SF3 G . -12.12 -12.40 20.89
C1' LMT H . 4.06 6.93 31.71
O1' LMT H . 4.97 6.69 30.62
C1 LMT H . 4.77 5.53 29.80
C2 LMT H . 4.97 5.86 28.31
C3 LMT H . 5.96 4.95 27.52
C4 LMT H . 5.36 3.67 26.88
C5 LMT H . 6.01 3.31 25.54
C6 LMT H . 5.79 1.88 25.02
C7 LMT H . 4.36 1.37 25.00
C8 LMT H . 4.25 -0.01 24.34
C9 LMT H . 2.81 -0.52 24.32
C10 LMT H . 2.63 -2.03 24.13
C11 LMT H . 3.41 -2.54 22.95
C12 LMT H . 2.97 -3.87 22.40
H1' LMT H . 3.32 7.45 31.65
H12 LMT H . 3.74 5.17 29.92
H11 LMT H . 5.45 4.75 30.10
H22 LMT H . 5.34 6.89 28.23
H21 LMT H . 4.00 5.83 27.81
H32 LMT H . 6.77 4.66 28.18
H31 LMT H . 6.40 5.56 26.73
H42 LMT H . 4.29 3.76 26.77
H41 LMT H . 5.56 2.86 27.57
H52 LMT H . 7.09 3.48 25.62
H51 LMT H . 5.65 4.00 24.79
H62 LMT H . 6.36 1.20 25.64
H61 LMT H . 6.19 1.82 24.01
H72 LMT H . 3.78 2.07 24.40
H71 LMT H . 3.92 1.35 26.00
H82 LMT H . 4.87 -0.72 24.91
H81 LMT H . 4.65 0.03 23.33
H92 LMT H . 2.28 0.01 23.53
H91 LMT H . 2.34 -0.24 25.26
H102 LMT H . 1.57 -2.24 23.98
H101 LMT H . 2.96 -2.55 25.03
H112 LMT H . 4.47 -2.62 23.23
H111 LMT H . 3.38 -1.81 22.15
H123 LMT H . 3.72 -4.26 21.76
H122 LMT H . 2.82 -4.55 23.21
H121 LMT H . 2.07 -3.76 21.86
CL CL I . -17.94 -7.26 25.89
CL CL J . 1.00 -15.29 28.93
CL CL K . -4.88 -0.98 9.53
FE EJ2 L . -8.58 -23.47 13.53
NI EJ2 L . -7.52 -21.53 14.85
C1 EJ2 L . -7.94 -25.09 14.20
N1 EJ2 L . -7.53 -26.08 14.65
C2 EJ2 L . -7.70 -23.77 11.91
N2 EJ2 L . -7.07 -23.98 10.96
C3 EJ2 L . -10.01 -24.14 12.81
O3 EJ2 L . -10.94 -24.63 12.32
H EJ2 L . -7.01 -22.87 14.14
MG MG M . -16.73 -29.07 20.63
S SO4 N . -28.55 -10.17 -10.81
O1 SO4 N . -29.70 -10.47 -11.67
O2 SO4 N . -28.00 -8.85 -11.16
O3 SO4 N . -27.55 -11.16 -11.12
O4 SO4 N . -28.96 -10.22 -9.39
FE1 SF4 O . -19.67 19.03 4.33
FE2 SF4 O . -18.48 19.22 1.86
FE3 SF4 O . -20.90 17.99 2.13
FE4 SF4 O . -18.68 16.79 3.08
S1 SF4 O . -19.15 17.27 0.86
S2 SF4 O . -20.67 16.99 4.21
S3 SF4 O . -17.46 18.58 3.88
S4 SF4 O . -20.43 20.22 2.47
FE1 F3S P . -12.69 15.42 -5.75
FE3 F3S P . -11.97 17.56 -7.21
FE4 F3S P . -13.72 17.87 -5.19
S1 F3S P . -10.64 15.94 -6.50
S2 F3S P . -13.13 16.29 -3.73
S3 F3S P . -14.06 16.64 -7.12
S4 F3S P . -12.01 19.30 -5.80
FE1 SF3 Q . -6.19 19.74 -17.47
FE3 SF3 Q . -7.47 20.56 -15.17
FE4 SF3 Q . -4.11 19.61 -15.89
FE7 SF3 Q . -5.55 17.26 -16.29
S1 SF3 Q . -7.63 18.48 -16.22
S2 SF3 Q . -4.33 18.42 -17.85
S3 SF3 Q . -5.52 21.40 -16.05
C1' LMT R . -16.67 -1.43 -28.72
O1' LMT R . -15.83 -0.73 -27.79
C1 LMT R . -14.54 -1.30 -27.55
C2 LMT R . -14.05 -0.96 -26.15
C3 LMT R . -12.69 -1.59 -25.79
C4 LMT R . -11.63 -0.52 -25.44
C5 LMT R . -10.45 -1.10 -24.65
C6 LMT R . -9.26 -0.18 -24.37
C7 LMT R . -9.55 1.17 -23.75
C8 LMT R . -8.30 2.02 -23.53
C9 LMT R . -8.55 3.39 -23.01
C10 LMT R . -7.33 4.33 -22.93
C11 LMT R . -6.08 3.68 -22.36
C12 LMT R . -5.06 4.68 -21.83
H1' LMT R . -17.77 -1.04 -28.44
H12 LMT R . -13.83 -0.93 -28.29
H11 LMT R . -14.59 -2.39 -27.66
H22 LMT R . -14.79 -1.30 -25.43
H21 LMT R . -13.99 0.12 -26.07
H32 LMT R . -12.34 -2.19 -26.63
H31 LMT R . -12.82 -2.26 -24.94
H42 LMT R . -12.08 0.29 -24.87
H41 LMT R . -11.26 -0.08 -26.36
H52 LMT R . -10.09 -1.99 -25.17
H51 LMT R . -10.83 -1.44 -23.69
H62 LMT R . -8.73 0.00 -25.31
H61 LMT R . -8.55 -0.71 -23.72
H72 LMT R . -10.02 0.99 -22.78
H71 LMT R . -10.26 1.72 -24.37
H82 LMT R . -7.76 2.09 -24.49
H81 LMT R . -7.65 1.48 -22.84
H92 LMT R . -8.98 3.31 -22.01
H91 LMT R . -9.32 3.87 -23.63
H102 LMT R . -7.59 5.20 -22.32
H101 LMT R . -7.11 4.71 -23.94
H112 LMT R . -5.60 3.08 -23.14
H111 LMT R . -6.35 2.99 -21.57
H123 LMT R . -4.15 4.17 -21.60
H122 LMT R . -4.88 5.42 -22.55
H121 LMT R . -5.43 5.12 -20.93
CL CL S . -14.42 23.77 -16.92
CL CL T . -0.19 15.07 -29.33
CL CL U . -5.75 6.39 -6.72
FE EJ2 V . 7.74 23.91 -13.36
NI EJ2 V . 6.24 22.22 -14.57
C1 EJ2 V . 9.01 24.61 -14.60
N1 EJ2 V . 9.77 24.99 -15.39
C2 EJ2 V . 9.11 23.05 -12.40
N2 EJ2 V . 9.98 22.52 -11.90
C3 EJ2 V . 7.84 25.25 -12.29
O3 EJ2 V . 7.93 26.18 -11.56
H EJ2 V . 7.81 22.52 -14.48
MG MG W . 4.99 35.13 -17.26
#